data_9NTG
#
_entry.id   9NTG
#
_cell.length_a   76.128
_cell.length_b   81.983
_cell.length_c   212.016
_cell.angle_alpha   90.000
_cell.angle_beta   92.265
_cell.angle_gamma   90.000
#
_symmetry.space_group_name_H-M   'P 1 21 1'
#
loop_
_entity.id
_entity.type
_entity.pdbx_description
1 polymer 'Helix pomatia AMP deaminase'
2 branched 2-acetamido-2-deoxy-beta-D-glucopyranose-(1-4)-2-acetamido-2-deoxy-beta-D-glucopyranose
3 non-polymer 2-acetamido-2-deoxy-beta-D-glucopyranose
4 non-polymer 'ZINC ION'
5 non-polymer 1,2-ETHANEDIOL
6 non-polymer 2-[BIS-(2-HYDROXY-ETHYL)-AMINO]-2-HYDROXYMETHYL-PROPANE-1,3-DIOL
7 non-polymer "2'-DEOXYCOFORMYCIN"
8 water water
#
_entity_poly.entity_id   1
_entity_poly.type   'polypeptide(L)'
_entity_poly.pdbx_seq_one_letter_code
;MSQVGAVTMVSIICVVVLGAVGGPVAGLAVRFPTMDEYTNAREELIGSEQYLRVGGSINLNNKEKKLNQFILREKRAIIE
NSRLNKTQYIPAVSFFLSKSQMESTPIFKIIKDMPKGAALHLHDTASARIDWIVSNATYRDHVYMCMDQDNFVRLTVSGT
GPPANSGCEWKLVETERANSGDIAAFDHWLKSNISLLTTDPLVTYPSLDKVWGRFDKHFSQLRGIIYHTPIRRDYYRQIL
EEFRSDNVQYVEVRSSLSGYYDLDGTVHDPEYGLQLYKAVTEEFVRTYPDFSGAKIIKSTARVKPNTDIFNDVKLSMDLY
KRYPGFFLGFDLVAQEDPNTSLLGYIDSLLYPSRQNPPVSLPYYFHAGETNWQGTEVDYNLVDALLLNATRIGHGFALIK
HPRVIELVKSRGVAVEVNPVSNQLLGLVKDLRNHAAAPLLAQNVPVVISSDDPGVWEALPMSHDMYVAFMDLVGEDAGLD
VLKQLVWNSIQYSSMNATEKKTALKLLQAKWNNFINDSLIKWKLTNKKVIGHHHHHHHHHH
;
_entity_poly.pdbx_strand_id   A,B,C,D
#
# COMPACT_ATOMS: atom_id res chain seq x y z
N ARG A 31 42.86 -7.54 -51.52
CA ARG A 31 42.15 -8.65 -50.88
C ARG A 31 40.65 -8.56 -51.12
N PHE A 32 40.16 -7.34 -51.34
CA PHE A 32 38.72 -7.08 -51.49
C PHE A 32 38.48 -6.31 -52.76
N PRO A 33 38.61 -6.96 -53.92
CA PRO A 33 38.35 -6.26 -55.19
C PRO A 33 36.92 -5.77 -55.33
N THR A 34 35.96 -6.47 -54.73
CA THR A 34 34.55 -6.08 -54.78
C THR A 34 33.99 -6.08 -53.36
N MET A 35 32.79 -5.51 -53.22
CA MET A 35 32.17 -5.45 -51.91
C MET A 35 31.77 -6.84 -51.42
N ASP A 36 31.57 -7.81 -52.33
CA ASP A 36 31.19 -9.15 -51.89
C ASP A 36 32.29 -9.82 -51.08
N GLU A 37 33.55 -9.71 -51.53
CA GLU A 37 34.65 -10.29 -50.76
C GLU A 37 34.81 -9.60 -49.42
N TYR A 38 34.65 -8.27 -49.39
CA TYR A 38 34.75 -7.56 -48.12
C TYR A 38 33.64 -7.99 -47.17
N THR A 39 32.41 -8.09 -47.68
CA THR A 39 31.30 -8.51 -46.84
C THR A 39 31.52 -9.91 -46.29
N ASN A 40 32.05 -10.82 -47.11
CA ASN A 40 32.23 -12.20 -46.66
C ASN A 40 33.23 -12.28 -45.51
N ALA A 41 34.36 -11.59 -45.60
CA ALA A 41 35.34 -11.60 -44.50
C ALA A 41 34.77 -10.94 -43.25
N ARG A 42 34.04 -9.84 -43.42
CA ARG A 42 33.41 -9.15 -42.30
C ARG A 42 32.43 -10.08 -41.58
N GLU A 43 31.57 -10.75 -42.34
CA GLU A 43 30.57 -11.61 -41.75
C GLU A 43 31.19 -12.87 -41.17
N GLU A 44 32.29 -13.36 -41.76
CA GLU A 44 32.98 -14.50 -41.16
C GLU A 44 33.49 -14.17 -39.78
N LEU A 45 34.11 -13.00 -39.61
CA LEU A 45 34.64 -12.61 -38.29
C LEU A 45 33.52 -12.39 -37.29
N ILE A 46 32.49 -11.63 -37.67
CA ILE A 46 31.36 -11.38 -36.80
C ILE A 46 30.62 -12.68 -36.47
N GLY A 47 30.44 -13.54 -37.48
CA GLY A 47 29.80 -14.82 -37.24
C GLY A 47 30.62 -15.69 -36.29
N SER A 48 31.94 -15.61 -36.39
CA SER A 48 32.78 -16.37 -35.45
C SER A 48 32.53 -15.94 -34.02
N GLU A 49 32.39 -14.63 -33.78
CA GLU A 49 32.13 -14.17 -32.43
C GLU A 49 30.73 -14.54 -31.95
N GLN A 50 29.74 -14.51 -32.86
CA GLN A 50 28.40 -14.90 -32.48
C GLN A 50 28.34 -16.38 -32.12
N TYR A 51 29.10 -17.22 -32.82
CA TYR A 51 29.13 -18.64 -32.48
C TYR A 51 29.86 -18.88 -31.16
N LEU A 52 30.85 -18.05 -30.84
CA LEU A 52 31.66 -18.25 -29.64
C LEU A 52 30.91 -17.89 -28.36
N ARG A 53 30.09 -16.84 -28.43
CA ARG A 53 29.47 -16.29 -27.23
C ARG A 53 28.40 -17.23 -26.65
N VAL A 54 27.95 -16.91 -25.43
CA VAL A 54 26.92 -17.70 -24.77
C VAL A 54 25.75 -17.94 -25.71
N GLY A 55 25.33 -19.20 -25.81
CA GLY A 55 24.19 -19.56 -26.64
C GLY A 55 24.47 -19.61 -28.13
N GLY A 56 25.72 -19.39 -28.56
CA GLY A 56 26.01 -19.31 -29.98
C GLY A 56 25.82 -20.61 -30.75
N SER A 57 25.82 -21.74 -30.06
CA SER A 57 25.65 -23.00 -30.76
C SER A 57 24.20 -23.47 -30.81
N ILE A 58 23.27 -22.74 -30.20
CA ILE A 58 21.88 -23.14 -30.22
C ILE A 58 21.31 -23.00 -31.62
N ASN A 59 20.53 -23.99 -32.05
CA ASN A 59 19.76 -23.90 -33.29
C ASN A 59 18.28 -23.74 -32.92
N LEU A 60 17.72 -22.59 -33.24
CA LEU A 60 16.32 -22.31 -32.93
C LEU A 60 15.39 -22.96 -33.94
N ASN A 61 14.26 -23.46 -33.46
CA ASN A 61 13.26 -24.00 -34.38
C ASN A 61 12.47 -22.85 -35.00
N ASN A 62 11.58 -23.17 -35.93
CA ASN A 62 10.93 -22.13 -36.72
C ASN A 62 10.07 -21.20 -35.86
N LYS A 63 9.34 -21.76 -34.88
CA LYS A 63 8.57 -20.90 -33.99
C LYS A 63 9.47 -20.01 -33.15
N GLU A 64 10.56 -20.57 -32.61
CA GLU A 64 11.49 -19.75 -31.84
C GLU A 64 12.09 -18.65 -32.71
N LYS A 65 12.33 -18.95 -33.99
CA LYS A 65 12.90 -17.94 -34.88
C LYS A 65 11.94 -16.77 -35.07
N LYS A 66 10.63 -17.06 -35.18
CA LYS A 66 9.66 -15.97 -35.29
C LYS A 66 9.71 -15.07 -34.06
N LEU A 67 9.76 -15.67 -32.87
CA LEU A 67 9.85 -14.87 -31.64
C LEU A 67 11.18 -14.12 -31.59
N ASN A 68 12.27 -14.80 -31.99
CA ASN A 68 13.58 -14.17 -32.02
C ASN A 68 13.59 -12.94 -32.92
N GLN A 69 12.97 -13.05 -34.10
CA GLN A 69 12.96 -11.92 -35.04
C GLN A 69 12.27 -10.70 -34.44
N PHE A 70 11.17 -10.91 -33.72
CA PHE A 70 10.47 -9.81 -33.06
C PHE A 70 11.33 -9.22 -31.94
N ILE A 71 11.97 -10.06 -31.14
CA ILE A 71 12.82 -9.57 -30.06
C ILE A 71 13.94 -8.70 -30.62
N LEU A 72 14.60 -9.19 -31.66
CA LEU A 72 15.68 -8.44 -32.27
C LEU A 72 15.19 -7.13 -32.88
N ARG A 73 14.00 -7.14 -33.48
CA ARG A 73 13.46 -5.88 -34.01
C ARG A 73 13.23 -4.89 -32.87
N GLU A 74 12.68 -5.37 -31.75
CA GLU A 74 12.48 -4.51 -30.59
C GLU A 74 13.81 -4.01 -30.04
N LYS A 75 14.80 -4.90 -29.95
CA LYS A 75 16.08 -4.54 -29.36
C LYS A 75 16.79 -3.48 -30.20
N ARG A 76 16.78 -3.65 -31.53
CA ARG A 76 17.41 -2.64 -32.38
C ARG A 76 16.68 -1.31 -32.30
N ALA A 77 15.35 -1.33 -32.17
CA ALA A 77 14.61 -0.08 -32.14
C ALA A 77 14.98 0.76 -30.91
N ILE A 78 15.10 0.14 -29.73
CA ILE A 78 15.43 0.92 -28.54
C ILE A 78 16.88 1.40 -28.61
N ILE A 79 17.79 0.55 -29.07
CA ILE A 79 19.20 0.93 -29.14
C ILE A 79 19.40 2.03 -30.18
N GLU A 80 18.79 1.88 -31.35
CA GLU A 80 18.97 2.90 -32.37
C GLU A 80 18.39 4.23 -31.93
N ASN A 81 17.28 4.21 -31.18
CA ASN A 81 16.73 5.47 -30.72
C ASN A 81 17.70 6.16 -29.76
N SER A 82 18.25 5.41 -28.81
CA SER A 82 19.19 6.01 -27.87
C SER A 82 20.41 6.55 -28.61
N ARG A 83 20.94 5.76 -29.54
CA ARG A 83 22.16 6.12 -30.26
C ARG A 83 21.95 7.30 -31.20
N LEU A 84 20.92 7.25 -32.04
CA LEU A 84 20.78 8.26 -33.08
C LEU A 84 20.03 9.50 -32.61
N ASN A 85 19.14 9.37 -31.65
CA ASN A 85 18.48 10.51 -31.03
C ASN A 85 19.21 11.00 -29.78
N LYS A 86 20.36 10.41 -29.45
CA LYS A 86 21.31 10.96 -28.47
C LYS A 86 20.66 11.15 -27.11
N THR A 87 20.09 10.07 -26.59
CA THR A 87 19.46 10.06 -25.28
C THR A 87 19.92 8.81 -24.55
N GLN A 88 19.81 8.84 -23.23
CA GLN A 88 20.38 7.75 -22.43
C GLN A 88 19.66 6.43 -22.69
N TYR A 89 20.43 5.35 -22.58
CA TYR A 89 19.93 3.99 -22.81
C TYR A 89 19.34 3.50 -21.50
N ILE A 90 18.01 3.58 -21.39
CA ILE A 90 17.35 3.33 -20.10
C ILE A 90 17.66 1.97 -19.51
N PRO A 91 17.79 0.87 -20.27
CA PRO A 91 18.11 -0.41 -19.63
C PRO A 91 19.39 -0.40 -18.81
N ALA A 92 20.29 0.57 -19.04
CA ALA A 92 21.60 0.61 -18.42
C ALA A 92 21.71 1.61 -17.27
N VAL A 93 20.69 2.44 -17.03
CA VAL A 93 20.77 3.43 -15.96
C VAL A 93 20.40 2.79 -14.63
N SER A 94 20.50 3.56 -13.54
CA SER A 94 20.10 3.05 -12.22
C SER A 94 18.76 2.34 -12.29
N PHE A 95 18.68 1.19 -11.63
CA PHE A 95 17.41 0.46 -11.52
C PHE A 95 16.31 1.32 -10.91
N PHE A 96 16.67 2.27 -10.05
CA PHE A 96 15.66 3.18 -9.51
C PHE A 96 14.93 3.91 -10.63
N LEU A 97 15.65 4.23 -11.71
CA LEU A 97 15.06 4.96 -12.82
C LEU A 97 14.47 4.02 -13.86
N SER A 98 15.12 2.88 -14.09
CA SER A 98 14.71 2.04 -15.21
C SER A 98 13.57 1.10 -14.90
N LYS A 99 13.35 0.77 -13.61
CA LYS A 99 12.38 -0.26 -13.26
C LYS A 99 11.02 0.03 -13.87
N SER A 100 10.49 1.23 -13.64
CA SER A 100 9.13 1.52 -14.10
C SER A 100 9.07 1.71 -15.60
N GLN A 101 10.21 2.01 -16.23
CA GLN A 101 10.24 2.20 -17.67
C GLN A 101 10.31 0.88 -18.41
N MET A 102 11.11 -0.08 -17.92
CA MET A 102 11.24 -1.33 -18.65
C MET A 102 9.96 -2.16 -18.62
N GLU A 103 9.16 -2.04 -17.55
CA GLU A 103 8.04 -2.96 -17.36
C GLU A 103 6.95 -2.82 -18.42
N SER A 104 6.90 -1.69 -19.13
CA SER A 104 5.88 -1.51 -20.16
C SER A 104 6.32 -2.03 -21.53
N THR A 105 7.58 -2.54 -21.65
CA THR A 105 8.08 -2.83 -22.99
C THR A 105 7.88 -4.30 -23.37
N PRO A 106 7.71 -4.58 -24.67
CA PRO A 106 7.53 -5.97 -25.09
C PRO A 106 8.65 -6.90 -24.67
N ILE A 107 9.91 -6.49 -24.76
CA ILE A 107 11.00 -7.38 -24.38
C ILE A 107 10.88 -7.76 -22.90
N PHE A 108 10.60 -6.77 -22.05
CA PHE A 108 10.43 -7.11 -20.64
C PHE A 108 9.25 -8.06 -20.45
N LYS A 109 8.13 -7.81 -21.14
CA LYS A 109 6.97 -8.65 -20.95
C LYS A 109 7.22 -10.06 -21.43
N ILE A 110 8.03 -10.21 -22.48
CA ILE A 110 8.40 -11.54 -22.95
C ILE A 110 9.25 -12.26 -21.93
N ILE A 111 10.26 -11.56 -21.37
CA ILE A 111 11.11 -12.14 -20.33
C ILE A 111 10.30 -12.45 -19.08
N LYS A 112 9.30 -11.63 -18.76
CA LYS A 112 8.45 -11.92 -17.60
C LYS A 112 7.74 -13.26 -17.79
N ASP A 113 7.16 -13.49 -18.98
CA ASP A 113 6.45 -14.74 -19.25
C ASP A 113 7.40 -15.93 -19.39
N MET A 114 8.65 -15.68 -19.73
CA MET A 114 9.60 -16.75 -20.01
C MET A 114 9.88 -17.58 -18.75
N PRO A 115 9.91 -18.92 -18.86
CA PRO A 115 10.39 -19.72 -17.72
C PRO A 115 11.86 -19.43 -17.52
N LYS A 116 12.25 -19.24 -16.24
CA LYS A 116 13.63 -18.84 -15.96
C LYS A 116 14.53 -20.01 -15.63
N GLY A 117 13.96 -21.18 -15.35
CA GLY A 117 14.74 -22.28 -14.85
C GLY A 117 14.95 -22.08 -13.36
N ALA A 118 16.15 -21.65 -12.96
CA ALA A 118 16.50 -21.58 -11.55
C ALA A 118 17.12 -20.24 -11.20
N ALA A 119 16.93 -19.84 -9.95
CA ALA A 119 17.67 -18.72 -9.36
C ALA A 119 18.65 -19.36 -8.37
N LEU A 120 19.94 -19.28 -8.70
CA LEU A 120 20.95 -20.02 -7.97
C LEU A 120 21.71 -19.17 -6.95
N HIS A 121 21.49 -17.86 -6.92
CA HIS A 121 22.21 -17.00 -6.00
C HIS A 121 21.20 -16.07 -5.32
N LEU A 122 20.82 -16.44 -4.10
CA LEU A 122 19.78 -15.78 -3.33
C LEU A 122 20.14 -15.83 -1.86
N HIS A 123 19.69 -14.83 -1.11
CA HIS A 123 19.85 -14.81 0.34
C HIS A 123 18.48 -14.89 1.01
N ASP A 124 18.35 -15.76 2.02
CA ASP A 124 17.03 -16.12 2.51
C ASP A 124 16.32 -15.02 3.31
N THR A 125 17.00 -13.96 3.72
CA THR A 125 16.29 -12.87 4.39
C THR A 125 16.09 -11.68 3.48
N ALA A 126 16.27 -11.88 2.17
CA ALA A 126 16.27 -10.76 1.25
C ALA A 126 15.55 -11.12 -0.04
N SER A 127 14.76 -12.20 -0.05
CA SER A 127 14.27 -12.74 -1.31
C SER A 127 12.75 -12.76 -1.41
N ALA A 128 12.04 -12.15 -0.46
CA ALA A 128 10.60 -11.93 -0.57
C ALA A 128 10.30 -10.45 -0.37
N ARG A 129 9.05 -10.07 -0.65
CA ARG A 129 8.70 -8.65 -0.71
CA ARG A 129 8.66 -8.67 -0.70
C ARG A 129 8.69 -8.01 0.66
N ILE A 130 9.28 -6.81 0.73
CA ILE A 130 9.14 -5.99 1.95
C ILE A 130 7.66 -5.74 2.21
N ASP A 131 6.86 -5.61 1.14
CA ASP A 131 5.42 -5.43 1.34
C ASP A 131 4.81 -6.55 2.15
N TRP A 132 5.35 -7.78 2.05
CA TRP A 132 4.83 -8.88 2.86
C TRP A 132 5.26 -8.73 4.32
N ILE A 133 6.52 -8.33 4.56
CA ILE A 133 6.95 -8.00 5.91
C ILE A 133 5.99 -6.99 6.54
N VAL A 134 5.58 -5.97 5.79
CA VAL A 134 4.70 -4.93 6.34
C VAL A 134 3.27 -5.45 6.50
N SER A 135 2.68 -5.96 5.41
CA SER A 135 1.25 -6.26 5.40
C SER A 135 0.93 -7.53 6.19
N ASN A 136 1.89 -8.46 6.27
CA ASN A 136 1.69 -9.69 7.02
C ASN A 136 2.46 -9.67 8.34
N ALA A 137 3.79 -9.60 8.29
CA ALA A 137 4.56 -9.81 9.52
C ALA A 137 4.30 -8.72 10.55
N THR A 138 4.20 -7.45 10.15
CA THR A 138 4.00 -6.43 11.18
C THR A 138 2.56 -6.32 11.65
N TYR A 139 1.64 -7.14 11.14
CA TYR A 139 0.30 -7.25 11.69
C TYR A 139 0.15 -8.42 12.66
N ARG A 140 1.24 -9.12 12.97
CA ARG A 140 1.17 -10.22 13.93
C ARG A 140 1.32 -9.69 15.36
N ASP A 141 0.79 -10.46 16.29
CA ASP A 141 0.86 -10.08 17.70
C ASP A 141 2.31 -10.05 18.17
N HIS A 142 2.60 -9.12 19.09
CA HIS A 142 3.88 -9.02 19.81
C HIS A 142 5.01 -8.48 18.94
N VAL A 143 4.68 -7.76 17.87
CA VAL A 143 5.70 -7.13 17.03
C VAL A 143 5.93 -5.71 17.55
N TYR A 144 7.21 -5.34 17.75
CA TYR A 144 7.61 -4.03 18.25
C TYR A 144 8.48 -3.32 17.22
N MET A 145 8.49 -1.99 17.32
CA MET A 145 9.29 -1.13 16.44
C MET A 145 10.00 -0.09 17.29
N CYS A 146 11.13 0.40 16.78
CA CYS A 146 11.79 1.54 17.40
C CYS A 146 12.56 2.29 16.33
N MET A 147 12.87 3.55 16.61
CA MET A 147 13.76 4.30 15.74
C MET A 147 15.17 4.29 16.35
N ASP A 148 16.14 3.84 15.56
CA ASP A 148 17.49 3.69 16.08
C ASP A 148 18.24 5.01 16.00
N GLN A 149 19.50 4.99 16.45
CA GLN A 149 20.27 6.22 16.57
C GLN A 149 20.60 6.82 15.22
N ASP A 150 20.47 6.05 14.14
CA ASP A 150 20.67 6.53 12.78
C ASP A 150 19.35 6.90 12.11
N ASN A 151 18.24 6.91 12.86
CA ASN A 151 16.93 7.35 12.37
C ASN A 151 16.37 6.37 11.34
N PHE A 152 16.57 5.07 11.57
CA PHE A 152 15.92 4.01 10.81
C PHE A 152 15.02 3.20 11.73
N VAL A 153 13.88 2.75 11.21
CA VAL A 153 13.00 1.85 11.96
C VAL A 153 13.63 0.46 12.05
N ARG A 154 13.51 -0.16 13.22
CA ARG A 154 13.89 -1.55 13.46
C ARG A 154 12.64 -2.30 13.92
N LEU A 155 12.58 -3.60 13.61
CA LEU A 155 11.42 -4.41 13.96
C LEU A 155 11.87 -5.66 14.68
N THR A 156 11.12 -6.07 15.70
CA THR A 156 11.44 -7.30 16.40
C THR A 156 10.16 -7.88 17.01
N VAL A 157 10.29 -9.08 17.58
CA VAL A 157 9.20 -9.77 18.24
C VAL A 157 9.61 -10.04 19.68
N SER A 158 8.68 -9.85 20.61
CA SER A 158 8.95 -10.21 22.01
C SER A 158 7.65 -10.71 22.61
N GLY A 159 7.60 -12.01 22.91
CA GLY A 159 6.44 -12.58 23.54
C GLY A 159 6.46 -12.50 25.03
N THR A 160 7.52 -11.93 25.59
CA THR A 160 7.75 -11.93 27.04
C THR A 160 7.90 -10.50 27.52
N GLY A 161 7.00 -9.62 27.10
CA GLY A 161 7.05 -8.24 27.46
C GLY A 161 7.77 -7.42 26.40
N PRO A 162 7.78 -6.10 26.54
CA PRO A 162 8.48 -5.27 25.56
C PRO A 162 9.97 -5.48 25.66
N PRO A 163 10.70 -5.31 24.56
CA PRO A 163 12.16 -5.48 24.62
C PRO A 163 12.83 -4.35 25.41
N ALA A 164 14.00 -4.65 25.96
CA ALA A 164 14.71 -3.66 26.76
C ALA A 164 15.15 -2.48 25.87
N ASN A 165 15.04 -1.27 26.41
CA ASN A 165 15.25 -0.07 25.59
C ASN A 165 16.75 0.26 25.51
N SER A 166 17.47 -0.64 24.85
CA SER A 166 18.92 -0.52 24.71
C SER A 166 19.21 0.13 23.36
N GLY A 167 19.46 1.45 23.39
CA GLY A 167 19.76 2.20 22.19
C GLY A 167 18.57 2.71 21.43
N CYS A 168 17.37 2.22 21.75
CA CYS A 168 16.16 2.71 21.10
C CYS A 168 14.98 2.37 22.00
N GLU A 169 13.86 3.05 21.77
CA GLU A 169 12.67 2.91 22.60
C GLU A 169 11.65 2.09 21.82
N TRP A 170 11.41 0.86 22.27
CA TRP A 170 10.53 -0.04 21.55
C TRP A 170 9.06 0.28 21.83
N LYS A 171 8.24 0.24 20.78
CA LYS A 171 6.81 0.47 20.90
C LYS A 171 6.08 -0.62 20.15
N LEU A 172 4.93 -1.03 20.69
CA LEU A 172 4.13 -2.05 20.02
C LEU A 172 3.60 -1.52 18.69
N VAL A 173 3.86 -2.25 17.60
CA VAL A 173 3.44 -1.76 16.28
C VAL A 173 1.91 -1.64 16.23
N GLU A 174 1.20 -2.61 16.82
CA GLU A 174 -0.25 -2.57 16.80
C GLU A 174 -0.76 -1.24 17.33
N THR A 175 -0.18 -0.78 18.44
CA THR A 175 -0.57 0.51 19.02
C THR A 175 -0.19 1.68 18.12
N GLU A 176 1.04 1.67 17.60
CA GLU A 176 1.49 2.78 16.77
C GLU A 176 0.64 2.89 15.51
N ARG A 177 0.29 1.75 14.91
CA ARG A 177 -0.54 1.77 13.71
C ARG A 177 -1.94 2.29 14.02
N ALA A 178 -2.53 1.80 15.11
CA ALA A 178 -3.91 2.19 15.44
C ALA A 178 -4.00 3.66 15.77
N ASN A 179 -2.91 4.27 16.25
CA ASN A 179 -2.89 5.68 16.63
C ASN A 179 -2.40 6.60 15.53
N SER A 180 -2.09 6.06 14.35
CA SER A 180 -1.45 6.87 13.32
C SER A 180 -2.42 7.87 12.70
N GLY A 181 -3.70 7.54 12.66
CA GLY A 181 -4.66 8.37 11.92
C GLY A 181 -4.60 8.21 10.41
N ASP A 182 -3.63 7.46 9.87
CA ASP A 182 -3.64 7.13 8.44
C ASP A 182 -2.84 5.84 8.32
N ILE A 183 -3.56 4.71 8.36
CA ILE A 183 -2.89 3.42 8.39
C ILE A 183 -2.18 3.16 7.07
N ALA A 184 -2.80 3.59 5.96
CA ALA A 184 -2.14 3.41 4.66
C ALA A 184 -0.80 4.12 4.63
N ALA A 185 -0.75 5.35 5.16
CA ALA A 185 0.51 6.10 5.16
C ALA A 185 1.51 5.48 6.12
N PHE A 186 1.03 4.96 7.26
CA PHE A 186 1.91 4.31 8.23
C PHE A 186 2.56 3.08 7.61
N ASP A 187 1.77 2.26 6.92
CA ASP A 187 2.30 1.06 6.28
C ASP A 187 3.25 1.43 5.15
N HIS A 188 2.92 2.49 4.40
CA HIS A 188 3.82 2.94 3.35
C HIS A 188 5.11 3.53 3.92
N TRP A 189 5.03 4.20 5.07
CA TRP A 189 6.25 4.69 5.71
C TRP A 189 7.15 3.53 6.14
N LEU A 190 6.58 2.47 6.71
CA LEU A 190 7.40 1.30 7.04
C LEU A 190 8.14 0.79 5.82
N LYS A 191 7.42 0.60 4.71
CA LYS A 191 8.04 0.13 3.48
C LYS A 191 9.13 1.09 3.02
N SER A 192 8.82 2.39 3.00
CA SER A 192 9.79 3.38 2.51
CA SER A 192 9.80 3.35 2.48
C SER A 192 11.04 3.43 3.36
N ASN A 193 10.90 3.18 4.68
CA ASN A 193 12.04 3.25 5.60
C ASN A 193 12.91 2.01 5.55
N ILE A 194 12.44 0.95 4.91
CA ILE A 194 13.15 -0.31 4.85
C ILE A 194 13.72 -0.61 3.46
N SER A 195 13.06 -0.19 2.38
CA SER A 195 13.52 -0.49 1.03
C SER A 195 14.71 0.36 0.62
N LEU A 196 15.65 -0.23 -0.12
CA LEU A 196 16.72 0.57 -0.72
C LEU A 196 16.32 1.26 -2.02
N LEU A 197 15.10 1.04 -2.51
CA LEU A 197 14.68 1.71 -3.74
C LEU A 197 13.72 2.86 -3.48
N THR A 198 13.58 3.29 -2.22
CA THR A 198 12.74 4.45 -1.94
C THR A 198 13.28 5.70 -2.60
N THR A 199 14.60 5.85 -2.61
CA THR A 199 15.34 6.84 -3.37
C THR A 199 16.37 6.12 -4.22
N ASP A 200 16.98 6.83 -5.17
CA ASP A 200 18.02 6.21 -5.97
C ASP A 200 19.28 6.00 -5.15
N PRO A 201 19.70 4.77 -4.87
CA PRO A 201 20.89 4.59 -4.02
C PRO A 201 22.16 5.16 -4.65
N LEU A 202 22.22 5.22 -5.98
CA LEU A 202 23.36 5.85 -6.65
C LEU A 202 23.46 7.34 -6.34
N VAL A 203 22.35 7.98 -6.00
CA VAL A 203 22.33 9.39 -5.61
C VAL A 203 22.46 9.54 -4.10
N THR A 204 21.62 8.82 -3.34
CA THR A 204 21.53 9.00 -1.89
C THR A 204 22.74 8.45 -1.14
N TYR A 205 23.33 7.38 -1.65
CA TYR A 205 24.44 6.70 -1.00
C TYR A 205 25.55 6.57 -2.02
N PRO A 206 26.16 7.69 -2.43
CA PRO A 206 26.97 7.71 -3.64
C PRO A 206 28.42 7.26 -3.47
N SER A 207 28.63 6.16 -2.75
CA SER A 207 29.94 5.52 -2.71
C SER A 207 29.75 4.09 -2.24
N LEU A 208 30.74 3.25 -2.52
CA LEU A 208 30.69 1.85 -2.07
C LEU A 208 30.39 1.75 -0.58
N ASP A 209 31.09 2.52 0.23
CA ASP A 209 30.94 2.23 1.63
C ASP A 209 29.71 2.92 2.21
N LYS A 210 29.18 3.96 1.56
CA LYS A 210 27.91 4.54 1.99
C LYS A 210 26.76 3.60 1.67
N VAL A 211 26.76 3.01 0.47
CA VAL A 211 25.64 2.14 0.13
C VAL A 211 25.74 0.83 0.87
N TRP A 212 26.97 0.34 1.12
CA TRP A 212 27.07 -0.85 1.97
C TRP A 212 26.61 -0.53 3.39
N GLY A 213 26.81 0.70 3.83
CA GLY A 213 26.28 1.09 5.14
C GLY A 213 24.76 0.97 5.16
N ARG A 214 24.12 1.44 4.09
CA ARG A 214 22.67 1.34 3.99
C ARG A 214 22.21 -0.10 3.85
N PHE A 215 22.95 -0.91 3.07
CA PHE A 215 22.61 -2.31 2.88
C PHE A 215 22.73 -3.08 4.19
N ASP A 216 23.85 -2.90 4.90
CA ASP A 216 23.99 -3.51 6.22
C ASP A 216 22.84 -3.07 7.14
N LYS A 217 22.50 -1.77 7.10
CA LYS A 217 21.43 -1.26 7.96
C LYS A 217 20.11 -1.97 7.68
N HIS A 218 19.80 -2.20 6.38
CA HIS A 218 18.57 -2.92 6.03
C HIS A 218 18.47 -4.24 6.79
N PHE A 219 19.55 -5.03 6.82
CA PHE A 219 19.48 -6.32 7.48
C PHE A 219 19.29 -6.14 8.98
N SER A 220 19.88 -5.09 9.56
CA SER A 220 19.66 -4.84 10.97
CA SER A 220 19.67 -4.82 10.97
C SER A 220 18.23 -4.42 11.26
N GLN A 221 17.60 -3.69 10.32
CA GLN A 221 16.22 -3.27 10.53
C GLN A 221 15.29 -4.46 10.65
N LEU A 222 15.51 -5.50 9.84
CA LEU A 222 14.61 -6.64 9.82
C LEU A 222 15.07 -7.82 10.68
N ARG A 223 16.30 -7.82 11.18
CA ARG A 223 16.87 -9.02 11.79
C ARG A 223 15.97 -9.60 12.89
N GLY A 224 15.50 -8.74 13.79
CA GLY A 224 14.69 -9.22 14.90
C GLY A 224 13.42 -9.92 14.43
N ILE A 225 12.65 -9.25 13.58
CA ILE A 225 11.37 -9.81 13.19
C ILE A 225 11.56 -11.03 12.31
N ILE A 226 12.56 -11.01 11.42
CA ILE A 226 12.66 -12.10 10.43
C ILE A 226 13.31 -13.33 11.02
N TYR A 227 13.86 -13.26 12.24
CA TYR A 227 14.36 -14.45 12.90
C TYR A 227 13.35 -15.09 13.87
N HIS A 228 12.18 -14.49 14.04
CA HIS A 228 11.11 -15.13 14.80
C HIS A 228 10.56 -16.32 14.01
N THR A 229 10.59 -17.50 14.62
CA THR A 229 10.41 -18.75 13.88
C THR A 229 9.19 -18.79 12.96
N PRO A 230 7.96 -18.49 13.41
CA PRO A 230 6.81 -18.59 12.48
C PRO A 230 6.87 -17.59 11.35
N ILE A 231 7.40 -16.40 11.60
CA ILE A 231 7.59 -15.44 10.52
C ILE A 231 8.66 -15.91 9.55
N ARG A 232 9.76 -16.48 10.07
CA ARG A 232 10.85 -16.97 9.21
C ARG A 232 10.35 -18.10 8.30
N ARG A 233 9.58 -19.01 8.86
CA ARG A 233 8.97 -20.11 8.09
C ARG A 233 8.10 -19.57 6.98
N ASP A 234 7.22 -18.62 7.32
CA ASP A 234 6.27 -18.08 6.36
C ASP A 234 6.95 -17.20 5.32
N TYR A 235 8.01 -16.48 5.72
CA TYR A 235 8.79 -15.70 4.77
C TYR A 235 9.45 -16.61 3.75
N TYR A 236 10.02 -17.73 4.21
CA TYR A 236 10.64 -18.66 3.28
C TYR A 236 9.61 -19.23 2.31
N ARG A 237 8.43 -19.56 2.82
CA ARG A 237 7.36 -20.00 1.92
C ARG A 237 7.03 -18.90 0.91
N GLN A 238 7.03 -17.64 1.34
CA GLN A 238 6.78 -16.53 0.42
CA GLN A 238 6.76 -16.56 0.39
C GLN A 238 7.86 -16.45 -0.66
N ILE A 239 9.10 -16.78 -0.32
CA ILE A 239 10.13 -16.83 -1.35
C ILE A 239 9.71 -17.81 -2.44
N LEU A 240 9.30 -19.00 -2.03
CA LEU A 240 8.94 -19.98 -3.04
C LEU A 240 7.71 -19.54 -3.85
N GLU A 241 6.71 -18.95 -3.18
CA GLU A 241 5.53 -18.49 -3.91
CA GLU A 241 5.52 -18.49 -3.90
C GLU A 241 5.88 -17.42 -4.92
N GLU A 242 6.69 -16.44 -4.52
CA GLU A 242 7.01 -15.35 -5.43
C GLU A 242 7.87 -15.84 -6.59
N PHE A 243 8.82 -16.72 -6.31
CA PHE A 243 9.68 -17.20 -7.39
C PHE A 243 8.88 -18.04 -8.37
N ARG A 244 7.98 -18.89 -7.86
CA ARG A 244 7.11 -19.63 -8.78
C ARG A 244 6.27 -18.67 -9.62
N SER A 245 5.79 -17.58 -9.02
CA SER A 245 4.95 -16.65 -9.76
CA SER A 245 4.94 -16.63 -9.74
C SER A 245 5.69 -15.91 -10.86
N ASP A 246 7.01 -15.75 -10.73
CA ASP A 246 7.85 -15.16 -11.78
C ASP A 246 8.36 -16.22 -12.77
N ASN A 247 7.76 -17.40 -12.76
CA ASN A 247 8.08 -18.53 -13.66
C ASN A 247 9.51 -19.03 -13.43
N VAL A 248 9.93 -19.05 -12.16
CA VAL A 248 11.14 -19.74 -11.71
C VAL A 248 10.70 -21.04 -11.07
N GLN A 249 11.33 -22.17 -11.47
CA GLN A 249 10.88 -23.47 -10.98
C GLN A 249 11.78 -24.07 -9.90
N TYR A 250 12.89 -23.43 -9.59
CA TYR A 250 13.86 -24.02 -8.68
C TYR A 250 14.72 -22.92 -8.09
N VAL A 251 15.08 -23.06 -6.79
CA VAL A 251 15.96 -22.08 -6.16
C VAL A 251 17.01 -22.79 -5.31
N GLU A 252 18.21 -22.19 -5.26
CA GLU A 252 19.21 -22.52 -4.26
C GLU A 252 19.43 -21.26 -3.43
N VAL A 253 19.39 -21.39 -2.11
CA VAL A 253 19.30 -20.23 -1.23
C VAL A 253 20.40 -20.31 -0.17
N ARG A 254 21.13 -19.21 0.02
CA ARG A 254 22.03 -19.05 1.16
C ARG A 254 21.20 -18.74 2.41
N SER A 255 21.52 -19.41 3.52
CA SER A 255 20.85 -19.19 4.80
C SER A 255 21.84 -19.38 5.95
N SER A 256 21.70 -18.56 6.99
CA SER A 256 22.53 -18.78 8.18
C SER A 256 22.05 -19.97 9.02
N LEU A 257 20.76 -20.32 8.90
CA LEU A 257 20.06 -21.46 9.51
C LEU A 257 19.83 -21.38 11.02
N SER A 258 20.60 -20.56 11.71
CA SER A 258 20.67 -20.71 13.15
C SER A 258 19.98 -19.54 13.84
N GLY A 259 19.47 -19.81 15.04
CA GLY A 259 18.96 -18.75 15.90
C GLY A 259 17.53 -18.34 15.71
N TYR A 260 16.71 -19.15 15.03
CA TYR A 260 15.29 -18.82 14.95
C TYR A 260 14.67 -18.94 16.33
N TYR A 261 13.84 -17.97 16.72
CA TYR A 261 13.39 -17.94 18.10
C TYR A 261 11.87 -17.89 18.19
N ASP A 262 11.33 -18.53 19.25
CA ASP A 262 9.90 -18.62 19.50
C ASP A 262 9.42 -17.49 20.41
N LEU A 263 8.09 -17.40 20.56
CA LEU A 263 7.50 -16.39 21.44
C LEU A 263 7.96 -16.59 22.87
N ASP A 264 8.16 -17.84 23.29
CA ASP A 264 8.59 -18.06 24.67
C ASP A 264 10.09 -17.91 24.86
N GLY A 265 10.83 -17.51 23.83
CA GLY A 265 12.24 -17.27 23.95
C GLY A 265 13.13 -18.43 23.54
N THR A 266 12.53 -19.59 23.25
CA THR A 266 13.33 -20.72 22.77
C THR A 266 14.08 -20.33 21.50
N VAL A 267 15.40 -20.59 21.48
CA VAL A 267 16.24 -20.34 20.32
C VAL A 267 16.62 -21.68 19.73
N HIS A 268 16.41 -21.84 18.43
CA HIS A 268 16.64 -23.10 17.74
C HIS A 268 18.02 -23.15 17.10
N ASP A 269 18.48 -24.37 16.87
CA ASP A 269 19.82 -24.62 16.33
C ASP A 269 19.77 -24.69 14.81
N PRO A 270 20.93 -24.78 14.15
CA PRO A 270 20.95 -24.77 12.67
C PRO A 270 20.24 -25.95 12.04
N GLU A 271 20.33 -27.13 12.64
CA GLU A 271 19.65 -28.28 12.05
C GLU A 271 18.13 -28.09 12.08
N TYR A 272 17.60 -27.53 13.18
CA TYR A 272 16.19 -27.19 13.21
C TYR A 272 15.82 -26.24 12.08
N GLY A 273 16.66 -25.21 11.86
CA GLY A 273 16.40 -24.26 10.80
C GLY A 273 16.35 -24.94 9.44
N LEU A 274 17.31 -25.83 9.18
CA LEU A 274 17.32 -26.57 7.92
C LEU A 274 16.08 -27.46 7.78
N GLN A 275 15.71 -28.13 8.87
CA GLN A 275 14.53 -29.01 8.85
C GLN A 275 13.27 -28.20 8.56
N LEU A 276 13.19 -26.99 9.12
CA LEU A 276 12.04 -26.11 8.90
C LEU A 276 11.89 -25.79 7.42
N TYR A 277 12.98 -25.39 6.78
CA TYR A 277 12.95 -25.11 5.34
C TYR A 277 12.62 -26.36 4.54
N LYS A 278 13.17 -27.50 4.93
CA LYS A 278 12.92 -28.73 4.19
C LYS A 278 11.44 -29.09 4.22
N ALA A 279 10.80 -28.94 5.38
CA ALA A 279 9.36 -29.23 5.47
C ALA A 279 8.54 -28.26 4.63
N VAL A 280 8.90 -26.97 4.62
CA VAL A 280 8.18 -26.00 3.81
C VAL A 280 8.32 -26.35 2.33
N THR A 281 9.54 -26.70 1.91
CA THR A 281 9.78 -27.00 0.51
C THR A 281 9.01 -28.24 0.08
N GLU A 282 9.01 -29.28 0.92
CA GLU A 282 8.32 -30.51 0.57
C GLU A 282 6.82 -30.27 0.41
N GLU A 283 6.23 -29.46 1.29
CA GLU A 283 4.81 -29.13 1.18
C GLU A 283 4.53 -28.25 -0.04
N PHE A 284 5.43 -27.33 -0.33
CA PHE A 284 5.27 -26.49 -1.51
C PHE A 284 5.28 -27.33 -2.78
N VAL A 285 6.23 -28.28 -2.88
CA VAL A 285 6.30 -29.12 -4.09
C VAL A 285 5.10 -30.05 -4.17
N ARG A 286 4.60 -30.52 -3.02
CA ARG A 286 3.37 -31.31 -3.01
CA ARG A 286 3.38 -31.32 -3.04
C ARG A 286 2.22 -30.50 -3.59
N THR A 287 2.13 -29.22 -3.21
CA THR A 287 1.05 -28.34 -3.66
C THR A 287 1.20 -28.01 -5.14
N TYR A 288 2.45 -27.84 -5.59
CA TYR A 288 2.78 -27.34 -6.92
C TYR A 288 3.77 -28.29 -7.60
N PRO A 289 3.28 -29.37 -8.20
CA PRO A 289 4.15 -30.30 -8.92
C PRO A 289 4.84 -29.67 -10.11
N ASP A 290 4.41 -28.49 -10.55
CA ASP A 290 5.10 -27.78 -11.62
C ASP A 290 6.34 -27.06 -11.13
N PHE A 291 6.69 -27.23 -9.86
CA PHE A 291 7.84 -26.59 -9.22
C PHE A 291 8.85 -27.66 -8.82
N SER A 292 10.12 -27.47 -9.20
CA SER A 292 11.15 -28.48 -8.96
C SER A 292 11.61 -28.50 -7.50
N GLY A 293 11.62 -27.37 -6.82
CA GLY A 293 12.00 -27.38 -5.41
C GLY A 293 13.11 -26.42 -5.03
N ALA A 294 13.86 -26.78 -3.99
CA ALA A 294 14.87 -25.89 -3.42
C ALA A 294 15.94 -26.72 -2.71
N LYS A 295 17.15 -26.15 -2.66
CA LYS A 295 18.24 -26.65 -1.84
C LYS A 295 18.91 -25.46 -1.17
N ILE A 296 19.65 -25.73 -0.09
CA ILE A 296 20.09 -24.72 0.87
C ILE A 296 21.62 -24.77 1.01
N ILE A 297 22.23 -23.58 1.03
CA ILE A 297 23.67 -23.39 1.26
C ILE A 297 23.81 -22.66 2.59
N LYS A 298 24.64 -23.17 3.50
CA LYS A 298 24.91 -22.46 4.75
C LYS A 298 25.84 -21.28 4.50
N SER A 299 25.41 -20.08 4.93
CA SER A 299 26.25 -18.89 4.86
C SER A 299 26.64 -18.41 6.25
N THR A 300 27.85 -17.87 6.33
CA THR A 300 28.36 -17.23 7.53
C THR A 300 29.02 -15.92 7.11
N ALA A 301 28.84 -14.87 7.92
CA ALA A 301 29.46 -13.60 7.57
C ALA A 301 30.96 -13.64 7.81
N ARG A 302 31.72 -13.05 6.88
CA ARG A 302 33.18 -13.10 6.86
C ARG A 302 33.81 -12.04 7.78
N VAL A 303 33.13 -11.71 8.87
CA VAL A 303 33.66 -10.82 9.90
C VAL A 303 34.05 -11.57 11.16
N LYS A 304 33.81 -12.88 11.21
CA LYS A 304 34.01 -13.66 12.43
C LYS A 304 35.43 -14.18 12.49
N PRO A 305 35.92 -14.47 13.70
CA PRO A 305 37.25 -15.06 13.84
C PRO A 305 37.33 -16.42 13.16
N ASN A 306 38.55 -16.77 12.78
CA ASN A 306 38.76 -18.06 12.12
C ASN A 306 38.32 -19.22 13.00
N THR A 307 38.53 -19.12 14.32
CA THR A 307 38.08 -20.21 15.19
C THR A 307 36.57 -20.45 15.08
N ASP A 308 35.78 -19.40 14.85
CA ASP A 308 34.34 -19.59 14.68
C ASP A 308 34.02 -20.18 13.30
N ILE A 309 34.74 -19.75 12.26
CA ILE A 309 34.50 -20.34 10.94
C ILE A 309 34.80 -21.82 10.94
N PHE A 310 35.85 -22.24 11.66
CA PHE A 310 36.14 -23.65 11.76
C PHE A 310 34.92 -24.42 12.25
N ASN A 311 34.25 -23.91 13.28
CA ASN A 311 33.05 -24.59 13.77
C ASN A 311 31.95 -24.62 12.72
N ASP A 312 31.78 -23.54 11.93
CA ASP A 312 30.76 -23.55 10.90
C ASP A 312 31.09 -24.51 9.76
N VAL A 313 32.38 -24.70 9.47
CA VAL A 313 32.78 -25.74 8.52
C VAL A 313 32.42 -27.12 9.05
N LYS A 314 32.74 -27.39 10.32
CA LYS A 314 32.40 -28.68 10.92
C LYS A 314 30.89 -28.90 10.92
N LEU A 315 30.12 -27.86 11.24
CA LEU A 315 28.67 -27.94 11.17
C LEU A 315 28.22 -28.31 9.76
N SER A 316 28.81 -27.66 8.77
CA SER A 316 28.40 -27.88 7.38
C SER A 316 28.75 -29.30 6.95
N MET A 317 29.91 -29.82 7.38
CA MET A 317 30.25 -31.21 7.07
C MET A 317 29.18 -32.16 7.60
N ASP A 318 28.71 -31.91 8.84
CA ASP A 318 27.72 -32.79 9.43
C ASP A 318 26.37 -32.70 8.71
N LEU A 319 25.91 -31.46 8.43
CA LEU A 319 24.64 -31.32 7.72
C LEU A 319 24.73 -31.87 6.29
N TYR A 320 25.88 -31.71 5.64
CA TYR A 320 26.06 -32.25 4.29
C TYR A 320 25.97 -33.78 4.32
N LYS A 321 26.53 -34.39 5.35
CA LYS A 321 26.51 -35.86 5.45
C LYS A 321 25.09 -36.36 5.71
N ARG A 322 24.33 -35.68 6.55
CA ARG A 322 23.05 -36.20 7.03
C ARG A 322 21.84 -35.67 6.27
N TYR A 323 21.99 -34.61 5.48
CA TYR A 323 20.94 -34.10 4.61
C TYR A 323 21.43 -34.02 3.17
N PRO A 324 21.89 -35.14 2.59
CA PRO A 324 22.40 -35.10 1.22
C PRO A 324 21.25 -34.80 0.27
N GLY A 325 21.53 -33.96 -0.72
CA GLY A 325 20.44 -33.60 -1.62
C GLY A 325 19.50 -32.52 -1.12
N PHE A 326 19.58 -32.09 0.14
CA PHE A 326 18.95 -30.82 0.50
C PHE A 326 19.97 -29.78 0.96
N PHE A 327 20.94 -30.18 1.77
CA PHE A 327 22.00 -29.27 2.21
C PHE A 327 23.17 -29.37 1.24
N LEU A 328 23.60 -28.23 0.70
CA LEU A 328 24.55 -28.24 -0.40
C LEU A 328 25.99 -28.00 -0.01
N GLY A 329 26.23 -27.21 1.02
CA GLY A 329 27.59 -26.79 1.29
C GLY A 329 27.59 -25.43 1.97
N PHE A 330 28.71 -24.72 1.79
CA PHE A 330 29.06 -23.57 2.63
C PHE A 330 29.50 -22.39 1.76
N ASP A 331 29.26 -21.19 2.29
CA ASP A 331 29.62 -19.92 1.65
C ASP A 331 29.93 -18.88 2.72
N LEU A 332 30.84 -17.96 2.41
CA LEU A 332 31.14 -16.80 3.27
C LEU A 332 30.57 -15.56 2.61
N VAL A 333 29.82 -14.76 3.37
CA VAL A 333 29.10 -13.62 2.83
C VAL A 333 29.45 -12.36 3.61
N ALA A 334 28.76 -11.26 3.33
CA ALA A 334 28.99 -9.90 3.85
C ALA A 334 30.07 -9.19 3.02
N GLN A 335 30.33 -7.91 3.30
CA GLN A 335 31.09 -7.10 2.34
C GLN A 335 32.49 -7.70 2.15
N GLU A 336 32.90 -7.86 0.89
CA GLU A 336 34.15 -8.59 0.64
C GLU A 336 35.39 -7.70 0.85
N ASP A 337 35.36 -6.43 0.44
CA ASP A 337 36.58 -5.63 0.43
C ASP A 337 37.21 -5.41 1.80
N PRO A 338 36.49 -5.04 2.86
CA PRO A 338 37.17 -4.69 4.12
C PRO A 338 37.28 -5.82 5.13
N ASN A 339 36.74 -6.99 4.82
CA ASN A 339 36.62 -8.08 5.78
C ASN A 339 37.58 -9.20 5.43
N THR A 340 37.36 -10.38 6.02
CA THR A 340 38.38 -11.42 5.95
C THR A 340 38.37 -12.15 4.61
N SER A 341 39.56 -12.37 4.08
CA SER A 341 39.74 -13.07 2.82
C SER A 341 39.58 -14.58 3.02
N LEU A 342 39.40 -15.29 1.92
CA LEU A 342 39.42 -16.75 1.99
C LEU A 342 40.74 -17.27 2.53
N LEU A 343 41.86 -16.66 2.13
CA LEU A 343 43.17 -17.06 2.66
C LEU A 343 43.22 -16.91 4.18
N GLY A 344 42.57 -15.87 4.72
CA GLY A 344 42.47 -15.66 6.17
C GLY A 344 41.72 -16.76 6.91
N TYR A 345 41.01 -17.61 6.18
CA TYR A 345 40.30 -18.76 6.74
C TYR A 345 40.84 -20.09 6.20
N ILE A 346 42.03 -20.10 5.61
CA ILE A 346 42.35 -21.23 4.72
C ILE A 346 42.44 -22.55 5.49
N ASP A 347 42.95 -22.55 6.73
CA ASP A 347 43.00 -23.85 7.42
C ASP A 347 41.61 -24.38 7.74
N SER A 348 40.66 -23.49 8.05
CA SER A 348 39.29 -23.93 8.21
C SER A 348 38.72 -24.50 6.91
N LEU A 349 38.95 -23.81 5.80
CA LEU A 349 38.35 -24.25 4.54
C LEU A 349 39.03 -25.50 3.99
N LEU A 350 40.31 -25.71 4.31
CA LEU A 350 40.98 -26.93 3.87
C LEU A 350 40.71 -28.12 4.79
N TYR A 351 40.15 -27.88 5.97
CA TYR A 351 39.96 -28.96 6.93
C TYR A 351 39.22 -30.18 6.37
N PRO A 352 38.09 -30.04 5.65
CA PRO A 352 37.42 -31.27 5.16
C PRO A 352 38.32 -32.11 4.26
N SER A 353 39.04 -31.47 3.34
CA SER A 353 39.89 -32.21 2.41
C SER A 353 41.05 -32.89 3.12
N ARG A 354 41.41 -32.45 4.33
CA ARG A 354 42.56 -32.96 5.04
C ARG A 354 42.22 -34.12 5.97
N GLN A 355 40.95 -34.46 6.10
CA GLN A 355 40.55 -35.53 6.99
C GLN A 355 40.98 -36.89 6.41
N ASN A 356 40.93 -37.91 7.27
CA ASN A 356 41.28 -39.28 6.89
C ASN A 356 40.10 -40.18 7.24
N PRO A 357 39.25 -40.56 6.27
CA PRO A 357 39.32 -40.25 4.84
C PRO A 357 38.86 -38.82 4.54
N PRO A 358 39.26 -38.27 3.39
CA PRO A 358 38.89 -36.89 3.07
C PRO A 358 37.39 -36.71 2.91
N VAL A 359 36.93 -35.51 3.25
CA VAL A 359 35.55 -35.10 3.03
C VAL A 359 35.56 -33.94 2.04
N SER A 360 34.71 -34.02 1.02
CA SER A 360 34.61 -32.95 0.04
C SER A 360 33.37 -32.12 0.37
N LEU A 361 33.56 -31.12 1.22
CA LEU A 361 32.49 -30.19 1.53
C LEU A 361 32.38 -29.18 0.39
N PRO A 362 31.26 -29.12 -0.33
CA PRO A 362 31.17 -28.18 -1.46
C PRO A 362 31.09 -26.74 -0.99
N TYR A 363 31.70 -25.86 -1.79
CA TYR A 363 31.76 -24.44 -1.49
C TYR A 363 31.16 -23.63 -2.63
N TYR A 364 30.53 -22.51 -2.29
CA TYR A 364 29.85 -21.64 -3.24
C TYR A 364 30.30 -20.20 -3.05
N PHE A 365 31.61 -19.97 -2.96
CA PHE A 365 32.10 -18.70 -2.46
C PHE A 365 31.65 -17.49 -3.28
N HIS A 366 31.05 -16.52 -2.60
CA HIS A 366 31.12 -15.13 -3.02
C HIS A 366 32.60 -14.79 -3.21
N ALA A 367 32.98 -14.32 -4.40
CA ALA A 367 34.40 -14.06 -4.62
C ALA A 367 34.60 -13.06 -5.75
N GLY A 368 35.56 -12.15 -5.56
CA GLY A 368 35.85 -11.17 -6.57
C GLY A 368 34.77 -10.13 -6.79
N GLU A 369 33.94 -9.87 -5.77
CA GLU A 369 32.90 -8.86 -5.86
C GLU A 369 33.53 -7.50 -5.55
N THR A 370 34.36 -7.03 -6.49
CA THR A 370 35.25 -5.92 -6.16
C THR A 370 35.71 -5.23 -7.44
N ASN A 371 36.02 -3.93 -7.32
CA ASN A 371 36.74 -3.20 -8.36
C ASN A 371 38.25 -3.25 -8.19
N TRP A 372 38.75 -3.80 -7.09
CA TRP A 372 40.19 -3.87 -6.85
C TRP A 372 40.84 -4.91 -7.76
N GLN A 373 42.13 -4.69 -8.02
CA GLN A 373 42.92 -5.58 -8.84
C GLN A 373 44.27 -5.81 -8.18
N GLY A 374 44.72 -7.07 -8.18
CA GLY A 374 46.01 -7.39 -7.57
C GLY A 374 46.02 -7.27 -6.07
N THR A 375 44.86 -7.37 -5.43
CA THR A 375 44.76 -7.24 -3.98
C THR A 375 44.32 -8.56 -3.37
N GLU A 376 44.29 -8.58 -2.03
CA GLU A 376 43.77 -9.74 -1.34
C GLU A 376 42.31 -10.00 -1.69
N VAL A 377 41.55 -8.98 -2.13
CA VAL A 377 40.14 -9.20 -2.39
C VAL A 377 39.94 -9.94 -3.70
N ASP A 378 40.47 -9.42 -4.82
CA ASP A 378 40.24 -10.15 -6.05
C ASP A 378 41.04 -11.45 -6.10
N TYR A 379 42.12 -11.58 -5.31
CA TYR A 379 42.77 -12.87 -5.29
C TYR A 379 41.96 -13.93 -4.54
N ASN A 380 40.85 -13.55 -3.90
CA ASN A 380 39.92 -14.57 -3.40
C ASN A 380 39.49 -15.50 -4.52
N LEU A 381 39.49 -15.01 -5.76
CA LEU A 381 39.13 -15.86 -6.89
C LEU A 381 40.12 -17.00 -7.06
N VAL A 382 41.41 -16.74 -6.81
CA VAL A 382 42.40 -17.80 -6.89
C VAL A 382 42.11 -18.88 -5.86
N ASP A 383 41.86 -18.46 -4.62
CA ASP A 383 41.60 -19.44 -3.57
C ASP A 383 40.29 -20.18 -3.80
N ALA A 384 39.29 -19.50 -4.36
CA ALA A 384 38.03 -20.21 -4.65
C ALA A 384 38.28 -21.37 -5.60
N LEU A 385 39.14 -21.17 -6.60
CA LEU A 385 39.45 -22.27 -7.52
C LEU A 385 40.29 -23.34 -6.84
N LEU A 386 41.28 -22.94 -6.03
CA LEU A 386 42.11 -23.94 -5.37
C LEU A 386 41.30 -24.79 -4.41
N LEU A 387 40.26 -24.20 -3.83
CA LEU A 387 39.36 -24.90 -2.92
C LEU A 387 38.25 -25.64 -3.64
N ASN A 388 38.27 -25.68 -4.98
CA ASN A 388 37.32 -26.48 -5.75
C ASN A 388 35.88 -25.96 -5.64
N ALA A 389 35.71 -24.63 -5.62
CA ALA A 389 34.35 -24.08 -5.54
C ALA A 389 33.47 -24.62 -6.66
N THR A 390 32.22 -24.96 -6.30
CA THR A 390 31.26 -25.49 -7.28
C THR A 390 30.73 -24.38 -8.19
N ARG A 391 30.40 -23.22 -7.62
CA ARG A 391 30.09 -22.01 -8.35
C ARG A 391 30.76 -20.86 -7.64
N ILE A 392 30.91 -19.75 -8.34
CA ILE A 392 31.49 -18.52 -7.79
C ILE A 392 30.41 -17.46 -7.80
N GLY A 393 30.22 -16.81 -6.65
CA GLY A 393 29.28 -15.71 -6.55
C GLY A 393 29.91 -14.41 -7.02
N HIS A 394 29.27 -13.77 -8.00
CA HIS A 394 29.65 -12.47 -8.61
C HIS A 394 30.81 -12.59 -9.58
N GLY A 395 32.02 -12.81 -9.08
CA GLY A 395 33.18 -12.87 -9.96
C GLY A 395 33.40 -11.62 -10.79
N PHE A 396 33.09 -10.46 -10.23
CA PHE A 396 33.17 -9.21 -11.00
C PHE A 396 34.59 -8.97 -11.49
N ALA A 397 35.57 -9.28 -10.65
CA ALA A 397 36.97 -9.08 -10.99
C ALA A 397 37.52 -10.16 -11.92
N LEU A 398 36.71 -11.15 -12.32
CA LEU A 398 37.26 -12.30 -13.01
C LEU A 398 37.89 -11.92 -14.36
N ILE A 399 37.31 -10.95 -15.08
CA ILE A 399 37.85 -10.59 -16.40
C ILE A 399 39.27 -10.01 -16.29
N LYS A 400 39.70 -9.60 -15.09
CA LYS A 400 41.07 -9.13 -14.90
C LYS A 400 42.05 -10.26 -14.66
N HIS A 401 41.58 -11.51 -14.70
CA HIS A 401 42.39 -12.66 -14.29
C HIS A 401 42.37 -13.74 -15.36
N PRO A 402 43.21 -13.61 -16.39
CA PRO A 402 43.11 -14.52 -17.55
C PRO A 402 43.31 -16.00 -17.22
N ARG A 403 44.20 -16.34 -16.28
CA ARG A 403 44.39 -17.76 -15.99
C ARG A 403 43.21 -18.30 -15.20
N VAL A 404 42.67 -17.51 -14.26
CA VAL A 404 41.49 -17.95 -13.52
C VAL A 404 40.32 -18.16 -14.46
N ILE A 405 40.19 -17.30 -15.48
CA ILE A 405 39.14 -17.51 -16.49
C ILE A 405 39.28 -18.87 -17.15
N GLU A 406 40.50 -19.24 -17.56
CA GLU A 406 40.66 -20.50 -18.27
C GLU A 406 40.33 -21.68 -17.35
N LEU A 407 40.71 -21.59 -16.07
CA LEU A 407 40.35 -22.64 -15.12
C LEU A 407 38.85 -22.72 -14.90
N VAL A 408 38.19 -21.57 -14.75
CA VAL A 408 36.74 -21.57 -14.64
C VAL A 408 36.09 -22.25 -15.84
N LYS A 409 36.58 -21.93 -17.05
CA LYS A 409 36.00 -22.54 -18.25
CA LYS A 409 36.01 -22.54 -18.26
C LYS A 409 36.28 -24.03 -18.31
N SER A 410 37.53 -24.45 -18.05
CA SER A 410 37.86 -25.86 -18.23
C SER A 410 37.19 -26.75 -17.19
N ARG A 411 36.92 -26.23 -15.99
CA ARG A 411 36.29 -27.00 -14.93
C ARG A 411 34.77 -26.88 -14.92
N GLY A 412 34.19 -25.98 -15.70
CA GLY A 412 32.76 -25.77 -15.64
C GLY A 412 32.25 -25.20 -14.33
N VAL A 413 32.95 -24.21 -13.78
CA VAL A 413 32.53 -23.54 -12.55
C VAL A 413 31.66 -22.34 -12.94
N ALA A 414 30.35 -22.44 -12.77
CA ALA A 414 29.49 -21.34 -13.20
C ALA A 414 29.71 -20.10 -12.35
N VAL A 415 29.66 -18.93 -12.98
CA VAL A 415 29.73 -17.65 -12.29
C VAL A 415 28.31 -17.15 -12.11
N GLU A 416 27.91 -16.89 -10.86
CA GLU A 416 26.58 -16.38 -10.57
C GLU A 416 26.61 -14.87 -10.73
N VAL A 417 25.96 -14.36 -11.78
CA VAL A 417 26.04 -12.94 -12.13
C VAL A 417 24.76 -12.26 -11.68
N ASN A 418 24.88 -11.23 -10.86
CA ASN A 418 23.76 -10.56 -10.19
C ASN A 418 23.83 -9.10 -10.60
N PRO A 419 23.28 -8.73 -11.76
CA PRO A 419 23.61 -7.42 -12.34
C PRO A 419 22.99 -6.25 -11.56
N VAL A 420 21.71 -6.34 -11.16
CA VAL A 420 21.15 -5.22 -10.38
C VAL A 420 21.91 -5.05 -9.07
N SER A 421 22.22 -6.15 -8.39
CA SER A 421 23.00 -6.08 -7.16
C SER A 421 24.32 -5.36 -7.38
N ASN A 422 25.04 -5.70 -8.46
CA ASN A 422 26.36 -5.11 -8.66
C ASN A 422 26.29 -3.62 -8.97
N GLN A 423 25.23 -3.17 -9.65
CA GLN A 423 25.05 -1.74 -9.86
C GLN A 423 24.68 -1.03 -8.55
N LEU A 424 23.64 -1.51 -7.87
CA LEU A 424 23.18 -0.78 -6.69
C LEU A 424 24.21 -0.82 -5.57
N LEU A 425 24.94 -1.92 -5.44
CA LEU A 425 25.91 -2.02 -4.36
C LEU A 425 27.31 -1.55 -4.79
N GLY A 426 27.42 -0.78 -5.86
CA GLY A 426 28.55 0.13 -6.00
C GLY A 426 29.69 -0.36 -6.85
N LEU A 427 29.51 -1.40 -7.65
CA LEU A 427 30.61 -1.86 -8.50
C LEU A 427 30.60 -1.22 -9.88
N VAL A 428 29.48 -0.68 -10.34
CA VAL A 428 29.39 -0.18 -11.72
C VAL A 428 28.18 0.73 -11.81
N LYS A 429 28.25 1.73 -12.70
CA LYS A 429 27.13 2.66 -12.85
C LYS A 429 26.32 2.34 -14.11
N ASP A 430 26.95 2.43 -15.28
CA ASP A 430 26.34 2.06 -16.55
C ASP A 430 26.47 0.54 -16.71
N LEU A 431 25.34 -0.17 -16.76
CA LEU A 431 25.43 -1.63 -16.73
C LEU A 431 26.06 -2.20 -18.00
N ARG A 432 26.25 -1.39 -19.05
CA ARG A 432 27.00 -1.90 -20.20
C ARG A 432 28.49 -2.04 -19.88
N ASN A 433 28.97 -1.45 -18.79
CA ASN A 433 30.33 -1.70 -18.30
C ASN A 433 30.39 -2.86 -17.33
N HIS A 434 29.31 -3.62 -17.20
CA HIS A 434 29.36 -4.75 -16.29
C HIS A 434 30.43 -5.74 -16.76
N ALA A 435 31.27 -6.18 -15.81
CA ALA A 435 32.42 -6.99 -16.14
C ALA A 435 32.06 -8.41 -16.56
N ALA A 436 30.79 -8.81 -16.47
CA ALA A 436 30.41 -10.11 -17.01
C ALA A 436 30.14 -10.08 -18.51
N ALA A 437 29.97 -8.90 -19.11
CA ALA A 437 29.78 -8.88 -20.56
C ALA A 437 30.95 -9.54 -21.30
N PRO A 438 32.22 -9.24 -20.99
CA PRO A 438 33.31 -9.94 -21.69
C PRO A 438 33.41 -11.40 -21.30
N LEU A 439 32.89 -11.79 -20.13
CA LEU A 439 32.84 -13.21 -19.78
C LEU A 439 31.86 -13.95 -20.69
N LEU A 440 30.67 -13.37 -20.88
CA LEU A 440 29.69 -14.01 -21.75
C LEU A 440 30.17 -14.09 -23.19
N ALA A 441 30.95 -13.10 -23.64
CA ALA A 441 31.44 -13.11 -25.02
C ALA A 441 32.44 -14.23 -25.27
N GLN A 442 33.10 -14.73 -24.22
CA GLN A 442 34.01 -15.88 -24.32
C GLN A 442 33.35 -17.20 -23.94
N ASN A 443 32.05 -17.20 -23.62
CA ASN A 443 31.32 -18.37 -23.17
C ASN A 443 31.87 -18.94 -21.86
N VAL A 444 32.31 -18.05 -20.97
CA VAL A 444 32.45 -18.44 -19.57
C VAL A 444 31.09 -18.91 -19.06
N PRO A 445 30.99 -20.03 -18.34
CA PRO A 445 29.67 -20.48 -17.86
C PRO A 445 29.10 -19.51 -16.84
N VAL A 446 27.89 -19.01 -17.13
CA VAL A 446 27.25 -17.97 -16.32
C VAL A 446 25.80 -18.34 -16.06
N VAL A 447 25.32 -18.07 -14.83
CA VAL A 447 23.90 -18.11 -14.50
C VAL A 447 23.53 -16.73 -13.99
N ILE A 448 22.33 -16.27 -14.36
CA ILE A 448 21.85 -14.98 -13.90
C ILE A 448 21.06 -15.20 -12.62
N SER A 449 21.22 -14.30 -11.64
CA SER A 449 20.39 -14.39 -10.45
C SER A 449 20.10 -12.99 -9.92
N SER A 450 19.28 -12.92 -8.87
CA SER A 450 18.86 -11.60 -8.37
C SER A 450 19.45 -11.19 -7.03
N ASP A 451 20.07 -12.13 -6.28
CA ASP A 451 20.82 -11.86 -5.06
C ASP A 451 19.92 -11.48 -3.88
N ASP A 452 19.43 -10.25 -3.86
CA ASP A 452 18.61 -9.73 -2.76
C ASP A 452 17.40 -8.97 -3.30
N PRO A 453 16.56 -9.61 -4.12
CA PRO A 453 15.54 -8.84 -4.85
C PRO A 453 14.57 -8.12 -3.93
N GLY A 454 14.26 -8.66 -2.76
CA GLY A 454 13.32 -7.98 -1.89
C GLY A 454 13.87 -6.68 -1.31
N VAL A 455 15.19 -6.57 -1.20
CA VAL A 455 15.79 -5.39 -0.56
C VAL A 455 15.55 -4.13 -1.41
N TRP A 456 15.55 -4.28 -2.73
CA TRP A 456 15.39 -3.14 -3.62
C TRP A 456 14.24 -3.34 -4.60
N GLU A 457 13.21 -4.11 -4.19
CA GLU A 457 11.93 -4.18 -4.90
C GLU A 457 12.04 -4.76 -6.30
N ALA A 458 12.98 -5.66 -6.54
CA ALA A 458 13.02 -6.34 -7.83
C ALA A 458 12.14 -7.61 -7.78
N LEU A 459 11.77 -8.07 -8.97
CA LEU A 459 11.13 -9.36 -9.13
C LEU A 459 12.14 -10.47 -8.86
N PRO A 460 11.65 -11.70 -8.69
CA PRO A 460 12.59 -12.82 -8.44
C PRO A 460 13.69 -12.96 -9.49
N MET A 461 13.36 -12.85 -10.76
CA MET A 461 14.35 -13.01 -11.82
C MET A 461 14.18 -12.06 -12.99
N SER A 462 12.97 -11.58 -13.28
CA SER A 462 12.73 -10.96 -14.59
C SER A 462 13.49 -9.65 -14.77
N HIS A 463 13.66 -8.85 -13.70
CA HIS A 463 14.40 -7.60 -13.84
C HIS A 463 15.88 -7.86 -14.13
N ASP A 464 16.47 -8.82 -13.41
CA ASP A 464 17.88 -9.13 -13.65
C ASP A 464 18.08 -9.76 -15.01
N MET A 465 17.16 -10.62 -15.44
CA MET A 465 17.29 -11.23 -16.75
C MET A 465 17.15 -10.18 -17.85
N TYR A 466 16.25 -9.21 -17.67
CA TYR A 466 16.12 -8.12 -18.63
C TYR A 466 17.41 -7.30 -18.70
N VAL A 467 17.95 -6.87 -17.55
CA VAL A 467 19.15 -6.04 -17.68
C VAL A 467 20.32 -6.86 -18.21
N ALA A 468 20.43 -8.15 -17.87
CA ALA A 468 21.47 -8.98 -18.47
C ALA A 468 21.32 -9.02 -19.98
N PHE A 469 20.08 -9.23 -20.43
CA PHE A 469 19.83 -9.38 -21.86
C PHE A 469 20.09 -8.08 -22.62
N MET A 470 19.77 -6.93 -22.02
CA MET A 470 19.84 -5.63 -22.68
C MET A 470 21.20 -4.94 -22.53
N ASP A 471 21.97 -5.28 -21.51
CA ASP A 471 23.21 -4.59 -21.19
C ASP A 471 24.46 -5.46 -21.27
N LEU A 472 24.36 -6.77 -21.04
CA LEU A 472 25.55 -7.60 -20.93
C LEU A 472 25.82 -8.42 -22.18
N VAL A 473 24.94 -8.36 -23.18
CA VAL A 473 25.17 -8.93 -24.51
C VAL A 473 24.69 -7.88 -25.51
N GLY A 474 24.96 -8.13 -26.79
CA GLY A 474 24.85 -7.11 -27.82
C GLY A 474 23.48 -6.99 -28.50
N GLU A 475 23.40 -5.98 -29.36
CA GLU A 475 22.17 -5.69 -30.09
C GLU A 475 21.73 -6.87 -30.95
N ASP A 476 22.69 -7.65 -31.45
CA ASP A 476 22.40 -8.79 -32.30
C ASP A 476 22.32 -10.11 -31.53
N ALA A 477 22.19 -10.06 -30.21
CA ALA A 477 22.05 -11.25 -29.38
C ALA A 477 20.59 -11.38 -28.99
N GLY A 478 19.98 -12.50 -29.34
CA GLY A 478 18.53 -12.65 -29.18
C GLY A 478 18.09 -13.77 -28.25
N LEU A 479 17.04 -14.47 -28.69
CA LEU A 479 16.42 -15.52 -27.89
C LEU A 479 17.39 -16.65 -27.56
N ASP A 480 18.38 -16.90 -28.43
CA ASP A 480 19.36 -17.95 -28.12
C ASP A 480 20.14 -17.66 -26.85
N VAL A 481 20.48 -16.40 -26.59
CA VAL A 481 21.15 -16.07 -25.33
C VAL A 481 20.23 -16.34 -24.16
N LEU A 482 18.97 -15.92 -24.27
CA LEU A 482 18.05 -16.14 -23.14
C LEU A 482 17.89 -17.64 -22.88
N LYS A 483 17.72 -18.42 -23.96
CA LYS A 483 17.51 -19.85 -23.79
C LYS A 483 18.72 -20.50 -23.14
N GLN A 484 19.93 -20.09 -23.55
CA GLN A 484 21.13 -20.69 -22.97
C GLN A 484 21.25 -20.35 -21.49
N LEU A 485 21.00 -19.09 -21.13
CA LEU A 485 21.10 -18.70 -19.72
C LEU A 485 20.09 -19.46 -18.87
N VAL A 486 18.88 -19.64 -19.38
CA VAL A 486 17.86 -20.38 -18.66
C VAL A 486 18.28 -21.85 -18.48
N TRP A 487 18.75 -22.48 -19.56
CA TRP A 487 19.22 -23.85 -19.44
C TRP A 487 20.42 -23.94 -18.52
N ASN A 488 21.33 -22.95 -18.59
CA ASN A 488 22.49 -22.94 -17.71
C ASN A 488 22.07 -23.01 -16.25
N SER A 489 20.95 -22.36 -15.88
CA SER A 489 20.59 -22.29 -14.48
C SER A 489 20.19 -23.66 -13.93
N ILE A 490 19.75 -24.58 -14.80
CA ILE A 490 19.52 -25.95 -14.37
C ILE A 490 20.78 -26.77 -14.53
N GLN A 491 21.48 -26.61 -15.65
CA GLN A 491 22.61 -27.50 -15.91
C GLN A 491 23.78 -27.24 -14.97
N TYR A 492 23.92 -26.03 -14.44
CA TYR A 492 24.95 -25.71 -13.45
C TYR A 492 24.39 -25.62 -12.04
N SER A 493 23.13 -26.02 -11.83
CA SER A 493 22.62 -26.15 -10.48
C SER A 493 23.33 -27.30 -9.77
N SER A 494 23.00 -27.48 -8.49
CA SER A 494 23.53 -28.61 -7.74
C SER A 494 22.55 -29.76 -7.66
N MET A 495 21.58 -29.84 -8.57
CA MET A 495 20.81 -31.07 -8.69
C MET A 495 21.72 -32.23 -9.10
N ASN A 496 21.38 -33.44 -8.66
CA ASN A 496 22.10 -34.59 -9.19
C ASN A 496 21.63 -34.87 -10.63
N ALA A 497 22.32 -35.78 -11.33
CA ALA A 497 22.05 -35.95 -12.75
C ALA A 497 20.59 -36.36 -12.99
N THR A 498 20.04 -37.19 -12.13
CA THR A 498 18.65 -37.62 -12.29
C THR A 498 17.68 -36.47 -12.10
N GLU A 499 17.91 -35.64 -11.08
CA GLU A 499 17.05 -34.48 -10.87
C GLU A 499 17.14 -33.51 -12.04
N LYS A 500 18.34 -33.34 -12.59
CA LYS A 500 18.48 -32.41 -13.72
C LYS A 500 17.64 -32.86 -14.90
N LYS A 501 17.65 -34.16 -15.19
CA LYS A 501 16.87 -34.66 -16.32
C LYS A 501 15.39 -34.39 -16.11
N THR A 502 14.90 -34.64 -14.89
CA THR A 502 13.49 -34.39 -14.58
C THR A 502 13.17 -32.92 -14.70
N ALA A 503 14.06 -32.06 -14.18
CA ALA A 503 13.82 -30.62 -14.23
C ALA A 503 13.86 -30.10 -15.66
N LEU A 504 14.77 -30.62 -16.49
CA LEU A 504 14.83 -30.18 -17.88
C LEU A 504 13.59 -30.61 -18.66
N LYS A 505 13.01 -31.78 -18.35
CA LYS A 505 11.77 -32.17 -19.00
C LYS A 505 10.66 -31.17 -18.69
N LEU A 506 10.57 -30.78 -17.43
CA LEU A 506 9.58 -29.78 -17.02
C LEU A 506 9.86 -28.44 -17.67
N LEU A 507 11.14 -28.01 -17.67
CA LEU A 507 11.51 -26.75 -18.29
C LEU A 507 11.16 -26.75 -19.78
N GLN A 508 11.45 -27.85 -20.47
CA GLN A 508 11.18 -27.90 -21.90
C GLN A 508 9.69 -27.72 -22.19
N ALA A 509 8.84 -28.32 -21.34
CA ALA A 509 7.40 -28.17 -21.52
C ALA A 509 6.97 -26.73 -21.30
N LYS A 510 7.53 -26.10 -20.26
CA LYS A 510 7.24 -24.69 -19.99
C LYS A 510 7.72 -23.81 -21.13
N TRP A 511 8.92 -24.10 -21.65
CA TRP A 511 9.47 -23.33 -22.76
C TRP A 511 8.59 -23.42 -24.00
N ASN A 512 8.15 -24.64 -24.35
CA ASN A 512 7.30 -24.79 -25.53
C ASN A 512 5.99 -24.03 -25.37
N ASN A 513 5.41 -24.07 -24.18
CA ASN A 513 4.18 -23.33 -23.93
C ASN A 513 4.41 -21.84 -24.05
N PHE A 514 5.54 -21.38 -23.53
CA PHE A 514 5.92 -19.97 -23.59
C PHE A 514 6.11 -19.52 -25.04
N ILE A 515 6.74 -20.35 -25.86
CA ILE A 515 6.92 -19.98 -27.27
C ILE A 515 5.57 -19.83 -27.95
N ASN A 516 4.70 -20.85 -27.82
CA ASN A 516 3.40 -20.80 -28.48
C ASN A 516 2.58 -19.62 -27.99
N ASP A 517 2.51 -19.43 -26.67
CA ASP A 517 1.76 -18.32 -26.09
C ASP A 517 2.29 -16.98 -26.60
N SER A 518 3.62 -16.85 -26.73
CA SER A 518 4.21 -15.58 -27.14
C SER A 518 3.88 -15.26 -28.59
N LEU A 519 3.86 -16.27 -29.46
CA LEU A 519 3.52 -16.01 -30.86
C LEU A 519 2.09 -15.50 -30.98
N ILE A 520 1.17 -16.09 -30.22
CA ILE A 520 -0.20 -15.61 -30.22
C ILE A 520 -0.27 -14.20 -29.63
N LYS A 521 0.38 -14.01 -28.50
CA LYS A 521 0.25 -12.76 -27.75
C LYS A 521 0.79 -11.57 -28.53
N TRP A 522 1.90 -11.74 -29.22
CA TRP A 522 2.54 -10.67 -29.96
C TRP A 522 2.19 -10.70 -31.44
N LYS A 523 1.19 -11.50 -31.82
CA LYS A 523 0.65 -11.54 -33.17
C LYS A 523 1.73 -11.86 -34.20
N LEU A 524 2.51 -12.90 -33.91
CA LEU A 524 3.64 -13.30 -34.74
C LEU A 524 3.39 -14.57 -35.55
N THR A 525 2.21 -15.19 -35.42
CA THR A 525 2.03 -16.56 -35.90
C THR A 525 2.22 -16.67 -37.41
N ASN A 526 1.89 -15.63 -38.17
CA ASN A 526 2.01 -15.64 -39.62
C ASN A 526 3.32 -14.99 -40.06
N LYS A 527 4.36 -15.23 -39.26
CA LYS A 527 5.72 -14.72 -39.46
C LYS A 527 5.78 -13.19 -39.35
N VAL B 30 -46.69 -10.70 52.18
CA VAL B 30 -45.55 -10.35 51.33
C VAL B 30 -45.39 -11.36 50.19
N ARG B 31 -45.18 -10.87 48.96
CA ARG B 31 -44.86 -11.81 47.88
C ARG B 31 -43.38 -12.20 47.89
N PHE B 32 -42.49 -11.31 48.31
CA PHE B 32 -41.06 -11.61 48.45
C PHE B 32 -40.60 -11.25 49.86
N PRO B 33 -40.94 -12.08 50.85
CA PRO B 33 -40.57 -11.77 52.25
C PRO B 33 -39.06 -11.68 52.48
N THR B 34 -38.27 -12.43 51.74
CA THR B 34 -36.82 -12.43 51.87
C THR B 34 -36.19 -12.21 50.50
N MET B 35 -34.90 -11.89 50.51
CA MET B 35 -34.21 -11.66 49.25
C MET B 35 -34.06 -12.95 48.44
N ASP B 36 -34.01 -14.10 49.12
CA ASP B 36 -33.90 -15.36 48.39
C ASP B 36 -35.12 -15.58 47.49
N GLU B 37 -36.32 -15.32 48.00
CA GLU B 37 -37.49 -15.46 47.14
C GLU B 37 -37.47 -14.45 45.99
N TYR B 38 -37.08 -13.21 46.27
CA TYR B 38 -36.98 -12.22 45.20
C TYR B 38 -35.94 -12.64 44.16
N THR B 39 -34.75 -13.06 44.63
CA THR B 39 -33.70 -13.48 43.73
C THR B 39 -34.12 -14.67 42.88
N ASN B 40 -34.84 -15.62 43.47
CA ASN B 40 -35.25 -16.79 42.69
C ASN B 40 -36.21 -16.41 41.58
N ALA B 41 -37.17 -15.52 41.86
CA ALA B 41 -38.09 -15.09 40.81
C ALA B 41 -37.36 -14.31 39.73
N ARG B 42 -36.42 -13.46 40.13
CA ARG B 42 -35.63 -12.70 39.17
C ARG B 42 -34.81 -13.62 38.26
N GLU B 43 -34.12 -14.58 38.86
CA GLU B 43 -33.28 -15.49 38.08
C GLU B 43 -34.10 -16.42 37.20
N GLU B 44 -35.30 -16.78 37.64
CA GLU B 44 -36.18 -17.59 36.79
C GLU B 44 -36.58 -16.83 35.54
N LEU B 45 -36.93 -15.56 35.68
CA LEU B 45 -37.34 -14.75 34.54
C LEU B 45 -36.17 -14.51 33.58
N ILE B 46 -35.02 -14.10 34.12
CA ILE B 46 -33.84 -13.88 33.28
C ILE B 46 -33.37 -15.18 32.64
N GLY B 47 -33.40 -16.28 33.40
CA GLY B 47 -32.99 -17.55 32.83
C GLY B 47 -33.91 -18.01 31.73
N SER B 48 -35.21 -17.73 31.87
CA SER B 48 -36.14 -18.04 30.79
C SER B 48 -35.77 -17.31 29.51
N GLU B 49 -35.44 -16.02 29.62
CA GLU B 49 -35.01 -15.29 28.42
C GLU B 49 -33.72 -15.84 27.86
N GLN B 50 -32.78 -16.22 28.73
CA GLN B 50 -31.51 -16.76 28.24
C GLN B 50 -31.71 -18.07 27.51
N TYR B 51 -32.67 -18.89 27.96
CA TYR B 51 -32.94 -20.17 27.30
C TYR B 51 -33.63 -19.96 25.95
N LEU B 52 -34.51 -18.95 25.88
CA LEU B 52 -35.30 -18.67 24.69
C LEU B 52 -34.46 -18.13 23.53
N ARG B 53 -33.43 -17.35 23.84
CA ARG B 53 -32.68 -16.66 22.79
CA ARG B 53 -32.42 -16.69 23.00
C ARG B 53 -31.81 -17.63 21.97
N VAL B 54 -31.30 -17.09 20.86
CA VAL B 54 -30.42 -17.87 19.99
C VAL B 54 -29.32 -18.54 20.81
N GLY B 55 -29.14 -19.84 20.60
CA GLY B 55 -28.12 -20.59 21.30
C GLY B 55 -28.42 -20.90 22.75
N GLY B 56 -29.61 -20.57 23.23
CA GLY B 56 -29.87 -20.73 24.66
C GLY B 56 -29.93 -22.17 25.13
N SER B 57 -30.16 -23.11 24.22
CA SER B 57 -30.22 -24.52 24.60
C SER B 57 -28.88 -25.24 24.48
N ILE B 58 -27.83 -24.54 24.05
CA ILE B 58 -26.51 -25.14 23.91
C ILE B 58 -25.93 -25.46 25.27
N ASN B 59 -25.34 -26.65 25.40
CA ASN B 59 -24.60 -27.04 26.59
C ASN B 59 -23.12 -27.10 26.22
N LEU B 60 -22.35 -26.17 26.77
CA LEU B 60 -20.91 -26.12 26.50
C LEU B 60 -20.17 -27.16 27.33
N ASN B 61 -19.14 -27.76 26.75
CA ASN B 61 -18.30 -28.68 27.53
C ASN B 61 -17.34 -27.85 28.38
N ASN B 62 -16.53 -28.54 29.21
CA ASN B 62 -15.72 -27.84 30.20
C ASN B 62 -14.65 -26.95 29.55
N LYS B 63 -14.04 -27.40 28.44
CA LYS B 63 -13.08 -26.55 27.75
C LYS B 63 -13.76 -25.33 27.14
N GLU B 64 -14.92 -25.53 26.50
CA GLU B 64 -15.66 -24.40 25.95
C GLU B 64 -16.04 -23.41 27.04
N LYS B 65 -16.40 -23.92 28.22
CA LYS B 65 -16.77 -23.03 29.32
C LYS B 65 -15.61 -22.13 29.72
N LYS B 66 -14.38 -22.67 29.75
CA LYS B 66 -13.24 -21.83 30.11
C LYS B 66 -13.08 -20.69 29.11
N LEU B 67 -13.22 -20.98 27.82
CA LEU B 67 -13.15 -19.90 26.83
C LEU B 67 -14.34 -18.97 26.96
N ASN B 68 -15.54 -19.51 27.18
CA ASN B 68 -16.72 -18.66 27.37
C ASN B 68 -16.49 -17.68 28.50
N GLN B 69 -15.97 -18.16 29.64
CA GLN B 69 -15.80 -17.27 30.78
C GLN B 69 -14.83 -16.13 30.48
N PHE B 70 -13.77 -16.41 29.71
CA PHE B 70 -12.86 -15.34 29.30
C PHE B 70 -13.54 -14.34 28.37
N ILE B 71 -14.29 -14.84 27.38
CA ILE B 71 -15.05 -13.95 26.49
C ILE B 71 -15.97 -13.06 27.30
N LEU B 72 -16.69 -13.64 28.27
CA LEU B 72 -17.63 -12.85 29.06
C LEU B 72 -16.92 -11.86 29.97
N ARG B 73 -15.75 -12.21 30.51
CA ARG B 73 -14.96 -11.24 31.28
C ARG B 73 -14.58 -10.06 30.39
N GLU B 74 -14.12 -10.33 29.17
CA GLU B 74 -13.75 -9.26 28.26
C GLU B 74 -14.96 -8.43 27.85
N LYS B 75 -16.08 -9.08 27.58
CA LYS B 75 -17.27 -8.37 27.14
C LYS B 75 -17.78 -7.44 28.23
N ARG B 76 -17.80 -7.91 29.48
CA ARG B 76 -18.23 -7.05 30.57
C ARG B 76 -17.28 -5.87 30.77
N ALA B 77 -15.98 -6.10 30.60
CA ALA B 77 -15.01 -5.02 30.83
C ALA B 77 -15.25 -3.86 29.88
N ILE B 78 -15.46 -4.15 28.59
CA ILE B 78 -15.61 -3.06 27.64
C ILE B 78 -16.96 -2.38 27.81
N ILE B 79 -18.01 -3.14 28.12
CA ILE B 79 -19.33 -2.53 28.30
C ILE B 79 -19.38 -1.71 29.59
N GLU B 80 -18.86 -2.26 30.70
CA GLU B 80 -18.88 -1.51 31.94
C GLU B 80 -18.03 -0.24 31.85
N ASN B 81 -16.93 -0.26 31.10
CA ASN B 81 -16.15 0.96 30.95
C ASN B 81 -16.94 2.01 30.17
N SER B 82 -17.56 1.62 29.07
CA SER B 82 -18.36 2.58 28.31
C SER B 82 -19.49 3.13 29.17
N ARG B 83 -20.17 2.26 29.89
CA ARG B 83 -21.35 2.65 30.66
C ARG B 83 -20.99 3.50 31.87
N LEU B 84 -20.03 3.06 32.68
CA LEU B 84 -19.76 3.76 33.93
C LEU B 84 -18.78 4.91 33.76
N ASN B 85 -17.88 4.84 32.79
CA ASN B 85 -16.99 5.95 32.49
C ASN B 85 -17.56 6.85 31.39
N LYS B 86 -18.79 6.61 30.97
CA LYS B 86 -19.54 7.57 30.16
C LYS B 86 -18.82 7.92 28.87
N THR B 87 -18.51 6.87 28.10
CA THR B 87 -17.80 7.06 26.84
C THR B 87 -18.42 6.14 25.79
N GLN B 88 -18.25 6.53 24.53
CA GLN B 88 -18.96 5.83 23.46
C GLN B 88 -18.54 4.36 23.39
N TYR B 89 -19.51 3.51 23.05
CA TYR B 89 -19.32 2.07 22.89
C TYR B 89 -18.83 1.81 21.48
N ILE B 90 -17.52 1.65 21.34
CA ILE B 90 -16.91 1.58 20.01
C ILE B 90 -17.49 0.48 19.13
N PRO B 91 -17.83 -0.72 19.63
CA PRO B 91 -18.37 -1.73 18.71
C PRO B 91 -19.61 -1.28 17.99
N ALA B 92 -20.31 -0.26 18.50
CA ALA B 92 -21.58 0.14 17.90
C ALA B 92 -21.49 1.36 16.97
N VAL B 93 -20.33 2.03 16.89
CA VAL B 93 -20.23 3.24 16.07
C VAL B 93 -19.94 2.85 14.62
N SER B 94 -19.89 3.85 13.75
CA SER B 94 -19.59 3.60 12.34
C SER B 94 -18.38 2.68 12.18
N PHE B 95 -18.50 1.71 11.26
CA PHE B 95 -17.39 0.81 10.98
C PHE B 95 -16.13 1.57 10.58
N PHE B 96 -16.29 2.74 9.95
CA PHE B 96 -15.11 3.55 9.60
C PHE B 96 -14.28 3.86 10.85
N LEU B 97 -14.95 4.10 11.97
CA LEU B 97 -14.28 4.39 13.23
C LEU B 97 -13.91 3.14 14.01
N SER B 98 -14.77 2.12 14.00
CA SER B 98 -14.57 0.97 14.87
C SER B 98 -13.60 -0.06 14.32
N LYS B 99 -13.42 -0.13 12.99
CA LYS B 99 -12.62 -1.21 12.39
C LYS B 99 -11.23 -1.30 13.02
N SER B 100 -10.49 -0.18 13.04
CA SER B 100 -9.12 -0.25 13.52
C SER B 100 -9.06 -0.43 15.03
N GLN B 101 -10.14 -0.12 15.74
CA GLN B 101 -10.16 -0.28 17.20
C GLN B 101 -10.48 -1.70 17.63
N MET B 102 -11.45 -2.34 16.98
CA MET B 102 -11.84 -3.70 17.38
C MET B 102 -10.72 -4.69 17.13
N GLU B 103 -9.86 -4.45 16.14
CA GLU B 103 -8.94 -5.48 15.68
C GLU B 103 -7.86 -5.79 16.70
N SER B 104 -7.63 -4.90 17.67
CA SER B 104 -6.62 -5.13 18.69
C SER B 104 -7.17 -5.85 19.91
N THR B 105 -8.46 -6.18 19.91
CA THR B 105 -9.05 -6.70 21.16
C THR B 105 -9.07 -8.22 21.19
N PRO B 106 -8.97 -8.83 22.39
CA PRO B 106 -9.07 -10.30 22.46
C PRO B 106 -10.34 -10.88 21.85
N ILE B 107 -11.51 -10.25 22.06
CA ILE B 107 -12.73 -10.84 21.52
C ILE B 107 -12.67 -10.91 19.99
N PHE B 108 -12.21 -9.83 19.36
CA PHE B 108 -12.06 -9.85 17.91
C PHE B 108 -11.09 -10.92 17.48
N LYS B 109 -9.94 -11.03 18.17
CA LYS B 109 -8.95 -12.00 17.78
C LYS B 109 -9.48 -13.42 17.94
N ILE B 110 -10.32 -13.65 18.95
CA ILE B 110 -10.94 -14.97 19.11
C ILE B 110 -11.89 -15.24 17.96
N ILE B 111 -12.72 -14.26 17.59
CA ILE B 111 -13.67 -14.46 16.49
C ILE B 111 -12.93 -14.63 15.18
N LYS B 112 -11.80 -13.93 15.02
CA LYS B 112 -11.00 -14.10 13.80
C LYS B 112 -10.54 -15.54 13.66
N ASP B 113 -10.06 -16.15 14.76
CA ASP B 113 -9.58 -17.53 14.72
C ASP B 113 -10.71 -18.55 14.63
N MET B 114 -11.89 -18.18 15.08
CA MET B 114 -13.02 -19.10 15.14
C MET B 114 -13.44 -19.54 13.74
N PRO B 115 -13.73 -20.82 13.54
CA PRO B 115 -14.35 -21.22 12.27
C PRO B 115 -15.73 -20.60 12.19
N LYS B 116 -16.06 -20.05 11.02
CA LYS B 116 -17.33 -19.35 10.84
C LYS B 116 -18.42 -20.25 10.29
N GLY B 117 -18.08 -21.40 9.74
CA GLY B 117 -19.03 -22.19 8.99
C GLY B 117 -19.14 -21.64 7.58
N ALA B 118 -20.20 -20.86 7.34
CA ALA B 118 -20.50 -20.42 5.99
C ALA B 118 -20.86 -18.96 5.97
N ALA B 119 -20.60 -18.32 4.82
CA ALA B 119 -21.10 -16.99 4.52
C ALA B 119 -22.19 -17.18 3.47
N LEU B 120 -23.44 -16.92 3.85
CA LEU B 120 -24.56 -17.31 2.99
C LEU B 120 -25.13 -16.13 2.20
N HIS B 121 -24.67 -14.90 2.45
CA HIS B 121 -25.20 -13.72 1.75
C HIS B 121 -24.02 -12.88 1.28
N LEU B 122 -23.70 -13.01 -0.01
CA LEU B 122 -22.53 -12.38 -0.62
C LEU B 122 -22.88 -12.05 -2.06
N HIS B 123 -22.23 -11.02 -2.58
CA HIS B 123 -22.34 -10.63 -3.98
C HIS B 123 -20.98 -10.83 -4.66
N ASP B 124 -20.97 -11.50 -5.82
CA ASP B 124 -19.72 -11.95 -6.42
C ASP B 124 -18.84 -10.82 -6.98
N THR B 125 -19.33 -9.60 -7.09
CA THR B 125 -18.45 -8.51 -7.52
C THR B 125 -18.06 -7.62 -6.37
N ALA B 126 -18.27 -8.08 -5.16
CA ALA B 126 -18.06 -7.22 -4.02
C ALA B 126 -17.46 -7.98 -2.86
N SER B 127 -16.93 -9.18 -3.09
CA SER B 127 -16.54 -10.05 -1.99
C SER B 127 -15.04 -10.34 -1.93
N ALA B 128 -14.23 -9.66 -2.74
CA ALA B 128 -12.79 -9.78 -2.62
C ALA B 128 -12.19 -8.37 -2.51
N ARG B 129 -10.89 -8.30 -2.22
CA ARG B 129 -10.28 -7.02 -1.83
C ARG B 129 -10.16 -6.06 -3.00
N ILE B 130 -10.50 -4.80 -2.75
CA ILE B 130 -10.17 -3.74 -3.71
C ILE B 130 -8.66 -3.71 -3.95
N ASP B 131 -7.87 -3.97 -2.90
CA ASP B 131 -6.41 -4.02 -3.07
C ASP B 131 -6.00 -5.01 -4.14
N TRP B 132 -6.74 -6.11 -4.30
CA TRP B 132 -6.43 -7.08 -5.36
C TRP B 132 -6.83 -6.52 -6.73
N ILE B 133 -7.96 -5.84 -6.83
CA ILE B 133 -8.32 -5.15 -8.07
C ILE B 133 -7.20 -4.20 -8.47
N VAL B 134 -6.62 -3.50 -7.50
CA VAL B 134 -5.57 -2.53 -7.83
C VAL B 134 -4.25 -3.23 -8.13
N SER B 135 -3.77 -4.08 -7.21
CA SER B 135 -2.41 -4.62 -7.33
CA SER B 135 -2.41 -4.60 -7.34
C SER B 135 -2.32 -5.69 -8.41
N ASN B 136 -3.41 -6.38 -8.69
CA ASN B 136 -3.40 -7.41 -9.71
C ASN B 136 -4.14 -6.96 -10.96
N ALA B 137 -5.42 -6.63 -10.85
CA ALA B 137 -6.22 -6.44 -12.07
C ALA B 137 -5.75 -5.21 -12.86
N THR B 138 -5.46 -4.09 -12.18
CA THR B 138 -5.07 -2.91 -12.96
C THR B 138 -3.61 -2.97 -13.42
N TYR B 139 -2.88 -4.03 -13.11
CA TYR B 139 -1.56 -4.24 -13.66
C TYR B 139 -1.59 -5.15 -14.90
N ARG B 140 -2.78 -5.57 -15.33
CA ARG B 140 -2.85 -6.41 -16.52
C ARG B 140 -2.87 -5.57 -17.80
N ASP B 141 -2.49 -6.19 -18.91
CA ASP B 141 -2.47 -5.48 -20.18
C ASP B 141 -3.88 -5.06 -20.58
N HIS B 142 -3.97 -3.95 -21.31
CA HIS B 142 -5.21 -3.48 -21.94
C HIS B 142 -6.24 -2.95 -20.95
N VAL B 143 -5.83 -2.54 -19.76
CA VAL B 143 -6.74 -1.95 -18.78
C VAL B 143 -6.71 -0.43 -18.95
N TYR B 144 -7.89 0.17 -19.03
CA TYR B 144 -8.05 1.60 -19.21
C TYR B 144 -8.77 2.21 -18.02
N MET B 145 -8.52 3.49 -17.80
CA MET B 145 -9.18 4.25 -16.73
C MET B 145 -9.71 5.55 -17.30
N CYS B 146 -10.74 6.09 -16.66
CA CYS B 146 -11.19 7.42 -17.01
C CYS B 146 -11.83 8.04 -15.77
N MET B 147 -11.91 9.37 -15.76
CA MET B 147 -12.65 10.10 -14.73
C MET B 147 -14.02 10.47 -15.31
N ASP B 148 -15.08 10.04 -14.62
CA ASP B 148 -16.42 10.28 -15.13
C ASP B 148 -16.90 11.67 -14.72
N GLN B 149 -18.13 12.00 -15.12
CA GLN B 149 -18.62 13.36 -14.90
C GLN B 149 -18.92 13.68 -13.45
N ASP B 150 -18.96 12.67 -12.59
CA ASP B 150 -19.12 12.82 -11.15
C ASP B 150 -17.78 12.77 -10.42
N ASN B 151 -16.67 12.76 -11.17
CA ASN B 151 -15.30 12.80 -10.62
C ASN B 151 -14.94 11.52 -9.89
N PHE B 152 -15.38 10.38 -10.42
CA PHE B 152 -14.96 9.06 -9.96
C PHE B 152 -14.18 8.35 -11.06
N VAL B 153 -13.17 7.58 -10.67
CA VAL B 153 -12.44 6.76 -11.65
C VAL B 153 -13.29 5.55 -12.04
N ARG B 154 -13.28 5.23 -13.33
CA ARG B 154 -13.84 3.97 -13.82
C ARG B 154 -12.73 3.16 -14.49
N LEU B 155 -12.87 1.84 -14.46
CA LEU B 155 -11.89 0.92 -15.02
C LEU B 155 -12.55 -0.02 -16.01
N THR B 156 -11.88 -0.30 -17.13
CA THR B 156 -12.39 -1.31 -18.05
C THR B 156 -11.22 -1.95 -18.78
N VAL B 157 -11.54 -2.94 -19.62
CA VAL B 157 -10.57 -3.65 -20.46
C VAL B 157 -10.99 -3.49 -21.92
N SER B 158 -10.03 -3.17 -22.79
CA SER B 158 -10.28 -3.13 -24.23
C SER B 158 -9.07 -3.65 -24.98
N GLY B 159 -9.26 -4.72 -25.72
CA GLY B 159 -8.17 -5.29 -26.50
C GLY B 159 -7.92 -4.65 -27.84
N THR B 160 -8.70 -3.63 -28.23
CA THR B 160 -8.60 -3.01 -29.55
C THR B 160 -8.54 -1.48 -29.44
N GLY B 161 -7.67 -0.98 -28.58
CA GLY B 161 -7.49 0.44 -28.45
C GLY B 161 -8.47 1.05 -27.47
N PRO B 162 -8.29 2.34 -27.18
CA PRO B 162 -9.10 2.96 -26.13
C PRO B 162 -10.57 2.87 -26.48
N PRO B 163 -11.43 2.58 -25.51
CA PRO B 163 -12.87 2.63 -25.76
C PRO B 163 -13.30 4.03 -26.17
N ALA B 164 -14.49 4.12 -26.74
CA ALA B 164 -15.01 5.41 -27.19
C ALA B 164 -15.12 6.38 -26.02
N ASN B 165 -14.84 7.65 -26.28
CA ASN B 165 -14.95 8.72 -25.28
C ASN B 165 -16.42 9.08 -25.09
N SER B 166 -17.17 8.16 -24.49
CA SER B 166 -18.60 8.32 -24.28
C SER B 166 -18.82 8.87 -22.88
N GLY B 167 -18.58 10.17 -22.72
CA GLY B 167 -18.73 10.82 -21.43
C GLY B 167 -17.52 10.77 -20.53
N CYS B 168 -16.40 10.19 -20.99
CA CYS B 168 -15.16 10.24 -20.24
C CYS B 168 -14.02 9.85 -21.18
N GLU B 169 -12.84 10.37 -20.90
CA GLU B 169 -11.69 10.17 -21.76
C GLU B 169 -10.87 9.00 -21.22
N TRP B 170 -10.88 7.87 -21.93
CA TRP B 170 -10.17 6.69 -21.46
C TRP B 170 -8.68 6.83 -21.67
N LYS B 171 -7.91 6.39 -20.68
CA LYS B 171 -6.46 6.41 -20.73
C LYS B 171 -5.93 5.06 -20.30
N LEU B 172 -4.83 4.61 -20.92
CA LEU B 172 -4.24 3.34 -20.54
C LEU B 172 -3.65 3.44 -19.13
N VAL B 173 -4.06 2.55 -18.23
CA VAL B 173 -3.56 2.62 -16.86
C VAL B 173 -2.05 2.46 -16.81
N GLU B 174 -1.50 1.58 -17.67
CA GLU B 174 -0.05 1.36 -17.66
C GLU B 174 0.71 2.67 -17.88
N THR B 175 0.22 3.50 -18.80
CA THR B 175 0.86 4.79 -19.08
C THR B 175 0.62 5.79 -17.95
N GLU B 176 -0.60 5.85 -17.43
CA GLU B 176 -0.86 6.79 -16.34
C GLU B 176 0.00 6.44 -15.12
N ARG B 177 0.10 5.16 -14.79
CA ARG B 177 0.91 4.75 -13.65
C ARG B 177 2.39 5.09 -13.87
N ALA B 178 2.91 4.78 -15.06
CA ALA B 178 4.32 5.02 -15.34
C ALA B 178 4.66 6.50 -15.35
N ASN B 179 3.70 7.37 -15.67
CA ASN B 179 3.96 8.80 -15.70
C ASN B 179 3.60 9.51 -14.40
N SER B 180 3.14 8.79 -13.37
CA SER B 180 2.64 9.46 -12.17
C SER B 180 3.75 10.10 -11.35
N GLY B 181 4.96 9.54 -11.39
CA GLY B 181 6.03 10.01 -10.53
C GLY B 181 5.99 9.49 -9.11
N ASP B 182 4.93 8.79 -8.72
CA ASP B 182 4.85 8.17 -7.38
C ASP B 182 3.84 7.03 -7.54
N ILE B 183 4.37 5.85 -7.85
CA ILE B 183 3.48 4.73 -8.15
C ILE B 183 2.71 4.30 -6.92
N ALA B 184 3.34 4.32 -5.75
CA ALA B 184 2.62 3.95 -4.53
C ALA B 184 1.44 4.88 -4.29
N ALA B 185 1.63 6.18 -4.51
CA ALA B 185 0.53 7.13 -4.33
C ALA B 185 -0.53 6.94 -5.40
N PHE B 186 -0.12 6.62 -6.64
CA PHE B 186 -1.07 6.34 -7.69
C PHE B 186 -1.96 5.14 -7.33
N ASP B 187 -1.35 4.04 -6.90
CA ASP B 187 -2.15 2.85 -6.54
C ASP B 187 -3.01 3.13 -5.32
N HIS B 188 -2.47 3.85 -4.34
CA HIS B 188 -3.28 4.20 -3.17
C HIS B 188 -4.46 5.07 -3.59
N TRP B 189 -4.24 5.97 -4.56
CA TRP B 189 -5.34 6.83 -4.99
C TRP B 189 -6.44 6.00 -5.65
N LEU B 190 -6.07 5.03 -6.49
CA LEU B 190 -7.08 4.15 -7.08
C LEU B 190 -7.92 3.51 -5.99
N LYS B 191 -7.25 2.93 -5.00
CA LYS B 191 -7.95 2.28 -3.90
C LYS B 191 -8.86 3.27 -3.19
N SER B 192 -8.33 4.46 -2.90
CA SER B 192 -9.09 5.47 -2.16
CA SER B 192 -9.12 5.44 -2.15
C SER B 192 -10.32 5.95 -2.94
N ASN B 193 -10.21 6.01 -4.27
CA ASN B 193 -11.31 6.50 -5.10
C ASN B 193 -12.40 5.45 -5.29
N ILE B 194 -12.10 4.19 -4.96
CA ILE B 194 -13.04 3.11 -5.20
C ILE B 194 -13.68 2.61 -3.90
N SER B 195 -12.98 2.68 -2.77
CA SER B 195 -13.48 2.14 -1.50
C SER B 195 -14.51 3.06 -0.86
N LEU B 196 -15.54 2.47 -0.26
CA LEU B 196 -16.49 3.26 0.52
C LEU B 196 -16.02 3.55 1.94
N LEU B 197 -14.89 2.98 2.37
CA LEU B 197 -14.36 3.28 3.69
C LEU B 197 -13.21 4.29 3.67
N THR B 198 -12.99 4.98 2.55
CA THR B 198 -11.93 5.98 2.52
C THR B 198 -12.23 7.12 3.47
N THR B 199 -13.49 7.53 3.52
CA THR B 199 -14.05 8.44 4.51
C THR B 199 -15.21 7.73 5.19
N ASP B 200 -15.70 8.29 6.28
CA ASP B 200 -16.84 7.68 6.95
C ASP B 200 -18.10 7.90 6.12
N PRO B 201 -18.73 6.86 5.58
CA PRO B 201 -19.96 7.07 4.77
C PRO B 201 -21.06 7.78 5.53
N LEU B 202 -21.15 7.57 6.84
CA LEU B 202 -22.19 8.23 7.64
C LEU B 202 -22.00 9.75 7.67
N VAL B 203 -20.78 10.22 7.45
CA VAL B 203 -20.50 11.66 7.40
C VAL B 203 -20.55 12.17 5.96
N THR B 204 -19.87 11.48 5.05
CA THR B 204 -19.70 11.95 3.68
C THR B 204 -20.99 11.84 2.86
N TYR B 205 -21.79 10.82 3.12
CA TYR B 205 -23.00 10.53 2.35
C TYR B 205 -24.15 10.38 3.33
N PRO B 206 -24.55 11.49 3.98
CA PRO B 206 -25.32 11.40 5.21
C PRO B 206 -26.82 11.23 5.00
N SER B 207 -27.20 10.38 4.06
CA SER B 207 -28.60 10.02 3.87
C SER B 207 -28.65 8.71 3.09
N LEU B 208 -29.82 8.05 3.14
CA LEU B 208 -30.01 6.79 2.44
C LEU B 208 -29.72 6.95 0.95
N ASP B 209 -30.25 7.98 0.34
CA ASP B 209 -30.10 8.03 -1.10
C ASP B 209 -28.74 8.59 -1.52
N LYS B 210 -28.07 9.38 -0.67
CA LYS B 210 -26.68 9.75 -0.95
C LYS B 210 -25.75 8.55 -0.84
N VAL B 211 -25.92 7.72 0.20
CA VAL B 211 -24.99 6.60 0.30
C VAL B 211 -25.32 5.55 -0.75
N TRP B 212 -26.61 5.36 -1.10
CA TRP B 212 -26.91 4.43 -2.18
C TRP B 212 -26.39 4.96 -3.51
N GLY B 213 -26.38 6.28 -3.69
CA GLY B 213 -25.74 6.84 -4.88
C GLY B 213 -24.26 6.46 -4.96
N ARG B 214 -23.55 6.56 -3.82
CA ARG B 214 -22.15 6.18 -3.75
C ARG B 214 -21.96 4.67 -3.97
N PHE B 215 -22.82 3.85 -3.36
CA PHE B 215 -22.73 2.40 -3.51
C PHE B 215 -22.98 1.99 -4.96
N ASP B 216 -24.04 2.52 -5.57
CA ASP B 216 -24.28 2.30 -6.99
C ASP B 216 -23.05 2.71 -7.80
N LYS B 217 -22.46 3.87 -7.45
CA LYS B 217 -21.33 4.36 -8.21
C LYS B 217 -20.16 3.38 -8.12
N HIS B 218 -19.94 2.80 -6.94
CA HIS B 218 -18.84 1.84 -6.81
C HIS B 218 -18.97 0.72 -7.84
N PHE B 219 -20.17 0.15 -7.99
CA PHE B 219 -20.31 -0.92 -8.95
C PHE B 219 -20.07 -0.42 -10.38
N SER B 220 -20.47 0.81 -10.69
CA SER B 220 -20.19 1.36 -12.01
CA SER B 220 -20.19 1.36 -12.01
C SER B 220 -18.69 1.53 -12.24
N GLN B 221 -17.95 1.89 -11.18
CA GLN B 221 -16.51 2.09 -11.32
C GLN B 221 -15.82 0.80 -11.71
N LEU B 222 -16.26 -0.33 -11.15
CA LEU B 222 -15.57 -1.58 -11.42
C LEU B 222 -16.21 -2.44 -12.49
N ARG B 223 -17.40 -2.09 -13.00
CA ARG B 223 -18.16 -3.01 -13.85
CA ARG B 223 -18.16 -3.01 -13.84
C ARG B 223 -17.35 -3.46 -15.05
N GLY B 224 -16.72 -2.50 -15.75
CA GLY B 224 -15.98 -2.84 -16.95
C GLY B 224 -14.86 -3.83 -16.69
N ILE B 225 -14.02 -3.53 -15.70
CA ILE B 225 -12.85 -4.40 -15.48
C ILE B 225 -13.28 -5.74 -14.90
N ILE B 226 -14.28 -5.76 -14.01
CA ILE B 226 -14.58 -7.00 -13.29
C ILE B 226 -15.44 -7.94 -14.12
N TYR B 227 -15.95 -7.49 -15.28
CA TYR B 227 -16.64 -8.39 -16.20
C TYR B 227 -15.74 -8.98 -17.28
N HIS B 228 -14.47 -8.60 -17.34
CA HIS B 228 -13.51 -9.21 -18.27
C HIS B 228 -13.21 -10.62 -17.79
N THR B 229 -13.45 -11.62 -18.66
CA THR B 229 -13.50 -13.02 -18.20
C THR B 229 -12.31 -13.46 -17.34
N PRO B 230 -11.05 -13.31 -17.76
CA PRO B 230 -9.96 -13.83 -16.90
C PRO B 230 -9.86 -13.11 -15.57
N ILE B 231 -10.19 -11.82 -15.54
CA ILE B 231 -10.21 -11.11 -14.25
C ILE B 231 -11.36 -11.60 -13.39
N ARG B 232 -12.53 -11.81 -14.00
CA ARG B 232 -13.69 -12.30 -13.26
C ARG B 232 -13.42 -13.67 -12.68
N ARG B 233 -12.80 -14.55 -13.49
CA ARG B 233 -12.40 -15.88 -13.02
C ARG B 233 -11.48 -15.77 -11.81
N ASP B 234 -10.44 -14.95 -11.92
CA ASP B 234 -9.43 -14.83 -10.88
C ASP B 234 -9.98 -14.11 -9.66
N TYR B 235 -10.90 -13.16 -9.86
CA TYR B 235 -11.54 -12.48 -8.75
C TYR B 235 -12.38 -13.46 -7.93
N TYR B 236 -13.10 -14.34 -8.61
CA TYR B 236 -13.90 -15.34 -7.91
C TYR B 236 -13.01 -16.30 -7.13
N ARG B 237 -11.88 -16.69 -7.73
CA ARG B 237 -10.92 -17.50 -6.98
C ARG B 237 -10.43 -16.77 -5.73
N GLN B 238 -10.23 -15.45 -5.83
CA GLN B 238 -9.80 -14.68 -4.67
C GLN B 238 -10.87 -14.64 -3.58
N ILE B 239 -12.16 -14.62 -3.95
CA ILE B 239 -13.19 -14.74 -2.93
C ILE B 239 -12.99 -16.01 -2.12
N LEU B 240 -12.80 -17.15 -2.80
CA LEU B 240 -12.62 -18.41 -2.08
C LEU B 240 -11.36 -18.36 -1.22
N GLU B 241 -10.25 -17.85 -1.75
CA GLU B 241 -9.02 -17.76 -0.97
CA GLU B 241 -9.01 -17.74 -0.98
C GLU B 241 -9.21 -16.89 0.26
N GLU B 242 -9.79 -15.70 0.09
CA GLU B 242 -9.93 -14.81 1.22
C GLU B 242 -10.89 -15.39 2.27
N PHE B 243 -11.99 -15.98 1.82
CA PHE B 243 -12.95 -16.52 2.78
C PHE B 243 -12.35 -17.71 3.51
N ARG B 244 -11.61 -18.57 2.80
CA ARG B 244 -10.93 -19.64 3.51
C ARG B 244 -9.93 -19.09 4.53
N SER B 245 -9.26 -17.99 4.19
CA SER B 245 -8.26 -17.43 5.09
CA SER B 245 -8.26 -17.39 5.08
C SER B 245 -8.88 -16.85 6.37
N ASP B 246 -10.15 -16.44 6.32
CA ASP B 246 -10.88 -15.96 7.49
C ASP B 246 -11.61 -17.11 8.20
N ASN B 247 -11.22 -18.36 7.89
CA ASN B 247 -11.77 -19.58 8.51
CA ASN B 247 -11.77 -19.56 8.52
C ASN B 247 -13.25 -19.73 8.21
N VAL B 248 -13.63 -19.44 6.95
CA VAL B 248 -14.96 -19.74 6.40
C VAL B 248 -14.77 -20.94 5.51
N GLN B 249 -15.60 -21.98 5.68
CA GLN B 249 -15.39 -23.21 4.89
C GLN B 249 -16.34 -23.34 3.71
N TYR B 250 -17.30 -22.42 3.57
CA TYR B 250 -18.35 -22.60 2.57
C TYR B 250 -18.99 -21.26 2.27
N VAL B 251 -19.31 -21.02 0.99
CA VAL B 251 -20.02 -19.80 0.63
C VAL B 251 -21.19 -20.12 -0.32
N GLU B 252 -22.24 -19.31 -0.20
CA GLU B 252 -23.27 -19.23 -1.23
C GLU B 252 -23.25 -17.79 -1.75
N VAL B 253 -23.24 -17.62 -3.08
CA VAL B 253 -22.87 -16.35 -3.67
C VAL B 253 -23.91 -15.92 -4.71
N ARG B 254 -24.40 -14.69 -4.60
CA ARG B 254 -25.26 -14.12 -5.64
C ARG B 254 -24.39 -13.68 -6.82
N SER B 255 -24.82 -14.01 -8.03
CA SER B 255 -24.10 -13.63 -9.23
C SER B 255 -25.07 -13.39 -10.38
N SER B 256 -24.78 -12.37 -11.21
CA SER B 256 -25.62 -12.15 -12.39
CA SER B 256 -25.59 -12.13 -12.41
C SER B 256 -25.31 -13.17 -13.50
N LEU B 257 -24.11 -13.79 -13.47
CA LEU B 257 -23.61 -14.86 -14.34
C LEU B 257 -23.32 -14.49 -15.78
N SER B 258 -23.92 -13.42 -16.29
CA SER B 258 -23.97 -13.22 -17.74
C SER B 258 -23.08 -12.06 -18.15
N GLY B 259 -22.60 -12.13 -19.40
CA GLY B 259 -21.90 -11.01 -19.99
C GLY B 259 -20.40 -10.92 -19.74
N TYR B 260 -19.77 -11.97 -19.23
CA TYR B 260 -18.31 -11.95 -19.11
C TYR B 260 -17.70 -11.86 -20.51
N TYR B 261 -16.70 -11.00 -20.68
CA TYR B 261 -16.24 -10.75 -22.05
C TYR B 261 -14.73 -10.94 -22.18
N ASP B 262 -14.32 -11.43 -23.35
CA ASP B 262 -12.91 -11.72 -23.64
C ASP B 262 -12.22 -10.53 -24.32
N LEU B 263 -10.89 -10.64 -24.43
CA LEU B 263 -10.10 -9.61 -25.10
C LEU B 263 -10.57 -9.40 -26.54
N ASP B 264 -10.97 -10.46 -27.21
CA ASP B 264 -11.38 -10.34 -28.61
C ASP B 264 -12.81 -9.87 -28.75
N GLY B 265 -13.49 -9.56 -27.65
CA GLY B 265 -14.84 -9.07 -27.68
C GLY B 265 -15.93 -10.11 -27.51
N THR B 266 -15.58 -11.39 -27.45
CA THR B 266 -16.57 -12.44 -27.20
C THR B 266 -17.26 -12.18 -25.87
N VAL B 267 -18.60 -12.20 -25.88
CA VAL B 267 -19.42 -12.04 -24.69
C VAL B 267 -20.07 -13.39 -24.41
N HIS B 268 -19.91 -13.88 -23.20
CA HIS B 268 -20.38 -15.20 -22.81
C HIS B 268 -21.75 -15.13 -22.16
N ASP B 269 -22.44 -16.27 -22.20
CA ASP B 269 -23.81 -16.40 -21.70
C ASP B 269 -23.80 -16.83 -20.25
N PRO B 270 -24.97 -16.82 -19.59
CA PRO B 270 -24.99 -17.14 -18.16
C PRO B 270 -24.54 -18.56 -17.84
N GLU B 271 -24.83 -19.53 -18.72
CA GLU B 271 -24.39 -20.89 -18.43
C GLU B 271 -22.88 -20.96 -18.43
N TYR B 272 -22.22 -20.24 -19.36
CA TYR B 272 -20.77 -20.20 -19.34
C TYR B 272 -20.24 -19.62 -18.03
N GLY B 273 -20.83 -18.51 -17.58
CA GLY B 273 -20.41 -17.93 -16.31
C GLY B 273 -20.56 -18.89 -15.14
N LEU B 274 -21.67 -19.63 -15.12
CA LEU B 274 -21.88 -20.62 -14.06
C LEU B 274 -20.84 -21.74 -14.13
N GLN B 275 -20.58 -22.25 -15.35
CA GLN B 275 -19.56 -23.27 -15.54
C GLN B 275 -18.18 -22.75 -15.13
N LEU B 276 -17.89 -21.48 -15.42
CA LEU B 276 -16.60 -20.93 -15.03
C LEU B 276 -16.42 -20.98 -13.51
N TYR B 277 -17.44 -20.57 -12.77
CA TYR B 277 -17.37 -20.63 -11.32
C TYR B 277 -17.32 -22.06 -10.83
N LYS B 278 -18.05 -22.96 -11.49
CA LYS B 278 -18.04 -24.36 -11.07
C LYS B 278 -16.63 -24.95 -11.15
N ALA B 279 -15.92 -24.66 -12.24
CA ALA B 279 -14.58 -25.20 -12.43
C ALA B 279 -13.60 -24.62 -11.42
N VAL B 280 -13.69 -23.31 -11.15
CA VAL B 280 -12.82 -22.72 -10.13
C VAL B 280 -13.09 -23.37 -8.78
N THR B 281 -14.37 -23.57 -8.44
CA THR B 281 -14.70 -24.12 -7.13
C THR B 281 -14.19 -25.54 -6.99
N GLU B 282 -14.39 -26.36 -8.03
CA GLU B 282 -13.92 -27.73 -7.97
C GLU B 282 -12.40 -27.80 -7.81
N GLU B 283 -11.66 -26.96 -8.53
CA GLU B 283 -10.20 -26.91 -8.38
CA GLU B 283 -10.21 -26.92 -8.37
C GLU B 283 -9.81 -26.42 -6.99
N PHE B 284 -10.53 -25.42 -6.47
CA PHE B 284 -10.23 -24.92 -5.13
C PHE B 284 -10.42 -26.02 -4.07
N VAL B 285 -11.53 -26.76 -4.16
CA VAL B 285 -11.79 -27.84 -3.20
C VAL B 285 -10.77 -28.96 -3.37
N ARG B 286 -10.37 -29.27 -4.61
CA ARG B 286 -9.31 -30.24 -4.84
C ARG B 286 -8.03 -29.83 -4.11
N THR B 287 -7.67 -28.55 -4.21
CA THR B 287 -6.45 -28.04 -3.60
C THR B 287 -6.56 -28.01 -2.09
N TYR B 288 -7.75 -27.67 -1.59
CA TYR B 288 -8.01 -27.44 -0.16
C TYR B 288 -9.17 -28.31 0.33
N PRO B 289 -8.90 -29.57 0.65
CA PRO B 289 -9.96 -30.45 1.17
C PRO B 289 -10.52 -30.02 2.50
N ASP B 290 -9.91 -29.05 3.19
CA ASP B 290 -10.51 -28.48 4.39
C ASP B 290 -11.60 -27.47 4.08
N PHE B 291 -11.92 -27.28 2.80
CA PHE B 291 -12.93 -26.30 2.36
C PHE B 291 -14.11 -27.06 1.75
N SER B 292 -15.33 -26.76 2.23
CA SER B 292 -16.53 -27.46 1.77
C SER B 292 -16.96 -27.06 0.36
N GLY B 293 -16.74 -25.81 -0.04
CA GLY B 293 -17.06 -25.41 -1.41
C GLY B 293 -18.00 -24.23 -1.54
N ALA B 294 -18.78 -24.21 -2.62
CA ALA B 294 -19.60 -23.05 -2.95
C ALA B 294 -20.80 -23.47 -3.79
N LYS B 295 -21.86 -22.66 -3.70
CA LYS B 295 -23.02 -22.78 -4.60
C LYS B 295 -23.46 -21.36 -4.98
N ILE B 296 -24.19 -21.25 -6.10
CA ILE B 296 -24.43 -19.93 -6.71
C ILE B 296 -25.92 -19.64 -6.82
N ILE B 297 -26.31 -18.40 -6.53
CA ILE B 297 -27.67 -17.90 -6.72
C ILE B 297 -27.65 -16.87 -7.84
N LYS B 298 -28.54 -17.01 -8.83
CA LYS B 298 -28.63 -16.01 -9.88
C LYS B 298 -29.33 -14.77 -9.34
N SER B 299 -28.71 -13.59 -9.53
CA SER B 299 -29.31 -12.33 -9.12
C SER B 299 -29.57 -11.44 -10.32
N THR B 300 -30.65 -10.67 -10.21
CA THR B 300 -31.04 -9.71 -11.24
C THR B 300 -31.48 -8.44 -10.53
N ALA B 301 -31.10 -7.29 -11.08
CA ALA B 301 -31.46 -6.02 -10.46
C ALA B 301 -32.95 -5.76 -10.65
N ARG B 302 -33.58 -5.23 -9.59
CA ARG B 302 -35.02 -5.00 -9.57
C ARG B 302 -35.40 -3.68 -10.20
N VAL B 303 -34.62 -3.22 -11.19
CA VAL B 303 -34.96 -2.08 -12.00
C VAL B 303 -35.49 -2.47 -13.36
N LYS B 304 -35.47 -3.76 -13.69
CA LYS B 304 -35.81 -4.16 -15.06
C LYS B 304 -37.31 -4.39 -15.23
N PRO B 305 -37.80 -4.32 -16.47
CA PRO B 305 -39.21 -4.62 -16.74
C PRO B 305 -39.56 -6.05 -16.38
N ASN B 306 -40.84 -6.25 -16.05
CA ASN B 306 -41.36 -7.58 -15.72
C ASN B 306 -41.08 -8.58 -16.83
N THR B 307 -41.19 -8.15 -18.09
CA THR B 307 -40.93 -9.10 -19.18
C THR B 307 -39.50 -9.64 -19.15
N ASP B 308 -38.52 -8.84 -18.73
CA ASP B 308 -37.16 -9.35 -18.64
C ASP B 308 -36.97 -10.27 -17.43
N ILE B 309 -37.65 -9.97 -16.31
CA ILE B 309 -37.55 -10.85 -15.15
C ILE B 309 -38.15 -12.21 -15.48
N PHE B 310 -39.23 -12.23 -16.25
CA PHE B 310 -39.78 -13.51 -16.66
C PHE B 310 -38.71 -14.36 -17.33
N ASN B 311 -37.91 -13.75 -18.20
CA ASN B 311 -36.86 -14.50 -18.89
C ASN B 311 -35.80 -14.98 -17.91
N ASP B 312 -35.46 -14.17 -16.91
CA ASP B 312 -34.47 -14.62 -15.92
C ASP B 312 -35.03 -15.72 -15.03
N VAL B 313 -36.33 -15.72 -14.77
CA VAL B 313 -36.94 -16.85 -14.06
C VAL B 313 -36.83 -18.11 -14.91
N LYS B 314 -37.15 -18.00 -16.21
CA LYS B 314 -37.02 -19.15 -17.09
C LYS B 314 -35.57 -19.63 -17.16
N LEU B 315 -34.63 -18.70 -17.26
CA LEU B 315 -33.22 -19.08 -17.26
C LEU B 315 -32.86 -19.82 -15.98
N SER B 316 -33.32 -19.31 -14.84
CA SER B 316 -33.02 -19.93 -13.57
C SER B 316 -33.63 -21.32 -13.48
N MET B 317 -34.85 -21.49 -13.99
CA MET B 317 -35.45 -22.83 -14.01
C MET B 317 -34.57 -23.81 -14.75
N ASP B 318 -34.01 -23.39 -15.89
CA ASP B 318 -33.19 -24.27 -16.72
C ASP B 318 -31.89 -24.63 -16.00
N LEU B 319 -31.21 -23.63 -15.44
CA LEU B 319 -29.93 -23.91 -14.76
C LEU B 319 -30.15 -24.73 -13.50
N TYR B 320 -31.28 -24.50 -12.81
CA TYR B 320 -31.62 -25.29 -11.62
C TYR B 320 -31.85 -26.75 -11.98
N LYS B 321 -32.53 -27.00 -13.11
CA LYS B 321 -32.74 -28.38 -13.56
C LYS B 321 -31.43 -29.04 -13.96
N ARG B 322 -30.53 -28.32 -14.62
CA ARG B 322 -29.38 -28.97 -15.24
C ARG B 322 -28.11 -28.88 -14.40
N TYR B 323 -28.07 -28.01 -13.38
CA TYR B 323 -26.95 -27.91 -12.45
C TYR B 323 -27.43 -28.08 -11.01
N PRO B 324 -28.07 -29.21 -10.69
CA PRO B 324 -28.72 -29.33 -9.37
C PRO B 324 -27.75 -29.26 -8.20
N GLY B 325 -26.50 -29.69 -8.37
CA GLY B 325 -25.59 -29.58 -7.23
C GLY B 325 -25.07 -28.19 -6.93
N PHE B 326 -25.20 -27.26 -7.85
CA PHE B 326 -24.40 -26.05 -7.82
C PHE B 326 -25.23 -24.79 -7.97
N PHE B 327 -26.27 -24.81 -8.81
CA PHE B 327 -27.15 -23.65 -8.99
C PHE B 327 -28.33 -23.76 -8.03
N LEU B 328 -28.54 -22.72 -7.22
CA LEU B 328 -29.52 -22.79 -6.13
C LEU B 328 -30.89 -22.20 -6.47
N GLY B 329 -30.95 -21.18 -7.29
CA GLY B 329 -32.21 -20.45 -7.47
C GLY B 329 -31.94 -18.99 -7.80
N PHE B 330 -32.89 -18.13 -7.41
CA PHE B 330 -32.99 -16.78 -7.96
C PHE B 330 -33.21 -15.76 -6.86
N ASP B 331 -32.73 -14.54 -7.10
CA ASP B 331 -32.87 -13.42 -6.17
C ASP B 331 -32.96 -12.12 -6.96
N LEU B 332 -33.68 -11.14 -6.42
CA LEU B 332 -33.75 -9.79 -6.97
C LEU B 332 -32.97 -8.84 -6.06
N VAL B 333 -32.08 -8.04 -6.67
CA VAL B 333 -31.18 -7.20 -5.88
C VAL B 333 -31.28 -5.76 -6.33
N ALA B 334 -30.39 -4.91 -5.81
CA ALA B 334 -30.33 -3.46 -5.99
C ALA B 334 -31.30 -2.76 -5.04
N GLN B 335 -31.33 -1.44 -5.05
CA GLN B 335 -31.96 -0.74 -3.92
C GLN B 335 -33.45 -1.08 -3.84
N GLU B 336 -33.90 -1.45 -2.64
CA GLU B 336 -35.26 -1.96 -2.53
C GLU B 336 -36.31 -0.84 -2.49
N ASP B 337 -36.03 0.27 -1.80
CA ASP B 337 -37.10 1.26 -1.56
C ASP B 337 -37.67 1.87 -2.83
N PRO B 338 -36.87 2.35 -3.79
CA PRO B 338 -37.44 3.10 -4.92
C PRO B 338 -37.75 2.27 -6.14
N ASN B 339 -37.45 0.98 -6.11
CA ASN B 339 -37.51 0.15 -7.30
C ASN B 339 -38.68 -0.82 -7.18
N THR B 340 -38.68 -1.86 -8.01
CA THR B 340 -39.86 -2.70 -8.18
C THR B 340 -40.02 -3.71 -7.04
N SER B 341 -41.26 -3.83 -6.56
CA SER B 341 -41.55 -4.76 -5.48
C SER B 341 -41.66 -6.17 -6.01
N LEU B 342 -41.66 -7.15 -5.09
CA LEU B 342 -41.91 -8.52 -5.51
C LEU B 342 -43.30 -8.63 -6.13
N LEU B 343 -44.29 -7.93 -5.56
CA LEU B 343 -45.64 -7.98 -6.13
C LEU B 343 -45.65 -7.45 -7.56
N GLY B 344 -44.79 -6.48 -7.86
CA GLY B 344 -44.69 -5.98 -9.24
C GLY B 344 -44.12 -6.98 -10.23
N TYR B 345 -43.54 -8.06 -9.75
CA TYR B 345 -43.05 -9.16 -10.58
C TYR B 345 -43.83 -10.46 -10.36
N ILE B 346 -45.02 -10.42 -9.77
CA ILE B 346 -45.54 -11.63 -9.13
C ILE B 346 -45.86 -12.72 -10.16
N ASP B 347 -46.32 -12.34 -11.36
CA ASP B 347 -46.64 -13.36 -12.33
C ASP B 347 -45.39 -14.07 -12.82
N SER B 348 -44.28 -13.32 -12.96
CA SER B 348 -43.01 -13.98 -13.26
C SER B 348 -42.59 -14.90 -12.13
N LEU B 349 -42.71 -14.42 -10.88
CA LEU B 349 -42.21 -15.23 -9.77
C LEU B 349 -43.10 -16.43 -9.48
N LEU B 350 -44.40 -16.36 -9.81
CA LEU B 350 -45.28 -17.51 -9.65
C LEU B 350 -45.20 -18.49 -10.82
N TYR B 351 -44.58 -18.10 -11.93
CA TYR B 351 -44.61 -18.96 -13.12
C TYR B 351 -44.11 -20.38 -12.85
N PRO B 352 -42.99 -20.60 -12.15
CA PRO B 352 -42.59 -22.00 -11.91
C PRO B 352 -43.65 -22.83 -11.21
N SER B 353 -44.26 -22.31 -10.16
CA SER B 353 -45.23 -23.09 -9.38
C SER B 353 -46.50 -23.38 -10.17
N ARG B 354 -46.74 -22.62 -11.24
CA ARG B 354 -47.95 -22.75 -12.04
C ARG B 354 -47.78 -23.67 -13.24
N GLN B 355 -46.58 -24.19 -13.47
CA GLN B 355 -46.37 -25.09 -14.59
C GLN B 355 -47.02 -26.45 -14.34
N ASN B 356 -47.16 -27.23 -15.41
CA ASN B 356 -47.74 -28.57 -15.32
C ASN B 356 -46.72 -29.58 -15.85
N PRO B 357 -46.02 -30.31 -14.99
CA PRO B 357 -46.08 -30.30 -13.52
C PRO B 357 -45.38 -29.08 -12.93
N PRO B 358 -45.66 -28.74 -11.68
CA PRO B 358 -45.01 -27.58 -11.07
C PRO B 358 -43.50 -27.74 -10.98
N VAL B 359 -42.80 -26.61 -11.06
CA VAL B 359 -41.38 -26.52 -10.77
C VAL B 359 -41.22 -25.64 -9.53
N SER B 360 -40.51 -26.14 -8.53
CA SER B 360 -40.24 -25.35 -7.32
C SER B 360 -38.90 -24.66 -7.44
N LEU B 361 -38.87 -23.54 -8.18
CA LEU B 361 -37.64 -22.74 -8.29
C LEU B 361 -37.36 -22.07 -6.94
N PRO B 362 -36.25 -22.36 -6.28
CA PRO B 362 -35.98 -21.72 -4.98
C PRO B 362 -35.65 -20.26 -5.12
N TYR B 363 -36.07 -19.49 -4.12
CA TYR B 363 -35.87 -18.05 -4.05
C TYR B 363 -35.15 -17.65 -2.77
N TYR B 364 -34.30 -16.64 -2.87
CA TYR B 364 -33.49 -16.15 -1.77
C TYR B 364 -33.67 -14.64 -1.62
N PHE B 365 -34.91 -14.17 -1.68
CA PHE B 365 -35.18 -12.74 -1.85
C PHE B 365 -34.53 -11.85 -0.78
N HIS B 366 -33.72 -10.89 -1.21
CA HIS B 366 -33.54 -9.67 -0.44
C HIS B 366 -34.92 -9.09 -0.14
N ALA B 367 -35.24 -8.85 1.13
CA ALA B 367 -36.60 -8.38 1.42
C ALA B 367 -36.65 -7.63 2.75
N GLY B 368 -37.41 -6.54 2.79
CA GLY B 368 -37.54 -5.76 4.01
C GLY B 368 -36.30 -4.99 4.41
N GLU B 369 -35.41 -4.66 3.45
CA GLU B 369 -34.21 -3.91 3.74
C GLU B 369 -34.58 -2.43 3.78
N THR B 370 -35.33 -2.06 4.83
CA THR B 370 -35.97 -0.75 4.79
C THR B 370 -36.31 -0.32 6.20
N ASN B 371 -36.36 1.00 6.39
CA ASN B 371 -36.96 1.59 7.60
C ASN B 371 -38.45 1.87 7.45
N TRP B 372 -39.04 1.69 6.25
CA TRP B 372 -40.45 1.98 6.06
C TRP B 372 -41.33 0.92 6.72
N GLN B 373 -42.55 1.32 7.05
CA GLN B 373 -43.50 0.41 7.67
C GLN B 373 -44.86 0.59 7.02
N GLY B 374 -45.50 -0.54 6.70
CA GLY B 374 -46.82 -0.47 6.10
C GLY B 374 -46.80 -0.02 4.67
N THR B 375 -45.65 -0.12 4.01
CA THR B 375 -45.51 0.30 2.61
C THR B 375 -45.30 -0.90 1.70
N GLU B 376 -45.25 -0.60 0.40
CA GLU B 376 -44.95 -1.63 -0.59
C GLU B 376 -43.60 -2.28 -0.35
N VAL B 377 -42.66 -1.57 0.29
CA VAL B 377 -41.31 -2.11 0.48
C VAL B 377 -41.30 -3.15 1.59
N ASP B 378 -41.75 -2.78 2.80
CA ASP B 378 -41.66 -3.79 3.85
C ASP B 378 -42.67 -4.92 3.65
N TYR B 379 -43.74 -4.69 2.90
CA TYR B 379 -44.65 -5.78 2.59
C TYR B 379 -44.04 -6.78 1.59
N ASN B 380 -42.87 -6.47 1.01
CA ASN B 380 -42.11 -7.51 0.28
C ASN B 380 -41.88 -8.74 1.15
N LEU B 381 -41.78 -8.56 2.47
CA LEU B 381 -41.60 -9.71 3.36
C LEU B 381 -42.78 -10.68 3.25
N VAL B 382 -43.99 -10.15 3.15
CA VAL B 382 -45.16 -11.01 2.99
C VAL B 382 -45.05 -11.84 1.74
N ASP B 383 -44.71 -11.20 0.63
CA ASP B 383 -44.62 -11.92 -0.63
C ASP B 383 -43.47 -12.92 -0.63
N ALA B 384 -42.35 -12.57 0.01
CA ALA B 384 -41.22 -13.50 0.08
C ALA B 384 -41.65 -14.80 0.75
N LEU B 385 -42.47 -14.71 1.81
CA LEU B 385 -42.92 -15.93 2.47
C LEU B 385 -43.93 -16.68 1.61
N LEU B 386 -44.85 -15.95 0.95
CA LEU B 386 -45.86 -16.66 0.17
C LEU B 386 -45.21 -17.36 -1.03
N LEU B 387 -44.10 -16.83 -1.52
CA LEU B 387 -43.34 -17.44 -2.60
C LEU B 387 -42.37 -18.51 -2.11
N ASN B 388 -42.44 -18.88 -0.82
CA ASN B 388 -41.67 -20.00 -0.25
C ASN B 388 -40.17 -19.74 -0.29
N ALA B 389 -39.76 -18.51 0.01
CA ALA B 389 -38.33 -18.20 0.03
C ALA B 389 -37.60 -19.16 0.97
N THR B 390 -36.41 -19.61 0.52
CA THR B 390 -35.59 -20.49 1.33
C THR B 390 -34.91 -19.73 2.45
N ARG B 391 -34.38 -18.56 2.15
CA ARG B 391 -33.87 -17.61 3.12
C ARG B 391 -34.33 -16.23 2.68
N ILE B 392 -34.29 -15.28 3.61
CA ILE B 392 -34.60 -13.89 3.35
C ILE B 392 -33.35 -13.07 3.56
N GLY B 393 -33.01 -12.19 2.60
CA GLY B 393 -31.87 -11.30 2.80
C GLY B 393 -32.28 -10.07 3.60
N HIS B 394 -31.54 -9.78 4.67
CA HIS B 394 -31.70 -8.59 5.53
C HIS B 394 -32.88 -8.69 6.47
N GLY B 395 -34.10 -8.60 5.95
CA GLY B 395 -35.27 -8.63 6.80
C GLY B 395 -35.28 -7.57 7.89
N PHE B 396 -34.73 -6.40 7.61
CA PHE B 396 -34.61 -5.38 8.66
C PHE B 396 -35.97 -4.99 9.21
N ALA B 397 -36.98 -4.94 8.37
CA ALA B 397 -38.33 -4.57 8.81
C ALA B 397 -39.10 -5.70 9.48
N LEU B 398 -38.50 -6.89 9.61
CA LEU B 398 -39.27 -8.06 10.04
C LEU B 398 -39.85 -7.87 11.44
N ILE B 399 -39.11 -7.23 12.36
CA ILE B 399 -39.58 -7.09 13.74
C ILE B 399 -40.87 -6.27 13.81
N LYS B 400 -41.20 -5.49 12.77
CA LYS B 400 -42.47 -4.77 12.75
C LYS B 400 -43.62 -5.62 12.25
N HIS B 401 -43.40 -6.90 11.92
CA HIS B 401 -44.41 -7.75 11.29
C HIS B 401 -44.63 -9.04 12.04
N PRO B 402 -45.41 -9.01 13.12
CA PRO B 402 -45.54 -10.22 13.98
C PRO B 402 -46.06 -11.45 13.26
N ARG B 403 -47.02 -11.30 12.32
CA ARG B 403 -47.54 -12.48 11.63
C ARG B 403 -46.51 -13.07 10.65
N VAL B 404 -45.69 -12.23 10.04
CA VAL B 404 -44.63 -12.75 9.19
C VAL B 404 -43.58 -13.48 10.03
N ILE B 405 -43.28 -12.94 11.22
CA ILE B 405 -42.33 -13.62 12.12
C ILE B 405 -42.80 -15.05 12.43
N GLU B 406 -44.10 -15.23 12.66
CA GLU B 406 -44.63 -16.57 12.96
C GLU B 406 -44.28 -17.55 11.84
N LEU B 407 -44.45 -17.13 10.58
CA LEU B 407 -44.18 -18.00 9.45
C LEU B 407 -42.69 -18.24 9.28
N VAL B 408 -41.88 -17.20 9.48
CA VAL B 408 -40.42 -17.38 9.42
C VAL B 408 -39.99 -18.46 10.39
N LYS B 409 -40.51 -18.42 11.64
CA LYS B 409 -40.12 -19.42 12.62
C LYS B 409 -40.66 -20.79 12.28
N SER B 410 -41.95 -20.88 11.93
CA SER B 410 -42.54 -22.20 11.77
C SER B 410 -42.01 -22.91 10.53
N ARG B 411 -41.67 -22.17 9.47
CA ARG B 411 -41.11 -22.77 8.26
C ARG B 411 -39.59 -22.86 8.29
N GLY B 412 -38.94 -22.30 9.30
CA GLY B 412 -37.49 -22.34 9.33
C GLY B 412 -36.79 -21.60 8.21
N VAL B 413 -37.23 -20.39 7.92
CA VAL B 413 -36.66 -19.54 6.86
C VAL B 413 -35.61 -18.65 7.52
N ALA B 414 -34.32 -18.95 7.31
CA ALA B 414 -33.31 -18.15 7.99
C ALA B 414 -33.26 -16.74 7.42
N VAL B 415 -33.09 -15.76 8.30
CA VAL B 415 -32.85 -14.37 7.95
C VAL B 415 -31.35 -14.15 7.84
N GLU B 416 -30.90 -13.68 6.68
CA GLU B 416 -29.49 -13.37 6.44
C GLU B 416 -29.23 -11.97 6.96
N VAL B 417 -28.52 -11.86 8.08
CA VAL B 417 -28.33 -10.59 8.76
C VAL B 417 -26.92 -10.09 8.44
N ASN B 418 -26.86 -8.87 7.89
CA ASN B 418 -25.63 -8.27 7.36
C ASN B 418 -25.42 -6.95 8.08
N PRO B 419 -24.85 -6.98 9.30
CA PRO B 419 -24.92 -5.77 10.14
C PRO B 419 -24.09 -4.60 9.62
N VAL B 420 -22.85 -4.80 9.18
CA VAL B 420 -22.06 -3.67 8.70
C VAL B 420 -22.75 -3.04 7.48
N SER B 421 -23.24 -3.88 6.57
CA SER B 421 -23.97 -3.39 5.41
C SER B 421 -25.15 -2.52 5.83
N ASN B 422 -25.96 -3.00 6.78
CA ASN B 422 -27.16 -2.25 7.18
C ASN B 422 -26.80 -0.91 7.81
N GLN B 423 -25.66 -0.84 8.51
CA GLN B 423 -25.24 0.44 9.06
C GLN B 423 -24.72 1.38 7.97
N LEU B 424 -23.77 0.91 7.16
CA LEU B 424 -23.15 1.81 6.19
C LEU B 424 -24.15 2.22 5.11
N LEU B 425 -25.08 1.34 4.74
CA LEU B 425 -26.05 1.66 3.70
C LEU B 425 -27.34 2.26 4.25
N GLY B 426 -27.31 2.80 5.48
CA GLY B 426 -28.28 3.80 5.85
C GLY B 426 -29.50 3.35 6.61
N LEU B 427 -29.53 2.12 7.13
CA LEU B 427 -30.72 1.68 7.88
C LEU B 427 -30.60 1.97 9.37
N VAL B 428 -29.40 2.17 9.89
CA VAL B 428 -29.25 2.31 11.34
C VAL B 428 -27.90 2.96 11.61
N LYS B 429 -27.81 3.69 12.73
CA LYS B 429 -26.55 4.37 13.08
C LYS B 429 -25.83 3.66 14.21
N ASP B 430 -26.48 3.55 15.37
CA ASP B 430 -25.93 2.79 16.50
C ASP B 430 -26.35 1.33 16.32
N LEU B 431 -25.37 0.42 16.17
CA LEU B 431 -25.74 -0.95 15.81
C LEU B 431 -26.50 -1.68 16.92
N ARG B 432 -26.52 -1.13 18.14
CA ARG B 432 -27.38 -1.75 19.16
C ARG B 432 -28.86 -1.53 18.86
N ASN B 433 -29.19 -0.64 17.94
CA ASN B 433 -30.55 -0.46 17.43
C ASN B 433 -30.84 -1.34 16.22
N HIS B 434 -29.91 -2.22 15.85
CA HIS B 434 -30.18 -3.11 14.73
C HIS B 434 -31.41 -3.98 14.98
N ALA B 435 -32.29 -4.03 13.98
CA ALA B 435 -33.59 -4.66 14.18
C ALA B 435 -33.49 -6.17 14.28
N ALA B 436 -32.32 -6.76 14.04
CA ALA B 436 -32.20 -8.18 14.25
C ALA B 436 -31.98 -8.54 15.71
N ALA B 437 -31.61 -7.57 16.58
CA ALA B 437 -31.45 -7.93 17.98
C ALA B 437 -32.74 -8.50 18.58
N PRO B 438 -33.91 -7.90 18.36
CA PRO B 438 -35.14 -8.51 18.89
C PRO B 438 -35.47 -9.82 18.20
N LEU B 439 -35.05 -10.03 16.95
CA LEU B 439 -35.27 -11.33 16.32
C LEU B 439 -34.46 -12.41 17.01
N LEU B 440 -33.17 -12.13 17.25
CA LEU B 440 -32.33 -13.11 17.95
C LEU B 440 -32.86 -13.40 19.35
N ALA B 441 -33.44 -12.41 20.02
CA ALA B 441 -33.94 -12.64 21.37
C ALA B 441 -35.13 -13.60 21.39
N GLN B 442 -35.86 -13.73 20.28
CA GLN B 442 -36.94 -14.71 20.24
C GLN B 442 -36.58 -15.94 19.40
N ASN B 443 -35.29 -16.12 19.11
CA ASN B 443 -34.79 -17.28 18.39
C ASN B 443 -35.39 -17.41 16.98
N VAL B 444 -35.61 -16.29 16.30
CA VAL B 444 -35.80 -16.34 14.85
C VAL B 444 -34.55 -16.92 14.22
N PRO B 445 -34.65 -17.83 13.25
CA PRO B 445 -33.43 -18.38 12.62
C PRO B 445 -32.66 -17.30 11.88
N VAL B 446 -31.38 -17.15 12.24
CA VAL B 446 -30.53 -16.09 11.70
C VAL B 446 -29.19 -16.69 11.33
N VAL B 447 -28.64 -16.24 10.20
CA VAL B 447 -27.24 -16.45 9.85
C VAL B 447 -26.61 -15.08 9.66
N ILE B 448 -25.36 -14.92 10.08
CA ILE B 448 -24.65 -13.64 9.92
C ILE B 448 -23.86 -13.70 8.63
N SER B 449 -23.84 -12.61 7.88
CA SER B 449 -23.02 -12.56 6.68
C SER B 449 -22.49 -11.15 6.47
N SER B 450 -21.65 -10.99 5.46
CA SER B 450 -20.96 -9.72 5.26
C SER B 450 -21.43 -8.93 4.05
N ASP B 451 -22.17 -9.55 3.11
CA ASP B 451 -22.84 -8.88 1.99
C ASP B 451 -21.86 -8.42 0.90
N ASP B 452 -21.16 -7.32 1.16
CA ASP B 452 -20.25 -6.72 0.18
C ASP B 452 -18.97 -6.30 0.87
N PRO B 453 -18.28 -7.23 1.53
CA PRO B 453 -17.13 -6.84 2.37
C PRO B 453 -16.03 -6.14 1.60
N GLY B 454 -15.82 -6.47 0.33
CA GLY B 454 -14.78 -5.79 -0.42
C GLY B 454 -15.05 -4.31 -0.61
N VAL B 455 -16.32 -3.93 -0.68
CA VAL B 455 -16.68 -2.55 -1.00
C VAL B 455 -16.21 -1.60 0.10
N TRP B 456 -16.26 -2.05 1.36
CA TRP B 456 -15.92 -1.16 2.47
C TRP B 456 -14.84 -1.77 3.36
N GLU B 457 -13.97 -2.60 2.78
CA GLU B 457 -12.72 -3.06 3.40
C GLU B 457 -12.93 -3.95 4.62
N ALA B 458 -14.04 -4.69 4.69
CA ALA B 458 -14.27 -5.64 5.77
C ALA B 458 -13.63 -6.99 5.42
N LEU B 459 -13.41 -7.79 6.46
CA LEU B 459 -13.02 -9.18 6.29
C LEU B 459 -14.21 -9.98 5.78
N PRO B 460 -13.97 -11.19 5.30
CA PRO B 460 -15.09 -12.01 4.82
C PRO B 460 -16.19 -12.21 5.85
N MET B 461 -15.84 -12.50 7.10
CA MET B 461 -16.85 -12.70 8.15
C MET B 461 -16.50 -12.10 9.50
N SER B 462 -15.22 -11.92 9.85
CA SER B 462 -14.92 -11.66 11.26
C SER B 462 -15.46 -10.32 11.74
N HIS B 463 -15.41 -9.29 10.89
CA HIS B 463 -15.92 -7.99 11.33
C HIS B 463 -17.43 -8.06 11.60
N ASP B 464 -18.18 -8.70 10.70
CA ASP B 464 -19.63 -8.75 10.88
C ASP B 464 -19.99 -9.64 12.05
N MET B 465 -19.24 -10.73 12.25
CA MET B 465 -19.52 -11.59 13.40
C MET B 465 -19.20 -10.87 14.71
N TYR B 466 -18.12 -10.08 14.74
CA TYR B 466 -17.81 -9.29 15.93
C TYR B 466 -18.93 -8.29 16.24
N VAL B 467 -19.38 -7.51 15.24
CA VAL B 467 -20.41 -6.52 15.57
C VAL B 467 -21.74 -7.22 15.92
N ALA B 468 -22.06 -8.35 15.28
CA ALA B 468 -23.27 -9.06 15.71
C ALA B 468 -23.13 -9.50 17.16
N PHE B 469 -21.97 -10.01 17.52
CA PHE B 469 -21.76 -10.51 18.88
C PHE B 469 -21.76 -9.38 19.91
N MET B 470 -21.22 -8.21 19.58
CA MET B 470 -21.11 -7.15 20.55
C MET B 470 -22.31 -6.23 20.58
N ASP B 471 -23.10 -6.18 19.51
CA ASP B 471 -24.18 -5.20 19.38
C ASP B 471 -25.56 -5.80 19.31
N LEU B 472 -25.70 -7.04 18.82
CA LEU B 472 -27.02 -7.58 18.56
C LEU B 472 -27.47 -8.61 19.59
N VAL B 473 -26.62 -8.95 20.56
CA VAL B 473 -26.96 -9.76 21.72
C VAL B 473 -26.32 -9.08 22.93
N GLY B 474 -26.65 -9.57 24.11
CA GLY B 474 -26.39 -8.86 25.34
C GLY B 474 -25.03 -9.14 25.99
N GLU B 475 -24.77 -8.39 27.06
CA GLU B 475 -23.51 -8.50 27.79
C GLU B 475 -23.29 -9.90 28.33
N ASP B 476 -24.38 -10.61 28.63
CA ASP B 476 -24.31 -11.94 29.22
C ASP B 476 -24.45 -13.04 28.18
N ALA B 477 -24.30 -12.70 26.90
CA ALA B 477 -24.39 -13.68 25.82
C ALA B 477 -22.97 -13.96 25.34
N GLY B 478 -22.56 -15.23 25.41
CA GLY B 478 -21.17 -15.57 25.15
C GLY B 478 -20.96 -16.54 24.02
N LEU B 479 -20.10 -17.53 24.26
CA LEU B 479 -19.67 -18.46 23.21
C LEU B 479 -20.83 -19.31 22.69
N ASP B 480 -21.88 -19.53 23.49
CA ASP B 480 -23.04 -20.28 22.99
C ASP B 480 -23.73 -19.55 21.85
N VAL B 481 -23.81 -18.21 21.88
CA VAL B 481 -24.40 -17.49 20.76
C VAL B 481 -23.53 -17.64 19.51
N LEU B 482 -22.22 -17.45 19.68
CA LEU B 482 -21.30 -17.59 18.55
C LEU B 482 -21.39 -18.99 17.96
N LYS B 483 -21.36 -20.03 18.80
CA LYS B 483 -21.44 -21.39 18.27
C LYS B 483 -22.75 -21.64 17.54
N GLN B 484 -23.87 -21.15 18.08
CA GLN B 484 -25.16 -21.35 17.41
C GLN B 484 -25.19 -20.67 16.05
N LEU B 485 -24.70 -19.44 15.98
CA LEU B 485 -24.71 -18.73 14.69
C LEU B 485 -23.83 -19.44 13.67
N VAL B 486 -22.68 -19.94 14.12
CA VAL B 486 -21.79 -20.69 13.24
C VAL B 486 -22.48 -21.96 12.74
N TRP B 487 -23.10 -22.72 13.65
CA TRP B 487 -23.82 -23.93 13.22
C TRP B 487 -24.99 -23.57 12.32
N ASN B 488 -25.71 -22.48 12.62
CA ASN B 488 -26.84 -22.07 11.79
C ASN B 488 -26.40 -21.89 10.35
N SER B 489 -25.19 -21.36 10.13
CA SER B 489 -24.77 -21.04 8.77
C SER B 489 -24.58 -22.28 7.92
N ILE B 490 -24.39 -23.45 8.52
CA ILE B 490 -24.40 -24.70 7.76
C ILE B 490 -25.78 -25.33 7.76
N GLN B 491 -26.45 -25.33 8.92
CA GLN B 491 -27.77 -25.95 9.03
C GLN B 491 -28.79 -25.28 8.11
N TYR B 492 -28.70 -23.96 7.92
CA TYR B 492 -29.63 -23.25 7.05
C TYR B 492 -29.02 -22.94 5.70
N SER B 493 -27.86 -23.51 5.39
CA SER B 493 -27.34 -23.46 4.03
C SER B 493 -28.25 -24.28 3.10
N SER B 494 -27.96 -24.25 1.81
CA SER B 494 -28.71 -25.05 0.85
C SER B 494 -28.05 -26.38 0.54
N MET B 495 -27.14 -26.86 1.39
CA MET B 495 -26.59 -28.20 1.17
C MET B 495 -27.66 -29.26 1.32
N ASN B 496 -27.51 -30.36 0.58
CA ASN B 496 -28.41 -31.48 0.83
C ASN B 496 -28.01 -32.20 2.12
N ALA B 497 -28.81 -33.21 2.53
CA ALA B 497 -28.60 -33.82 3.84
C ALA B 497 -27.22 -34.45 3.95
N THR B 498 -26.76 -35.14 2.90
CA THR B 498 -25.45 -35.77 2.94
C THR B 498 -24.33 -34.75 3.00
N GLU B 499 -24.43 -33.70 2.18
CA GLU B 499 -23.43 -32.62 2.23
C GLU B 499 -23.39 -31.98 3.60
N LYS B 500 -24.55 -31.74 4.21
CA LYS B 500 -24.60 -31.07 5.50
C LYS B 500 -23.93 -31.91 6.58
N LYS B 501 -24.19 -33.21 6.59
CA LYS B 501 -23.56 -34.09 7.56
C LYS B 501 -22.04 -34.03 7.45
N THR B 502 -21.53 -34.12 6.22
CA THR B 502 -20.09 -34.01 5.99
C THR B 502 -19.55 -32.67 6.45
N ALA B 503 -20.26 -31.59 6.14
CA ALA B 503 -19.78 -30.25 6.48
C ALA B 503 -19.76 -30.03 7.98
N LEU B 504 -20.76 -30.57 8.69
CA LEU B 504 -20.80 -30.45 10.15
C LEU B 504 -19.68 -31.26 10.81
N LYS B 505 -19.32 -32.41 10.24
CA LYS B 505 -18.19 -33.16 10.77
C LYS B 505 -16.91 -32.36 10.63
N LEU B 506 -16.73 -31.73 9.46
CA LEU B 506 -15.56 -30.89 9.25
C LEU B 506 -15.58 -29.69 10.19
N LEU B 507 -16.73 -29.05 10.34
CA LEU B 507 -16.83 -27.89 11.22
C LEU B 507 -16.52 -28.28 12.66
N GLN B 508 -17.04 -29.41 13.11
CA GLN B 508 -16.80 -29.84 14.49
C GLN B 508 -15.31 -30.02 14.74
N ALA B 509 -14.59 -30.61 13.79
CA ALA B 509 -13.15 -30.78 13.96
C ALA B 509 -12.44 -29.45 14.02
N LYS B 510 -12.82 -28.50 13.14
CA LYS B 510 -12.29 -27.15 13.18
C LYS B 510 -12.60 -26.47 14.51
N TRP B 511 -13.83 -26.62 14.99
CA TRP B 511 -14.23 -26.00 16.25
C TRP B 511 -13.41 -26.54 17.42
N ASN B 512 -13.23 -27.86 17.50
CA ASN B 512 -12.45 -28.43 18.59
C ASN B 512 -11.01 -27.93 18.57
N ASN B 513 -10.41 -27.82 17.37
CA ASN B 513 -9.05 -27.30 17.30
C ASN B 513 -9.02 -25.85 17.76
N PHE B 514 -10.03 -25.08 17.37
CA PHE B 514 -10.14 -23.68 17.78
C PHE B 514 -10.22 -23.54 19.29
N ILE B 515 -11.05 -24.37 19.93
CA ILE B 515 -11.17 -24.30 21.39
C ILE B 515 -9.83 -24.61 22.04
N ASN B 516 -9.18 -25.70 21.62
CA ASN B 516 -7.90 -26.06 22.22
C ASN B 516 -6.85 -24.99 21.98
N ASP B 517 -6.72 -24.52 20.74
CA ASP B 517 -5.77 -23.47 20.42
C ASP B 517 -6.03 -22.21 21.25
N SER B 518 -7.31 -21.86 21.40
CA SER B 518 -7.63 -20.63 22.12
C SER B 518 -7.26 -20.73 23.59
N LEU B 519 -7.50 -21.88 24.22
CA LEU B 519 -7.16 -22.00 25.64
C LEU B 519 -5.67 -21.77 25.86
N ILE B 520 -4.84 -22.30 24.96
CA ILE B 520 -3.40 -22.11 25.06
C ILE B 520 -3.03 -20.65 24.76
N LYS B 521 -3.61 -20.10 23.71
CA LYS B 521 -3.25 -18.76 23.24
C LYS B 521 -3.53 -17.69 24.28
N TRP B 522 -4.69 -17.77 24.93
CA TRP B 522 -5.14 -16.78 25.90
C TRP B 522 -4.80 -17.18 27.33
N LYS B 523 -3.93 -18.19 27.48
CA LYS B 523 -3.36 -18.58 28.77
C LYS B 523 -4.46 -18.94 29.77
N LEU B 524 -5.39 -19.79 29.33
CA LEU B 524 -6.53 -20.17 30.13
C LEU B 524 -6.43 -21.57 30.72
N THR B 525 -5.34 -22.29 30.45
CA THR B 525 -5.10 -23.60 31.01
C THR B 525 -4.44 -23.48 32.38
N ASN B 526 -4.33 -24.61 33.08
CA ASN B 526 -3.83 -24.54 34.45
C ASN B 526 -2.33 -24.25 34.49
N LYS B 527 -1.55 -24.91 33.64
CA LYS B 527 -0.09 -24.73 33.56
C LYS B 527 0.50 -24.83 34.97
N LYS B 528 1.41 -23.93 35.38
CA LYS B 528 2.06 -24.08 36.68
C LYS B 528 1.47 -23.12 37.70
N VAL B 529 1.05 -23.68 38.81
CA VAL B 529 0.48 -22.94 39.92
C VAL B 529 1.56 -22.83 40.98
N ILE B 530 1.78 -21.63 41.49
CA ILE B 530 2.84 -21.33 42.44
C ILE B 530 2.28 -21.46 43.86
N GLY B 531 3.13 -21.84 44.81
CA GLY B 531 2.70 -22.08 46.18
C GLY B 531 2.82 -20.88 47.10
N HIS B 532 2.91 -19.68 46.52
CA HIS B 532 3.08 -18.43 47.25
C HIS B 532 2.81 -17.29 46.26
N HIS B 533 3.03 -16.05 46.71
CA HIS B 533 2.64 -14.86 45.96
C HIS B 533 3.78 -14.23 45.16
N HIS B 534 4.97 -14.85 45.14
CA HIS B 534 6.08 -14.30 44.37
C HIS B 534 6.02 -14.86 42.95
N HIS B 535 5.32 -14.16 42.08
CA HIS B 535 5.03 -14.64 40.73
C HIS B 535 6.01 -14.11 39.69
N VAL C 30 -51.18 -26.62 -7.38
CA VAL C 30 -50.83 -25.21 -7.53
C VAL C 30 -51.58 -24.36 -6.49
N ARG C 31 -50.82 -23.68 -5.62
CA ARG C 31 -51.43 -22.92 -4.54
C ARG C 31 -52.05 -21.60 -5.01
N PHE C 32 -51.43 -20.93 -5.99
CA PHE C 32 -51.93 -19.64 -6.47
C PHE C 32 -52.07 -19.67 -7.99
N PRO C 33 -53.01 -20.44 -8.52
CA PRO C 33 -53.18 -20.48 -9.99
C PRO C 33 -53.65 -19.15 -10.57
N THR C 34 -54.31 -18.30 -9.78
CA THR C 34 -54.84 -17.02 -10.26
C THR C 34 -54.33 -15.88 -9.39
N MET C 35 -54.48 -14.66 -9.90
CA MET C 35 -54.13 -13.48 -9.12
C MET C 35 -55.02 -13.37 -7.88
N ASP C 36 -56.31 -13.72 -8.01
CA ASP C 36 -57.21 -13.57 -6.86
C ASP C 36 -56.79 -14.47 -5.71
N GLU C 37 -56.38 -15.69 -6.01
CA GLU C 37 -55.94 -16.57 -4.92
C GLU C 37 -54.69 -16.01 -4.25
N TYR C 38 -53.80 -15.40 -5.03
CA TYR C 38 -52.59 -14.82 -4.43
C TYR C 38 -52.91 -13.59 -3.58
N THR C 39 -53.70 -12.66 -4.12
CA THR C 39 -53.96 -11.46 -3.33
C THR C 39 -54.83 -11.76 -2.11
N ASN C 40 -55.72 -12.75 -2.20
CA ASN C 40 -56.48 -13.13 -1.01
C ASN C 40 -55.56 -13.57 0.11
N ALA C 41 -54.52 -14.36 -0.22
CA ALA C 41 -53.59 -14.85 0.80
C ALA C 41 -52.76 -13.73 1.39
N ARG C 42 -52.23 -12.84 0.54
CA ARG C 42 -51.40 -11.79 1.10
C ARG C 42 -52.24 -10.83 1.93
N GLU C 43 -53.47 -10.58 1.49
CA GLU C 43 -54.33 -9.67 2.25
C GLU C 43 -54.81 -10.31 3.55
N GLU C 44 -54.93 -11.63 3.59
CA GLU C 44 -55.31 -12.26 4.86
C GLU C 44 -54.23 -12.03 5.90
N LEU C 45 -52.96 -12.12 5.49
CA LEU C 45 -51.85 -11.92 6.42
C LEU C 45 -51.73 -10.45 6.80
N ILE C 46 -51.79 -9.55 5.80
CA ILE C 46 -51.65 -8.13 6.09
C ILE C 46 -52.82 -7.64 6.94
N GLY C 47 -54.03 -8.06 6.60
CA GLY C 47 -55.19 -7.69 7.40
C GLY C 47 -55.09 -8.20 8.84
N SER C 48 -54.52 -9.39 9.02
CA SER C 48 -54.36 -9.91 10.38
C SER C 48 -53.41 -9.01 11.19
N GLU C 49 -52.34 -8.51 10.57
CA GLU C 49 -51.44 -7.60 11.29
C GLU C 49 -52.12 -6.29 11.60
N GLN C 50 -52.92 -5.78 10.65
CA GLN C 50 -53.64 -4.54 10.87
C GLN C 50 -54.62 -4.68 12.02
N TYR C 51 -55.26 -5.84 12.12
CA TYR C 51 -56.22 -6.06 13.21
C TYR C 51 -55.50 -6.21 14.55
N LEU C 52 -54.29 -6.73 14.54
CA LEU C 52 -53.53 -7.01 15.76
C LEU C 52 -52.95 -5.74 16.39
N ARG C 53 -52.45 -4.81 15.58
CA ARG C 53 -51.70 -3.67 16.09
C ARG C 53 -52.60 -2.73 16.91
N VAL C 54 -51.94 -1.79 17.58
CA VAL C 54 -52.63 -0.78 18.37
C VAL C 54 -53.77 -0.18 17.56
N GLY C 55 -54.98 -0.17 18.16
CA GLY C 55 -56.11 0.46 17.52
C GLY C 55 -56.72 -0.32 16.39
N GLY C 56 -56.20 -1.51 16.10
CA GLY C 56 -56.68 -2.29 14.97
C GLY C 56 -58.09 -2.82 15.14
N SER C 57 -58.61 -2.83 16.37
CA SER C 57 -59.97 -3.30 16.56
C SER C 57 -61.00 -2.17 16.48
N ILE C 58 -60.58 -0.94 16.21
CA ILE C 58 -61.48 0.21 16.13
C ILE C 58 -62.06 0.30 14.72
N ASN C 59 -63.37 0.35 14.60
CA ASN C 59 -64.02 0.56 13.30
C ASN C 59 -64.65 1.95 13.33
N LEU C 60 -64.08 2.87 12.58
CA LEU C 60 -64.49 4.27 12.64
C LEU C 60 -65.90 4.46 12.10
N ASN C 61 -66.58 5.49 12.61
CA ASN C 61 -67.89 5.84 12.07
C ASN C 61 -67.71 6.62 10.77
N ASN C 62 -68.82 7.00 10.13
CA ASN C 62 -68.75 7.58 8.79
C ASN C 62 -67.97 8.89 8.78
N LYS C 63 -68.23 9.75 9.77
CA LYS C 63 -67.51 11.02 9.86
C LYS C 63 -66.04 10.79 10.12
N GLU C 64 -65.71 9.86 11.02
CA GLU C 64 -64.31 9.55 11.30
C GLU C 64 -63.62 8.97 10.08
N LYS C 65 -64.34 8.18 9.29
CA LYS C 65 -63.76 7.61 8.07
C LYS C 65 -63.42 8.69 7.05
N LYS C 66 -64.27 9.73 6.92
CA LYS C 66 -63.94 10.82 6.01
C LYS C 66 -62.64 11.51 6.42
N LEU C 67 -62.48 11.79 7.72
CA LEU C 67 -61.25 12.40 8.20
C LEU C 67 -60.08 11.44 8.02
N ASN C 68 -60.32 10.16 8.29
CA ASN C 68 -59.25 9.16 8.18
C ASN C 68 -58.78 9.04 6.74
N GLN C 69 -59.70 9.11 5.79
CA GLN C 69 -59.29 8.99 4.39
C GLN C 69 -58.38 10.14 4.01
N PHE C 70 -58.70 11.33 4.48
CA PHE C 70 -57.86 12.50 4.20
C PHE C 70 -56.49 12.36 4.84
N ILE C 71 -56.45 11.94 6.12
CA ILE C 71 -55.18 11.70 6.81
C ILE C 71 -54.32 10.71 6.03
N LEU C 72 -54.91 9.58 5.62
CA LEU C 72 -54.15 8.55 4.93
C LEU C 72 -53.71 9.01 3.55
N ARG C 73 -54.52 9.82 2.87
CA ARG C 73 -54.08 10.41 1.60
C ARG C 73 -52.83 11.27 1.82
N GLU C 74 -52.87 12.12 2.86
CA GLU C 74 -51.72 12.96 3.18
C GLU C 74 -50.51 12.12 3.58
N LYS C 75 -50.73 11.09 4.41
CA LYS C 75 -49.62 10.26 4.87
C LYS C 75 -48.94 9.56 3.70
N ARG C 76 -49.75 9.01 2.80
CA ARG C 76 -49.19 8.32 1.65
C ARG C 76 -48.42 9.29 0.76
N ALA C 77 -48.92 10.52 0.59
CA ALA C 77 -48.25 11.49 -0.26
C ALA C 77 -46.85 11.81 0.25
N ILE C 78 -46.69 12.02 1.57
CA ILE C 78 -45.39 12.40 2.08
C ILE C 78 -44.44 11.20 2.02
N ILE C 79 -44.93 10.01 2.34
CA ILE C 79 -44.07 8.82 2.33
C ILE C 79 -43.66 8.48 0.90
N GLU C 80 -44.62 8.51 -0.03
CA GLU C 80 -44.27 8.15 -1.40
C GLU C 80 -43.32 9.18 -2.01
N ASN C 81 -43.44 10.46 -1.65
CA ASN C 81 -42.48 11.44 -2.14
C ASN C 81 -41.08 11.14 -1.61
N SER C 82 -40.95 10.89 -0.30
CA SER C 82 -39.63 10.56 0.22
C SER C 82 -39.06 9.32 -0.46
N ARG C 83 -39.90 8.29 -0.61
CA ARG C 83 -39.44 7.02 -1.15
C ARG C 83 -39.07 7.10 -2.62
N LEU C 84 -39.97 7.65 -3.45
CA LEU C 84 -39.77 7.60 -4.89
C LEU C 84 -38.96 8.78 -5.41
N ASN C 85 -39.00 9.92 -4.75
CA ASN C 85 -38.12 11.03 -5.11
C ASN C 85 -36.81 11.00 -4.32
N LYS C 86 -36.59 9.98 -3.51
CA LYS C 86 -35.28 9.71 -2.94
C LYS C 86 -34.77 10.90 -2.11
N THR C 87 -35.58 11.28 -1.11
CA THR C 87 -35.23 12.38 -0.24
C THR C 87 -35.62 12.00 1.19
N GLN C 88 -34.97 12.61 2.18
CA GLN C 88 -35.15 12.15 3.54
C GLN C 88 -36.58 12.35 4.02
N TYR C 89 -37.02 11.45 4.90
CA TYR C 89 -38.35 11.49 5.50
C TYR C 89 -38.31 12.42 6.70
N ILE C 90 -38.80 13.63 6.50
CA ILE C 90 -38.60 14.70 7.50
C ILE C 90 -39.23 14.37 8.85
N PRO C 91 -40.38 13.68 8.93
CA PRO C 91 -40.89 13.37 10.28
C PRO C 91 -39.96 12.55 11.13
N ALA C 92 -38.95 11.90 10.53
CA ALA C 92 -38.07 11.02 11.29
C ALA C 92 -36.72 11.63 11.62
N VAL C 93 -36.40 12.84 11.11
CA VAL C 93 -35.11 13.47 11.36
C VAL C 93 -35.13 14.21 12.70
N SER C 94 -33.98 14.77 13.09
CA SER C 94 -33.88 15.53 14.33
C SER C 94 -35.05 16.49 14.48
N PHE C 95 -35.63 16.53 15.69
CA PHE C 95 -36.71 17.49 15.97
C PHE C 95 -36.28 18.93 15.70
N PHE C 96 -34.99 19.23 15.85
CA PHE C 96 -34.51 20.58 15.52
C PHE C 96 -34.86 20.93 14.08
N LEU C 97 -34.74 19.97 13.18
CA LEU C 97 -35.01 20.19 11.76
C LEU C 97 -36.46 19.97 11.40
N SER C 98 -37.14 19.04 12.05
CA SER C 98 -38.50 18.68 11.64
C SER C 98 -39.59 19.55 12.25
N LYS C 99 -39.30 20.22 13.37
CA LYS C 99 -40.34 20.95 14.10
C LYS C 99 -41.03 21.97 13.20
N SER C 100 -40.27 22.83 12.53
CA SER C 100 -40.90 23.86 11.74
C SER C 100 -41.59 23.29 10.51
N GLN C 101 -41.06 22.20 9.96
CA GLN C 101 -41.66 21.62 8.76
C GLN C 101 -42.96 20.88 9.08
N MET C 102 -43.03 20.17 10.21
CA MET C 102 -44.29 19.49 10.49
C MET C 102 -45.40 20.48 10.77
N GLU C 103 -45.09 21.65 11.34
CA GLU C 103 -46.16 22.50 11.83
C GLU C 103 -46.98 23.12 10.70
N SER C 104 -46.47 23.15 9.48
CA SER C 104 -47.24 23.71 8.38
C SER C 104 -48.15 22.68 7.69
N THR C 105 -48.15 21.42 8.16
CA THR C 105 -48.84 20.38 7.39
C THR C 105 -50.21 20.04 7.97
N PRO C 106 -51.11 19.54 7.11
CA PRO C 106 -52.45 19.16 7.60
C PRO C 106 -52.46 18.10 8.68
N ILE C 107 -51.62 17.05 8.56
CA ILE C 107 -51.67 16.01 9.58
C ILE C 107 -51.29 16.59 10.93
N PHE C 108 -50.26 17.45 10.96
CA PHE C 108 -49.91 18.06 12.24
C PHE C 108 -51.05 18.95 12.75
N LYS C 109 -51.65 19.75 11.88
CA LYS C 109 -52.69 20.66 12.32
C LYS C 109 -53.91 19.91 12.84
N ILE C 110 -54.19 18.72 12.27
CA ILE C 110 -55.28 17.88 12.78
C ILE C 110 -54.93 17.33 14.16
N ILE C 111 -53.70 16.82 14.33
CA ILE C 111 -53.27 16.33 15.64
C ILE C 111 -53.26 17.46 16.67
N LYS C 112 -52.86 18.67 16.26
CA LYS C 112 -52.90 19.79 17.19
C LYS C 112 -54.31 20.04 17.72
N ASP C 113 -55.32 19.98 16.85
CA ASP C 113 -56.70 20.21 17.28
C ASP C 113 -57.28 19.03 18.06
N MET C 114 -56.72 17.86 17.88
CA MET C 114 -57.27 16.62 18.44
C MET C 114 -57.20 16.64 19.97
N PRO C 115 -58.27 16.27 20.67
CA PRO C 115 -58.13 16.06 22.12
C PRO C 115 -57.13 14.94 22.37
N LYS C 116 -56.23 15.14 23.34
CA LYS C 116 -55.16 14.20 23.59
C LYS C 116 -55.48 13.22 24.70
N GLY C 117 -56.47 13.53 25.52
CA GLY C 117 -56.72 12.75 26.72
C GLY C 117 -55.78 13.19 27.83
N ALA C 118 -54.77 12.39 28.11
CA ALA C 118 -53.84 12.67 29.19
C ALA C 118 -52.40 12.62 28.73
N ALA C 119 -51.55 13.41 29.40
CA ALA C 119 -50.10 13.27 29.33
C ALA C 119 -49.67 12.62 30.64
N LEU C 120 -49.14 11.40 30.55
CA LEU C 120 -48.87 10.62 31.76
C LEU C 120 -47.41 10.56 32.13
N HIS C 121 -46.51 11.16 31.34
CA HIS C 121 -45.09 11.14 31.67
C HIS C 121 -44.50 12.51 31.41
N LEU C 122 -44.32 13.27 32.50
CA LEU C 122 -43.87 14.66 32.46
C LEU C 122 -43.09 14.93 33.72
N HIS C 123 -42.13 15.84 33.63
CA HIS C 123 -41.41 16.30 34.81
C HIS C 123 -41.76 17.75 35.12
N ASP C 124 -41.98 18.04 36.41
CA ASP C 124 -42.56 19.31 36.83
C ASP C 124 -41.62 20.50 36.69
N THR C 125 -40.32 20.30 36.44
CA THR C 125 -39.42 21.42 36.19
C THR C 125 -39.07 21.56 34.72
N ALA C 126 -39.78 20.85 33.85
CA ALA C 126 -39.39 20.76 32.47
C ALA C 126 -40.57 20.82 31.49
N SER C 127 -41.74 21.24 31.95
CA SER C 127 -42.96 21.05 31.19
C SER C 127 -43.73 22.33 30.90
N ALA C 128 -43.13 23.49 31.14
CA ALA C 128 -43.69 24.75 30.66
C ALA C 128 -42.60 25.50 29.91
N ARG C 129 -42.97 26.63 29.30
CA ARG C 129 -42.10 27.31 28.34
C ARG C 129 -40.91 27.99 29.02
N ILE C 130 -39.72 27.80 28.44
CA ILE C 130 -38.58 28.63 28.85
C ILE C 130 -38.90 30.11 28.67
N ASP C 131 -39.67 30.44 27.63
CA ASP C 131 -40.12 31.83 27.41
C ASP C 131 -40.80 32.39 28.66
N TRP C 132 -41.56 31.56 29.38
CA TRP C 132 -42.21 32.04 30.60
C TRP C 132 -41.20 32.23 31.71
N ILE C 133 -40.22 31.32 31.83
CA ILE C 133 -39.15 31.52 32.80
C ILE C 133 -38.48 32.87 32.57
N VAL C 134 -38.18 33.18 31.31
CA VAL C 134 -37.52 34.45 30.99
C VAL C 134 -38.47 35.63 31.19
N SER C 135 -39.62 35.63 30.49
CA SER C 135 -40.44 36.83 30.45
C SER C 135 -41.13 37.11 31.78
N ASN C 136 -41.35 36.07 32.58
CA ASN C 136 -42.01 36.25 33.85
C ASN C 136 -41.05 36.04 35.01
N ALA C 137 -40.48 34.84 35.17
CA ALA C 137 -39.75 34.55 36.40
C ALA C 137 -38.52 35.45 36.57
N THR C 138 -37.78 35.73 35.49
CA THR C 138 -36.54 36.49 35.68
C THR C 138 -36.78 37.98 35.80
N TYR C 139 -38.04 38.43 35.77
CA TYR C 139 -38.41 39.81 36.08
C TYR C 139 -38.87 39.98 37.51
N ARG C 140 -38.88 38.91 38.31
CA ARG C 140 -39.32 39.08 39.69
C ARG C 140 -38.16 39.62 40.53
N ASP C 141 -38.50 40.22 41.67
CA ASP C 141 -37.49 40.75 42.57
C ASP C 141 -36.57 39.64 43.06
N HIS C 142 -35.31 40.02 43.34
CA HIS C 142 -34.31 39.20 44.02
C HIS C 142 -33.79 38.06 43.17
N VAL C 143 -33.94 38.13 41.84
CA VAL C 143 -33.41 37.10 40.95
C VAL C 143 -31.98 37.46 40.56
N TYR C 144 -31.06 36.50 40.70
CA TYR C 144 -29.66 36.69 40.37
C TYR C 144 -29.24 35.74 39.26
N MET C 145 -28.19 36.13 38.54
CA MET C 145 -27.67 35.32 37.44
C MET C 145 -26.15 35.23 37.59
N CYS C 146 -25.57 34.19 36.99
CA CYS C 146 -24.12 34.11 36.88
C CYS C 146 -23.76 33.26 35.67
N MET C 147 -22.55 33.46 35.15
CA MET C 147 -22.01 32.57 34.12
C MET C 147 -21.14 31.55 34.81
N ASP C 148 -21.46 30.26 34.64
CA ASP C 148 -20.72 29.23 35.37
C ASP C 148 -19.44 28.87 34.63
N GLN C 149 -18.70 27.91 35.20
CA GLN C 149 -17.39 27.52 34.71
C GLN C 149 -17.45 26.96 33.29
N ASP C 150 -18.62 26.46 32.87
CA ASP C 150 -18.83 25.94 31.53
C ASP C 150 -19.46 26.95 30.60
N ASN C 151 -19.58 28.21 31.03
CA ASN C 151 -20.08 29.30 30.19
C ASN C 151 -21.57 29.14 29.92
N PHE C 152 -22.33 28.69 30.92
CA PHE C 152 -23.79 28.67 30.87
C PHE C 152 -24.35 29.61 31.93
N VAL C 153 -25.44 30.31 31.61
CA VAL C 153 -26.09 31.14 32.62
C VAL C 153 -26.79 30.27 33.65
N ARG C 154 -26.72 30.68 34.92
CA ARG C 154 -27.46 30.05 36.00
C ARG C 154 -28.32 31.11 36.67
N LEU C 155 -29.48 30.70 37.16
CA LEU C 155 -30.44 31.63 37.74
C LEU C 155 -30.81 31.18 39.15
N THR C 156 -30.95 32.12 40.09
CA THR C 156 -31.42 31.76 41.42
C THR C 156 -32.12 32.95 42.06
N VAL C 157 -32.71 32.72 43.22
CA VAL C 157 -33.36 33.77 44.00
C VAL C 157 -32.68 33.86 45.36
N SER C 158 -32.49 35.08 45.84
CA SER C 158 -31.94 35.28 47.19
C SER C 158 -32.59 36.51 47.78
N GLY C 159 -33.50 36.30 48.72
CA GLY C 159 -34.34 37.37 49.24
C GLY C 159 -33.75 38.19 50.36
N THR C 160 -32.76 37.66 51.09
CA THR C 160 -32.20 38.37 52.25
C THR C 160 -30.85 39.02 51.95
N GLY C 161 -30.44 39.06 50.69
CA GLY C 161 -29.15 39.60 50.32
C GLY C 161 -28.65 38.83 49.12
N PRO C 162 -27.50 39.23 48.57
CA PRO C 162 -26.97 38.50 47.40
C PRO C 162 -26.59 37.08 47.78
N PRO C 163 -26.56 36.16 46.82
CA PRO C 163 -26.07 34.80 47.10
C PRO C 163 -24.58 34.82 47.36
N ALA C 164 -24.10 33.79 48.07
CA ALA C 164 -22.67 33.66 48.30
C ALA C 164 -21.94 33.38 47.00
N ASN C 165 -20.76 33.97 46.81
CA ASN C 165 -20.04 33.87 45.55
C ASN C 165 -19.15 32.63 45.46
N SER C 166 -19.40 31.62 46.28
CA SER C 166 -18.90 30.30 45.98
C SER C 166 -19.59 29.77 44.72
N GLY C 167 -18.84 29.10 43.86
CA GLY C 167 -19.44 28.58 42.65
C GLY C 167 -19.35 29.50 41.45
N CYS C 168 -19.88 30.71 41.56
CA CYS C 168 -19.80 31.69 40.48
C CYS C 168 -20.06 33.08 41.06
N GLU C 169 -19.88 34.10 40.22
CA GLU C 169 -20.05 35.50 40.64
C GLU C 169 -21.47 35.95 40.30
N TRP C 170 -22.31 36.09 41.32
CA TRP C 170 -23.72 36.39 41.09
C TRP C 170 -23.93 37.88 40.87
N LYS C 171 -24.82 38.20 39.93
CA LYS C 171 -25.22 39.56 39.61
C LYS C 171 -26.74 39.66 39.60
N LEU C 172 -27.26 40.81 40.02
CA LEU C 172 -28.70 40.99 40.00
C LEU C 172 -29.19 41.08 38.56
N VAL C 173 -30.18 40.25 38.21
CA VAL C 173 -30.68 40.25 36.84
C VAL C 173 -31.25 41.62 36.46
N GLU C 174 -31.96 42.26 37.40
CA GLU C 174 -32.54 43.56 37.10
C GLU C 174 -31.49 44.53 36.58
N THR C 175 -30.32 44.52 37.21
CA THR C 175 -29.21 45.40 36.81
C THR C 175 -28.62 44.99 35.47
N GLU C 176 -28.38 43.69 35.28
CA GLU C 176 -27.78 43.24 34.05
C GLU C 176 -28.69 43.51 32.86
N ARG C 177 -30.00 43.31 33.05
CA ARG C 177 -30.97 43.64 32.01
C ARG C 177 -30.99 45.13 31.71
N ALA C 178 -31.05 45.96 32.75
CA ALA C 178 -31.13 47.40 32.55
C ALA C 178 -29.86 47.95 31.91
N ASN C 179 -28.72 47.32 32.15
CA ASN C 179 -27.46 47.80 31.60
C ASN C 179 -27.14 47.20 30.24
N SER C 180 -27.98 46.29 29.72
CA SER C 180 -27.65 45.57 28.50
C SER C 180 -27.69 46.48 27.27
N GLY C 181 -28.53 47.51 27.30
CA GLY C 181 -28.74 48.35 26.14
C GLY C 181 -29.72 47.82 25.12
N ASP C 182 -30.25 46.61 25.30
CA ASP C 182 -31.29 46.08 24.42
C ASP C 182 -32.01 45.00 25.23
N ILE C 183 -33.13 45.36 25.84
CA ILE C 183 -33.78 44.45 26.79
C ILE C 183 -34.30 43.20 26.07
N ALA C 184 -34.89 43.38 24.88
CA ALA C 184 -35.42 42.24 24.14
C ALA C 184 -34.30 41.28 23.75
N ALA C 185 -33.16 41.80 23.32
CA ALA C 185 -32.02 40.95 22.98
C ALA C 185 -31.47 40.22 24.19
N PHE C 186 -31.42 40.90 25.33
CA PHE C 186 -31.03 40.25 26.58
C PHE C 186 -31.94 39.07 26.92
N ASP C 187 -33.25 39.30 26.83
CA ASP C 187 -34.23 38.26 27.13
C ASP C 187 -34.09 37.10 26.15
N HIS C 188 -33.88 37.42 24.87
CA HIS C 188 -33.72 36.38 23.86
C HIS C 188 -32.45 35.58 24.10
N TRP C 189 -31.37 36.26 24.52
CA TRP C 189 -30.14 35.55 24.87
C TRP C 189 -30.35 34.61 26.04
N LEU C 190 -31.09 35.04 27.08
CA LEU C 190 -31.38 34.12 28.18
C LEU C 190 -32.03 32.85 27.68
N LYS C 191 -33.08 32.98 26.85
CA LYS C 191 -33.75 31.80 26.35
C LYS C 191 -32.79 30.92 25.55
N SER C 192 -31.98 31.54 24.69
CA SER C 192 -31.07 30.76 23.84
CA SER C 192 -31.07 30.77 23.84
C SER C 192 -30.04 30.03 24.67
N ASN C 193 -29.66 30.58 25.82
CA ASN C 193 -28.65 29.95 26.64
C ASN C 193 -29.21 28.82 27.48
N ILE C 194 -30.53 28.72 27.56
CA ILE C 194 -31.17 27.75 28.42
C ILE C 194 -31.79 26.59 27.65
N SER C 195 -32.19 26.82 26.39
CA SER C 195 -32.94 25.82 25.65
C SER C 195 -32.01 24.81 24.99
N LEU C 196 -32.43 23.54 24.94
CA LEU C 196 -31.67 22.56 24.17
C LEU C 196 -31.99 22.59 22.68
N LEU C 197 -32.91 23.44 22.21
CA LEU C 197 -33.19 23.50 20.77
C LEU C 197 -32.62 24.74 20.11
N THR C 198 -31.74 25.48 20.78
CA THR C 198 -31.09 26.61 20.14
C THR C 198 -30.26 26.15 18.95
N THR C 199 -29.61 25.00 19.10
CA THR C 199 -28.91 24.30 18.01
C THR C 199 -29.41 22.86 17.99
N ASP C 200 -29.04 22.12 16.93
CA ASP C 200 -29.45 20.73 16.83
C ASP C 200 -28.67 19.90 17.85
N PRO C 201 -29.31 19.35 18.89
CA PRO C 201 -28.54 18.56 19.88
C PRO C 201 -27.79 17.41 19.25
N LEU C 202 -28.34 16.81 18.19
CA LEU C 202 -27.67 15.70 17.52
C LEU C 202 -26.37 16.11 16.86
N VAL C 203 -26.20 17.39 16.54
CA VAL C 203 -24.94 17.92 15.99
C VAL C 203 -24.04 18.44 17.10
N THR C 204 -24.58 19.31 17.96
CA THR C 204 -23.79 20.02 18.95
C THR C 204 -23.31 19.11 20.07
N TYR C 205 -24.09 18.10 20.40
CA TYR C 205 -23.78 17.19 21.51
C TYR C 205 -23.87 15.76 21.00
N PRO C 206 -22.93 15.36 20.12
CA PRO C 206 -23.09 14.15 19.30
C PRO C 206 -22.68 12.84 19.99
N SER C 207 -23.12 12.65 21.23
CA SER C 207 -22.95 11.38 21.92
C SER C 207 -23.87 11.37 23.12
N LEU C 208 -24.11 10.17 23.66
CA LEU C 208 -24.98 10.05 24.82
C LEU C 208 -24.46 10.89 25.97
N ASP C 209 -23.15 10.78 26.25
CA ASP C 209 -22.57 11.52 27.38
C ASP C 209 -22.61 13.02 27.14
N LYS C 210 -22.35 13.45 25.92
CA LYS C 210 -22.38 14.88 25.67
C LYS C 210 -23.78 15.46 25.82
N VAL C 211 -24.79 14.77 25.27
CA VAL C 211 -26.12 15.38 25.34
C VAL C 211 -26.70 15.25 26.74
N TRP C 212 -26.40 14.17 27.47
CA TRP C 212 -26.86 14.09 28.85
C TRP C 212 -26.13 15.12 29.71
N GLY C 213 -24.88 15.42 29.36
CA GLY C 213 -24.20 16.53 30.02
C GLY C 213 -24.95 17.84 29.82
N ARG C 214 -25.43 18.09 28.59
CA ARG C 214 -26.16 19.32 28.33
C ARG C 214 -27.52 19.32 29.03
N PHE C 215 -28.18 18.15 29.06
CA PHE C 215 -29.49 18.02 29.69
C PHE C 215 -29.37 18.23 31.19
N ASP C 216 -28.37 17.58 31.82
CA ASP C 216 -28.12 17.83 33.25
C ASP C 216 -27.84 19.31 33.48
N LYS C 217 -27.03 19.92 32.59
CA LYS C 217 -26.71 21.34 32.74
C LYS C 217 -27.96 22.18 32.74
N HIS C 218 -28.92 21.88 31.85
CA HIS C 218 -30.16 22.65 31.82
C HIS C 218 -30.83 22.67 33.19
N PHE C 219 -30.96 21.52 33.84
CA PHE C 219 -31.59 21.53 35.16
C PHE C 219 -30.79 22.33 36.17
N SER C 220 -29.44 22.28 36.07
CA SER C 220 -28.61 23.09 36.95
CA SER C 220 -28.61 23.08 36.95
C SER C 220 -28.81 24.57 36.69
N GLN C 221 -29.05 24.94 35.43
CA GLN C 221 -29.21 26.36 35.13
C GLN C 221 -30.44 26.93 35.82
N LEU C 222 -31.51 26.15 35.90
CA LEU C 222 -32.78 26.65 36.41
C LEU C 222 -33.05 26.23 37.85
N ARG C 223 -32.23 25.37 38.44
CA ARG C 223 -32.58 24.77 39.74
CA ARG C 223 -32.64 24.78 39.71
C ARG C 223 -32.91 25.85 40.77
N GLY C 224 -32.02 26.84 40.89
CA GLY C 224 -32.22 27.85 41.91
C GLY C 224 -33.53 28.61 41.72
N ILE C 225 -33.75 29.14 40.53
CA ILE C 225 -34.93 30.00 40.34
C ILE C 225 -36.21 29.17 40.42
N ILE C 226 -36.20 27.95 39.88
CA ILE C 226 -37.44 27.18 39.79
C ILE C 226 -37.80 26.51 41.11
N TYR C 227 -36.91 26.49 42.11
CA TYR C 227 -37.25 25.98 43.44
C TYR C 227 -37.71 27.07 44.40
N HIS C 228 -37.75 28.32 43.96
CA HIS C 228 -38.29 29.39 44.78
C HIS C 228 -39.83 29.29 44.79
N THR C 229 -40.42 29.20 45.99
CA THR C 229 -41.81 28.73 46.12
C THR C 229 -42.82 29.44 45.22
N PRO C 230 -42.91 30.78 45.18
CA PRO C 230 -43.97 31.38 44.35
C PRO C 230 -43.70 31.19 42.87
N ILE C 231 -42.44 31.12 42.46
CA ILE C 231 -42.15 30.79 41.07
C ILE C 231 -42.53 29.35 40.76
N ARG C 232 -42.22 28.42 41.67
CA ARG C 232 -42.56 27.01 41.46
C ARG C 232 -44.07 26.82 41.40
N ARG C 233 -44.81 27.51 42.27
CA ARG C 233 -46.26 27.47 42.21
C ARG C 233 -46.77 27.93 40.85
N ASP C 234 -46.28 29.08 40.40
CA ASP C 234 -46.79 29.65 39.16
C ASP C 234 -46.34 28.84 37.94
N TYR C 235 -45.14 28.25 38.01
CA TYR C 235 -44.66 27.40 36.94
C TYR C 235 -45.54 26.16 36.79
N TYR C 236 -45.91 25.55 37.90
CA TYR C 236 -46.79 24.39 37.84
C TYR C 236 -48.15 24.77 37.26
N ARG C 237 -48.69 25.93 37.64
CA ARG C 237 -49.94 26.39 37.02
CA ARG C 237 -49.94 26.37 37.02
C ARG C 237 -49.76 26.59 35.52
N GLN C 238 -48.60 27.11 35.10
CA GLN C 238 -48.37 27.29 33.67
CA GLN C 238 -48.34 27.29 33.67
C GLN C 238 -48.31 25.95 32.95
N ILE C 239 -47.83 24.89 33.61
CA ILE C 239 -47.91 23.55 33.02
C ILE C 239 -49.36 23.21 32.71
N LEU C 240 -50.25 23.37 33.69
CA LEU C 240 -51.65 23.06 33.45
C LEU C 240 -52.22 23.93 32.34
N GLU C 241 -51.91 25.23 32.33
CA GLU C 241 -52.45 26.11 31.30
C GLU C 241 -51.99 25.68 29.92
N GLU C 242 -50.70 25.38 29.77
CA GLU C 242 -50.15 25.04 28.46
C GLU C 242 -50.67 23.69 27.98
N PHE C 243 -50.75 22.72 28.88
CA PHE C 243 -51.28 21.42 28.49
C PHE C 243 -52.76 21.52 28.11
N ARG C 244 -53.54 22.29 28.87
CA ARG C 244 -54.94 22.50 28.49
C ARG C 244 -55.02 23.14 27.10
N SER C 245 -54.12 24.09 26.80
CA SER C 245 -54.16 24.77 25.51
CA SER C 245 -54.13 24.78 25.52
C SER C 245 -53.81 23.85 24.34
N ASP C 246 -53.10 22.76 24.58
CA ASP C 246 -52.84 21.75 23.56
C ASP C 246 -53.89 20.63 23.57
N ASN C 247 -55.05 20.89 24.22
CA ASN C 247 -56.19 19.99 24.25
C ASN C 247 -55.85 18.71 25.02
N VAL C 248 -55.05 18.85 26.08
CA VAL C 248 -54.84 17.80 27.06
C VAL C 248 -55.74 18.09 28.24
N GLN C 249 -56.49 17.09 28.71
CA GLN C 249 -57.43 17.35 29.79
C GLN C 249 -56.97 16.85 31.16
N TYR C 250 -55.82 16.18 31.23
CA TYR C 250 -55.43 15.54 32.47
C TYR C 250 -53.93 15.27 32.40
N VAL C 251 -53.23 15.42 33.53
CA VAL C 251 -51.80 15.11 33.55
C VAL C 251 -51.47 14.34 34.82
N GLU C 252 -50.45 13.48 34.72
CA GLU C 252 -49.79 12.91 35.89
C GLU C 252 -48.33 13.32 35.81
N VAL C 253 -47.80 13.88 36.90
CA VAL C 253 -46.56 14.66 36.84
C VAL C 253 -45.58 14.10 37.86
N ARG C 254 -44.35 13.83 37.42
CA ARG C 254 -43.28 13.52 38.38
C ARG C 254 -42.78 14.79 39.03
N SER C 255 -42.52 14.72 40.34
CA SER C 255 -42.05 15.90 41.08
C SER C 255 -41.22 15.46 42.27
N SER C 256 -40.13 16.17 42.55
CA SER C 256 -39.34 15.87 43.74
C SER C 256 -40.04 16.33 45.01
N LEU C 257 -40.95 17.31 44.89
CA LEU C 257 -41.80 17.87 45.95
C LEU C 257 -41.07 18.69 47.01
N SER C 258 -39.76 18.57 47.12
CA SER C 258 -39.11 19.00 48.34
C SER C 258 -38.18 20.17 48.07
N GLY C 259 -37.98 20.99 49.12
CA GLY C 259 -37.00 22.04 49.05
C GLY C 259 -37.47 23.35 48.46
N TYR C 260 -38.78 23.56 48.31
CA TYR C 260 -39.24 24.84 47.77
C TYR C 260 -38.95 25.90 48.83
N TYR C 261 -38.36 27.02 48.43
CA TYR C 261 -37.87 27.94 49.45
C TYR C 261 -38.41 29.33 49.24
N ASP C 262 -38.64 30.04 50.35
CA ASP C 262 -39.23 31.37 50.33
C ASP C 262 -38.16 32.46 50.29
N LEU C 263 -38.63 33.70 50.11
CA LEU C 263 -37.70 34.84 50.10
C LEU C 263 -36.95 34.96 51.42
N ASP C 264 -37.59 34.61 52.53
CA ASP C 264 -36.87 34.74 53.81
C ASP C 264 -35.95 33.57 54.08
N GLY C 265 -35.80 32.63 53.14
CA GLY C 265 -34.92 31.49 53.31
C GLY C 265 -35.60 30.22 53.83
N THR C 266 -36.86 30.28 54.23
CA THR C 266 -37.54 29.08 54.70
C THR C 266 -37.56 28.02 53.61
N VAL C 267 -37.15 26.80 53.96
CA VAL C 267 -37.15 25.66 53.04
C VAL C 267 -38.28 24.72 53.47
N HIS C 268 -39.17 24.40 52.54
CA HIS C 268 -40.36 23.60 52.85
C HIS C 268 -40.11 22.12 52.60
N ASP C 269 -40.95 21.29 53.22
CA ASP C 269 -40.78 19.85 53.13
C ASP C 269 -41.62 19.30 51.98
N PRO C 270 -41.47 18.00 51.66
CA PRO C 270 -42.23 17.44 50.53
C PRO C 270 -43.75 17.50 50.68
N GLU C 271 -44.28 17.32 51.89
CA GLU C 271 -45.73 17.43 52.03
C GLU C 271 -46.21 18.82 51.65
N TYR C 272 -45.44 19.85 52.00
CA TYR C 272 -45.79 21.20 51.57
C TYR C 272 -45.85 21.28 50.06
N GLY C 273 -44.83 20.75 49.39
CA GLY C 273 -44.82 20.78 47.92
C GLY C 273 -46.06 20.13 47.35
N LEU C 274 -46.46 18.99 47.93
CA LEU C 274 -47.65 18.30 47.45
C LEU C 274 -48.89 19.13 47.69
N GLN C 275 -49.01 19.72 48.89
CA GLN C 275 -50.17 20.56 49.19
CA GLN C 275 -50.17 20.57 49.19
C GLN C 275 -50.24 21.75 48.25
N LEU C 276 -49.08 22.32 47.89
CA LEU C 276 -49.07 23.45 46.99
C LEU C 276 -49.63 23.05 45.63
N TYR C 277 -49.16 21.92 45.09
CA TYR C 277 -49.67 21.49 43.80
C TYR C 277 -51.16 21.15 43.89
N LYS C 278 -51.57 20.53 45.01
CA LYS C 278 -52.97 20.16 45.16
C LYS C 278 -53.85 21.41 45.12
N ALA C 279 -53.41 22.47 45.81
CA ALA C 279 -54.18 23.71 45.82
C ALA C 279 -54.23 24.36 44.45
N VAL C 280 -53.08 24.42 43.76
CA VAL C 280 -53.07 24.98 42.39
C VAL C 280 -54.01 24.18 41.49
N THR C 281 -53.96 22.85 41.58
CA THR C 281 -54.77 22.02 40.69
C THR C 281 -56.26 22.24 40.95
N GLU C 282 -56.64 22.28 42.22
CA GLU C 282 -58.05 22.48 42.57
C GLU C 282 -58.56 23.83 42.07
N GLU C 283 -57.76 24.89 42.20
CA GLU C 283 -58.18 26.19 41.67
C GLU C 283 -58.25 26.16 40.15
N PHE C 284 -57.31 25.44 39.51
CA PHE C 284 -57.34 25.33 38.05
C PHE C 284 -58.61 24.65 37.58
N VAL C 285 -58.99 23.55 38.23
CA VAL C 285 -60.21 22.85 37.82
C VAL C 285 -61.44 23.71 38.09
N ARG C 286 -61.42 24.51 39.17
CA ARG C 286 -62.49 25.48 39.38
C ARG C 286 -62.58 26.49 38.24
N THR C 287 -61.43 26.99 37.80
CA THR C 287 -61.41 27.93 36.68
C THR C 287 -61.89 27.26 35.39
N TYR C 288 -61.50 26.00 35.18
CA TYR C 288 -61.68 25.31 33.90
C TYR C 288 -62.35 23.95 34.11
N PRO C 289 -63.69 23.92 34.22
CA PRO C 289 -64.38 22.64 34.42
C PRO C 289 -64.22 21.67 33.25
N ASP C 290 -63.72 22.11 32.11
CA ASP C 290 -63.45 21.21 31.00
C ASP C 290 -62.13 20.46 31.16
N PHE C 291 -61.48 20.61 32.32
CA PHE C 291 -60.18 20.00 32.58
C PHE C 291 -60.34 19.00 33.71
N SER C 292 -59.86 17.76 33.50
CA SER C 292 -60.08 16.69 34.47
C SER C 292 -59.21 16.82 35.71
N GLY C 293 -57.98 17.33 35.56
CA GLY C 293 -57.14 17.58 36.71
C GLY C 293 -55.77 16.97 36.62
N ALA C 294 -55.20 16.64 37.77
CA ALA C 294 -53.83 16.18 37.82
C ALA C 294 -53.62 15.31 39.04
N LYS C 295 -52.61 14.44 38.96
CA LYS C 295 -52.12 13.67 40.11
C LYS C 295 -50.60 13.63 40.02
N ILE C 296 -49.95 13.35 41.16
CA ILE C 296 -48.51 13.57 41.32
C ILE C 296 -47.81 12.28 41.71
N ILE C 297 -46.65 12.04 41.08
CA ILE C 297 -45.74 10.94 41.43
C ILE C 297 -44.48 11.54 42.03
N LYS C 298 -44.05 11.04 43.18
CA LYS C 298 -42.82 11.54 43.80
C LYS C 298 -41.62 10.93 43.08
N SER C 299 -40.68 11.78 42.65
CA SER C 299 -39.49 11.30 41.98
C SER C 299 -38.26 11.61 42.82
N THR C 300 -37.28 10.71 42.76
CA THR C 300 -35.98 10.90 43.41
C THR C 300 -34.88 10.54 42.40
N ALA C 301 -33.82 11.34 42.36
CA ALA C 301 -32.69 11.08 41.48
C ALA C 301 -31.93 9.84 41.92
N ARG C 302 -31.61 8.95 40.95
CA ARG C 302 -30.97 7.67 41.23
C ARG C 302 -29.45 7.79 41.37
N VAL C 303 -28.96 8.98 41.71
CA VAL C 303 -27.56 9.18 42.10
C VAL C 303 -27.38 9.16 43.62
N LYS C 304 -28.44 9.09 44.38
CA LYS C 304 -28.37 9.25 45.82
C LYS C 304 -28.10 7.92 46.51
N PRO C 305 -27.56 7.94 47.74
CA PRO C 305 -27.36 6.70 48.49
C PRO C 305 -28.68 6.05 48.84
N ASN C 306 -28.61 4.74 49.11
CA ASN C 306 -29.79 3.98 49.49
C ASN C 306 -30.46 4.56 50.74
N THR C 307 -29.70 5.14 51.67
CA THR C 307 -30.36 5.70 52.84
C THR C 307 -31.34 6.82 52.45
N ASP C 308 -31.00 7.60 51.42
CA ASP C 308 -31.90 8.64 50.97
C ASP C 308 -33.15 8.04 50.32
N ILE C 309 -32.95 7.07 49.44
CA ILE C 309 -34.09 6.44 48.78
C ILE C 309 -35.00 5.79 49.82
N PHE C 310 -34.40 5.17 50.86
CA PHE C 310 -35.21 4.55 51.90
C PHE C 310 -36.10 5.59 52.58
N ASN C 311 -35.54 6.76 52.89
CA ASN C 311 -36.35 7.83 53.48
C ASN C 311 -37.45 8.29 52.54
N ASP C 312 -37.14 8.33 51.22
CA ASP C 312 -38.13 8.79 50.26
C ASP C 312 -39.22 7.76 50.03
N VAL C 313 -38.89 6.47 50.16
CA VAL C 313 -39.93 5.44 50.11
C VAL C 313 -40.85 5.55 51.33
N LYS C 314 -40.28 5.74 52.53
CA LYS C 314 -41.13 5.89 53.72
C LYS C 314 -41.99 7.14 53.62
N LEU C 315 -41.42 8.24 53.10
CA LEU C 315 -42.20 9.44 52.85
C LEU C 315 -43.35 9.14 51.89
N SER C 316 -43.06 8.41 50.82
CA SER C 316 -44.08 8.12 49.82
C SER C 316 -45.18 7.22 50.37
N MET C 317 -44.83 6.24 51.22
CA MET C 317 -45.88 5.48 51.92
C MET C 317 -46.82 6.39 52.69
N ASP C 318 -46.26 7.39 53.38
CA ASP C 318 -47.04 8.29 54.21
C ASP C 318 -47.93 9.19 53.37
N LEU C 319 -47.39 9.77 52.30
CA LEU C 319 -48.23 10.63 51.46
C LEU C 319 -49.28 9.82 50.71
N TYR C 320 -48.97 8.59 50.31
CA TYR C 320 -49.96 7.77 49.63
C TYR C 320 -51.12 7.44 50.57
N LYS C 321 -50.83 7.20 51.84
CA LYS C 321 -51.91 6.91 52.77
C LYS C 321 -52.75 8.15 53.03
N ARG C 322 -52.12 9.32 53.13
CA ARG C 322 -52.85 10.49 53.61
C ARG C 322 -53.38 11.39 52.50
N TYR C 323 -52.88 11.23 51.27
CA TYR C 323 -53.38 11.97 50.10
C TYR C 323 -53.82 10.99 49.01
N PRO C 324 -54.76 10.08 49.32
CA PRO C 324 -55.16 9.10 48.32
C PRO C 324 -55.86 9.80 47.17
N GLY C 325 -55.65 9.30 45.97
CA GLY C 325 -56.25 10.00 44.85
C GLY C 325 -55.60 11.31 44.43
N PHE C 326 -54.60 11.83 45.16
CA PHE C 326 -53.76 12.87 44.55
C PHE C 326 -52.30 12.45 44.46
N PHE C 327 -51.76 11.81 45.51
CA PHE C 327 -50.42 11.26 45.50
C PHE C 327 -50.48 9.82 44.98
N LEU C 328 -49.73 9.53 43.92
CA LEU C 328 -49.81 8.25 43.23
C LEU C 328 -48.78 7.22 43.67
N GLY C 329 -47.57 7.65 44.01
CA GLY C 329 -46.50 6.71 44.28
C GLY C 329 -45.15 7.31 43.93
N PHE C 330 -44.21 6.45 43.54
CA PHE C 330 -42.80 6.74 43.57
C PHE C 330 -42.11 6.35 42.26
N ASP C 331 -41.06 7.10 41.91
CA ASP C 331 -40.29 6.85 40.69
C ASP C 331 -38.85 7.30 40.94
N LEU C 332 -37.91 6.63 40.26
CA LEU C 332 -36.50 7.01 40.28
C LEU C 332 -36.13 7.58 38.91
N VAL C 333 -35.47 8.74 38.92
CA VAL C 333 -35.18 9.46 37.69
C VAL C 333 -33.68 9.79 37.62
N ALA C 334 -33.30 10.59 36.60
CA ALA C 334 -31.92 10.94 36.25
C ALA C 334 -31.33 9.83 35.36
N GLN C 335 -30.12 10.04 34.84
CA GLN C 335 -29.67 9.16 33.76
C GLN C 335 -29.57 7.70 34.24
N GLU C 336 -30.10 6.79 33.44
CA GLU C 336 -30.23 5.41 33.90
C GLU C 336 -28.93 4.61 33.74
N ASP C 337 -28.20 4.82 32.64
CA ASP C 337 -27.04 3.96 32.36
C ASP C 337 -25.95 4.03 33.43
N PRO C 338 -25.48 5.20 33.87
CA PRO C 338 -24.28 5.22 34.72
C PRO C 338 -24.56 5.22 36.22
N ASN C 339 -25.81 5.27 36.61
CA ASN C 339 -26.22 5.51 37.98
C ASN C 339 -26.79 4.21 38.59
N THR C 340 -27.51 4.36 39.71
CA THR C 340 -27.88 3.18 40.49
C THR C 340 -29.09 2.47 39.90
N SER C 341 -29.00 1.14 39.82
CA SER C 341 -30.09 0.31 39.32
C SER C 341 -31.18 0.16 40.38
N LEU C 342 -32.34 -0.36 39.94
CA LEU C 342 -33.40 -0.66 40.89
C LEU C 342 -32.93 -1.71 41.89
N LEU C 343 -32.17 -2.70 41.41
CA LEU C 343 -31.65 -3.73 42.31
C LEU C 343 -30.74 -3.12 43.38
N GLY C 344 -30.01 -2.07 43.05
CA GLY C 344 -29.19 -1.41 44.05
C GLY C 344 -29.98 -0.71 45.13
N TYR C 345 -31.29 -0.55 44.95
CA TYR C 345 -32.16 0.01 45.98
C TYR C 345 -33.17 -1.02 46.50
N ILE C 346 -32.96 -2.30 46.20
CA ILE C 346 -34.07 -3.26 46.30
C ILE C 346 -34.60 -3.43 47.73
N ASP C 347 -33.75 -3.37 48.77
CA ASP C 347 -34.26 -3.45 50.14
CA ASP C 347 -34.31 -3.50 50.10
C ASP C 347 -35.24 -2.32 50.43
N SER C 348 -34.93 -1.13 49.92
CA SER C 348 -35.84 -0.01 50.13
C SER C 348 -37.12 -0.17 49.33
N LEU C 349 -37.01 -0.64 48.08
CA LEU C 349 -38.20 -0.74 47.24
C LEU C 349 -39.10 -1.90 47.66
N LEU C 350 -38.57 -2.95 48.31
CA LEU C 350 -39.42 -4.02 48.84
C LEU C 350 -39.99 -3.72 50.20
N TYR C 351 -39.49 -2.69 50.88
CA TYR C 351 -39.86 -2.43 52.27
C TYR C 351 -41.37 -2.27 52.46
N PRO C 352 -42.09 -1.50 51.63
CA PRO C 352 -43.55 -1.42 51.86
C PRO C 352 -44.25 -2.77 51.86
N SER C 353 -43.93 -3.63 50.90
CA SER C 353 -44.61 -4.92 50.80
C SER C 353 -44.26 -5.86 51.94
N ARG C 354 -43.21 -5.57 52.70
CA ARG C 354 -42.77 -6.40 53.82
C ARG C 354 -43.27 -5.89 55.18
N GLN C 355 -44.09 -4.84 55.20
CA GLN C 355 -44.66 -4.38 56.45
C GLN C 355 -45.80 -5.29 56.90
N ASN C 356 -46.20 -5.14 58.17
CA ASN C 356 -47.28 -5.93 58.76
C ASN C 356 -48.36 -4.99 59.28
N PRO C 357 -49.47 -4.80 58.54
CA PRO C 357 -49.79 -5.41 57.24
C PRO C 357 -48.96 -4.85 56.09
N PRO C 358 -48.93 -5.52 54.93
CA PRO C 358 -48.20 -4.95 53.79
C PRO C 358 -48.82 -3.64 53.33
N VAL C 359 -47.95 -2.77 52.81
CA VAL C 359 -48.36 -1.54 52.13
C VAL C 359 -47.99 -1.70 50.66
N SER C 360 -48.94 -1.43 49.76
CA SER C 360 -48.69 -1.53 48.33
C SER C 360 -48.42 -0.13 47.78
N LEU C 361 -47.19 0.33 47.95
CA LEU C 361 -46.77 1.61 47.40
C LEU C 361 -46.62 1.50 45.89
N PRO C 362 -47.44 2.18 45.09
CA PRO C 362 -47.31 2.03 43.64
C PRO C 362 -46.02 2.65 43.11
N TYR C 363 -45.50 2.05 42.05
CA TYR C 363 -44.27 2.47 41.40
C TYR C 363 -44.51 2.75 39.93
N TYR C 364 -43.84 3.79 39.43
CA TYR C 364 -43.94 4.23 38.03
C TYR C 364 -42.55 4.32 37.40
N PHE C 365 -41.74 3.27 37.55
CA PHE C 365 -40.31 3.37 37.25
C PHE C 365 -40.02 3.75 35.80
N HIS C 366 -39.23 4.82 35.62
CA HIS C 366 -38.37 4.92 34.44
C HIS C 366 -37.55 3.63 34.38
N ALA C 367 -37.57 2.93 33.25
CA ALA C 367 -36.86 1.65 33.22
C ALA C 367 -36.55 1.27 31.78
N GLY C 368 -35.34 0.75 31.56
CA GLY C 368 -34.98 0.32 30.21
C GLY C 368 -34.77 1.44 29.22
N GLU C 369 -34.47 2.64 29.67
CA GLU C 369 -34.19 3.80 28.80
C GLU C 369 -32.74 3.71 28.34
N THR C 370 -32.48 2.74 27.47
CA THR C 370 -31.08 2.37 27.19
C THR C 370 -30.99 1.59 25.87
N ASN C 371 -29.81 1.69 25.24
CA ASN C 371 -29.42 0.82 24.14
C ASN C 371 -28.70 -0.44 24.61
N TRP C 372 -28.39 -0.55 25.90
CA TRP C 372 -27.69 -1.73 26.39
C TRP C 372 -28.62 -2.93 26.44
N GLN C 373 -28.01 -4.11 26.35
CA GLN C 373 -28.75 -5.36 26.41
C GLN C 373 -28.02 -6.34 27.31
N GLY C 374 -28.76 -7.03 28.16
CA GLY C 374 -28.16 -8.03 29.04
C GLY C 374 -27.32 -7.43 30.14
N THR C 375 -27.54 -6.16 30.46
CA THR C 375 -26.78 -5.42 31.47
C THR C 375 -27.66 -5.11 32.67
N GLU C 376 -27.02 -4.53 33.70
CA GLU C 376 -27.77 -4.06 34.86
C GLU C 376 -28.84 -3.03 34.48
N VAL C 377 -28.64 -2.29 33.39
CA VAL C 377 -29.55 -1.20 33.06
C VAL C 377 -30.84 -1.75 32.46
N ASP C 378 -30.73 -2.54 31.38
CA ASP C 378 -31.99 -3.02 30.81
C ASP C 378 -32.64 -4.07 31.69
N TYR C 379 -31.89 -4.74 32.56
CA TYR C 379 -32.56 -5.65 33.49
C TYR C 379 -33.37 -4.91 34.55
N ASN C 380 -33.26 -3.59 34.63
CA ASN C 380 -34.21 -2.83 35.45
C ASN C 380 -35.66 -3.11 35.04
N LEU C 381 -35.88 -3.45 33.76
CA LEU C 381 -37.23 -3.85 33.35
C LEU C 381 -37.70 -5.07 34.14
N VAL C 382 -36.80 -6.02 34.41
CA VAL C 382 -37.22 -7.20 35.17
C VAL C 382 -37.64 -6.79 36.58
N ASP C 383 -36.83 -5.97 37.25
CA ASP C 383 -37.17 -5.57 38.61
C ASP C 383 -38.42 -4.71 38.62
N ALA C 384 -38.60 -3.85 37.62
CA ALA C 384 -39.82 -3.03 37.57
C ALA C 384 -41.06 -3.92 37.59
N LEU C 385 -41.05 -5.02 36.82
CA LEU C 385 -42.19 -5.92 36.80
C LEU C 385 -42.31 -6.71 38.10
N LEU C 386 -41.20 -7.18 38.66
CA LEU C 386 -41.29 -7.91 39.92
C LEU C 386 -41.81 -7.02 41.04
N LEU C 387 -41.52 -5.73 40.98
CA LEU C 387 -41.97 -4.75 41.96
C LEU C 387 -43.38 -4.24 41.67
N ASN C 388 -44.06 -4.81 40.68
CA ASN C 388 -45.47 -4.53 40.38
C ASN C 388 -45.68 -3.10 39.89
N ALA C 389 -44.76 -2.60 39.07
CA ALA C 389 -44.89 -1.25 38.54
C ALA C 389 -46.22 -1.06 37.80
N THR C 390 -46.85 0.10 38.03
CA THR C 390 -48.14 0.42 37.43
C THR C 390 -48.00 0.78 35.96
N ARG C 391 -47.01 1.60 35.65
CA ARG C 391 -46.58 1.93 34.29
C ARG C 391 -45.06 1.90 34.27
N ILE C 392 -44.49 1.78 33.08
CA ILE C 392 -43.05 1.81 32.89
C ILE C 392 -42.72 3.03 32.06
N GLY C 393 -41.75 3.83 32.51
CA GLY C 393 -41.32 4.97 31.70
C GLY C 393 -40.31 4.53 30.67
N HIS C 394 -40.56 4.88 29.40
CA HIS C 394 -39.68 4.61 28.25
C HIS C 394 -39.70 3.16 27.78
N GLY C 395 -39.08 2.25 28.54
CA GLY C 395 -39.08 0.87 28.12
C GLY C 395 -38.45 0.68 26.76
N PHE C 396 -37.45 1.49 26.44
CA PHE C 396 -36.84 1.42 25.11
C PHE C 396 -36.24 0.04 24.85
N ALA C 397 -35.64 -0.58 25.88
CA ALA C 397 -35.07 -1.91 25.72
C ALA C 397 -36.09 -3.05 25.76
N LEU C 398 -37.39 -2.75 25.91
CA LEU C 398 -38.36 -3.81 26.16
C LEU C 398 -38.45 -4.81 25.02
N ILE C 399 -38.30 -4.35 23.77
CA ILE C 399 -38.42 -5.27 22.63
C ILE C 399 -37.32 -6.33 22.63
N LYS C 400 -36.23 -6.14 23.38
CA LYS C 400 -35.19 -7.16 23.51
C LYS C 400 -35.47 -8.16 24.61
N HIS C 401 -36.63 -8.06 25.26
CA HIS C 401 -36.95 -8.89 26.43
C HIS C 401 -38.31 -9.55 26.29
N PRO C 402 -38.40 -10.65 25.55
CA PRO C 402 -39.72 -11.23 25.25
C PRO C 402 -40.49 -11.69 26.47
N ARG C 403 -39.81 -12.16 27.53
CA ARG C 403 -40.56 -12.61 28.70
C ARG C 403 -41.11 -11.44 29.49
N VAL C 404 -40.38 -10.32 29.52
CA VAL C 404 -40.94 -9.12 30.16
C VAL C 404 -42.14 -8.63 29.35
N ILE C 405 -42.07 -8.73 28.03
CA ILE C 405 -43.20 -8.30 27.21
C ILE C 405 -44.47 -9.07 27.58
N GLU C 406 -44.34 -10.40 27.78
CA GLU C 406 -45.50 -11.22 28.14
C GLU C 406 -46.18 -10.68 29.40
N LEU C 407 -45.38 -10.32 30.41
CA LEU C 407 -45.92 -9.80 31.66
C LEU C 407 -46.54 -8.42 31.49
N VAL C 408 -45.90 -7.56 30.69
CA VAL C 408 -46.45 -6.24 30.41
C VAL C 408 -47.83 -6.38 29.77
N LYS C 409 -47.96 -7.28 28.80
CA LYS C 409 -49.26 -7.49 28.16
C LYS C 409 -50.28 -8.10 29.11
N SER C 410 -49.90 -9.17 29.83
CA SER C 410 -50.93 -9.87 30.60
C SER C 410 -51.40 -9.05 31.79
N ARG C 411 -50.53 -8.18 32.32
CA ARG C 411 -50.91 -7.34 33.46
C ARG C 411 -51.47 -6.00 33.05
N GLY C 412 -51.35 -5.63 31.77
CA GLY C 412 -51.75 -4.30 31.37
C GLY C 412 -50.92 -3.17 31.94
N VAL C 413 -49.59 -3.31 31.90
CA VAL C 413 -48.67 -2.29 32.39
C VAL C 413 -48.34 -1.40 31.21
N ALA C 414 -48.94 -0.20 31.15
CA ALA C 414 -48.69 0.67 30.00
C ALA C 414 -47.25 1.16 29.97
N VAL C 415 -46.68 1.21 28.77
CA VAL C 415 -45.35 1.76 28.54
C VAL C 415 -45.52 3.21 28.11
N GLU C 416 -44.90 4.12 28.85
CA GLU C 416 -44.94 5.55 28.53
C GLU C 416 -43.86 5.86 27.51
N VAL C 417 -44.27 6.14 26.27
CA VAL C 417 -43.35 6.28 25.15
C VAL C 417 -43.19 7.76 24.87
N ASN C 418 -41.94 8.23 24.87
CA ASN C 418 -41.60 9.66 24.82
C ASN C 418 -40.66 9.82 23.63
N PRO C 419 -41.20 9.90 22.41
CA PRO C 419 -40.33 9.73 21.23
C PRO C 419 -39.35 10.85 21.00
N VAL C 420 -39.76 12.12 21.15
CA VAL C 420 -38.80 13.21 20.94
C VAL C 420 -37.68 13.12 21.97
N SER C 421 -38.05 12.85 23.23
CA SER C 421 -37.06 12.69 24.28
C SER C 421 -36.03 11.62 23.93
N ASN C 422 -36.50 10.46 23.45
CA ASN C 422 -35.58 9.36 23.17
C ASN C 422 -34.63 9.68 22.02
N GLN C 423 -35.09 10.44 21.02
CA GLN C 423 -34.18 10.86 19.95
C GLN C 423 -33.19 11.90 20.45
N LEU C 424 -33.67 12.96 21.10
CA LEU C 424 -32.76 14.03 21.47
C LEU C 424 -31.78 13.59 22.55
N LEU C 425 -32.21 12.74 23.47
CA LEU C 425 -31.33 12.27 24.54
C LEU C 425 -30.58 10.99 24.15
N GLY C 426 -30.50 10.68 22.86
CA GLY C 426 -29.43 9.83 22.37
C GLY C 426 -29.69 8.34 22.24
N LEU C 427 -30.94 7.89 22.25
CA LEU C 427 -31.22 6.46 22.09
C LEU C 427 -31.43 6.05 20.64
N VAL C 428 -31.73 7.00 19.75
CA VAL C 428 -32.05 6.65 18.37
C VAL C 428 -31.93 7.92 17.55
N LYS C 429 -31.59 7.76 16.27
CA LYS C 429 -31.49 8.92 15.37
C LYS C 429 -32.66 9.02 14.42
N ASP C 430 -32.87 7.99 13.60
CA ASP C 430 -34.03 7.94 12.71
C ASP C 430 -35.18 7.37 13.52
N LEU C 431 -36.24 8.17 13.73
CA LEU C 431 -37.31 7.72 14.62
C LEU C 431 -38.07 6.51 14.10
N ARG C 432 -37.91 6.14 12.82
CA ARG C 432 -38.52 4.89 12.39
C ARG C 432 -37.82 3.68 13.01
N ASN C 433 -36.65 3.86 13.60
CA ASN C 433 -35.97 2.81 14.36
C ASN C 433 -36.39 2.83 15.82
N HIS C 434 -37.36 3.66 16.20
CA HIS C 434 -37.73 3.71 17.60
C HIS C 434 -38.22 2.33 18.06
N ALA C 435 -37.68 1.87 19.19
CA ALA C 435 -37.95 0.51 19.62
C ALA C 435 -39.40 0.30 20.07
N ALA C 436 -40.22 1.35 20.18
CA ALA C 436 -41.62 1.13 20.48
C ALA C 436 -42.44 0.73 19.24
N ALA C 437 -41.93 0.93 18.01
CA ALA C 437 -42.71 0.54 16.85
C ALA C 437 -43.05 -0.94 16.88
N PRO C 438 -42.13 -1.84 17.22
CA PRO C 438 -42.52 -3.26 17.30
C PRO C 438 -43.43 -3.54 18.47
N LEU C 439 -43.36 -2.74 19.55
CA LEU C 439 -44.32 -2.94 20.65
C LEU C 439 -45.73 -2.62 20.19
N LEU C 440 -45.89 -1.50 19.47
CA LEU C 440 -47.23 -1.13 18.99
C LEU C 440 -47.76 -2.15 17.99
N ALA C 441 -46.87 -2.76 17.20
CA ALA C 441 -47.31 -3.76 16.23
C ALA C 441 -47.85 -5.01 16.92
N GLN C 442 -47.39 -5.29 18.15
CA GLN C 442 -47.88 -6.42 18.94
C GLN C 442 -48.99 -6.04 19.89
N ASN C 443 -49.43 -4.78 19.88
CA ASN C 443 -50.49 -4.28 20.76
C ASN C 443 -50.07 -4.32 22.24
N VAL C 444 -48.79 -4.13 22.49
CA VAL C 444 -48.33 -3.80 23.85
C VAL C 444 -49.02 -2.51 24.29
N PRO C 445 -49.53 -2.40 25.52
CA PRO C 445 -50.23 -1.14 25.91
C PRO C 445 -49.25 0.02 25.99
N VAL C 446 -49.59 1.11 25.30
CA VAL C 446 -48.69 2.24 25.14
C VAL C 446 -49.47 3.53 25.33
N VAL C 447 -48.86 4.50 26.01
CA VAL C 447 -49.36 5.88 26.04
C VAL C 447 -48.21 6.77 25.54
N ILE C 448 -48.54 7.81 24.76
CA ILE C 448 -47.53 8.77 24.26
C ILE C 448 -47.45 9.92 25.24
N SER C 449 -46.24 10.42 25.50
CA SER C 449 -46.08 11.63 26.31
C SER C 449 -44.85 12.41 25.82
N SER C 450 -44.62 13.56 26.42
CA SER C 450 -43.57 14.48 25.95
C SER C 450 -42.36 14.59 26.86
N ASP C 451 -42.46 14.16 28.13
CA ASP C 451 -41.34 14.02 29.06
C ASP C 451 -40.87 15.38 29.59
N ASP C 452 -40.18 16.14 28.74
CA ASP C 452 -39.57 17.42 29.13
C ASP C 452 -39.78 18.46 28.02
N PRO C 453 -41.03 18.68 27.58
CA PRO C 453 -41.22 19.50 26.36
C PRO C 453 -40.68 20.91 26.48
N GLY C 454 -40.66 21.48 27.68
CA GLY C 454 -40.14 22.83 27.80
C GLY C 454 -38.65 22.92 27.51
N VAL C 455 -37.91 21.84 27.81
CA VAL C 455 -36.45 21.90 27.68
C VAL C 455 -36.05 22.10 26.23
N TRP C 456 -36.79 21.50 25.29
CA TRP C 456 -36.41 21.54 23.89
C TRP C 456 -37.52 22.13 23.02
N GLU C 457 -38.34 23.00 23.61
CA GLU C 457 -39.31 23.81 22.88
C GLU C 457 -40.32 22.98 22.09
N ALA C 458 -40.79 21.89 22.70
CA ALA C 458 -41.90 21.12 22.16
C ALA C 458 -43.22 21.53 22.81
N LEU C 459 -44.32 21.27 22.08
CA LEU C 459 -45.66 21.41 22.62
C LEU C 459 -45.93 20.33 23.68
N PRO C 460 -46.99 20.51 24.48
CA PRO C 460 -47.26 19.50 25.53
C PRO C 460 -47.42 18.09 24.99
N MET C 461 -48.11 17.94 23.85
CA MET C 461 -48.35 16.60 23.30
C MET C 461 -48.29 16.53 21.78
N SER C 462 -48.56 17.61 21.06
CA SER C 462 -48.85 17.47 19.63
C SER C 462 -47.61 17.05 18.86
N HIS C 463 -46.41 17.52 19.25
CA HIS C 463 -45.23 17.12 18.49
C HIS C 463 -44.93 15.64 18.70
N ASP C 464 -45.01 15.18 19.95
CA ASP C 464 -44.75 13.77 20.20
C ASP C 464 -45.81 12.88 19.56
N MET C 465 -47.08 13.29 19.60
CA MET C 465 -48.10 12.48 18.96
C MET C 465 -47.90 12.45 17.44
N TYR C 466 -47.45 13.57 16.85
CA TYR C 466 -47.17 13.58 15.41
C TYR C 466 -46.04 12.62 15.06
N VAL C 467 -44.92 12.67 15.80
CA VAL C 467 -43.81 11.78 15.42
C VAL C 467 -44.17 10.33 15.69
N ALA C 468 -44.90 10.05 16.77
CA ALA C 468 -45.37 8.67 16.96
C ALA C 468 -46.23 8.22 15.79
N PHE C 469 -47.17 9.06 15.39
CA PHE C 469 -48.07 8.69 14.30
C PHE C 469 -47.34 8.51 12.98
N MET C 470 -46.32 9.33 12.72
CA MET C 470 -45.66 9.28 11.42
C MET C 470 -44.47 8.32 11.37
N ASP C 471 -43.89 7.99 12.51
CA ASP C 471 -42.66 7.20 12.57
C ASP C 471 -42.81 5.84 13.24
N LEU C 472 -43.75 5.68 14.16
CA LEU C 472 -43.81 4.49 14.99
C LEU C 472 -44.91 3.53 14.57
N VAL C 473 -45.73 3.90 13.59
CA VAL C 473 -46.69 3.01 12.96
C VAL C 473 -46.60 3.29 11.47
N GLY C 474 -47.29 2.46 10.68
CA GLY C 474 -47.06 2.43 9.25
C GLY C 474 -47.91 3.37 8.40
N GLU C 475 -47.62 3.31 7.09
CA GLU C 475 -48.29 4.18 6.12
C GLU C 475 -49.79 3.95 6.14
N ASP C 476 -50.21 2.72 6.40
CA ASP C 476 -51.62 2.35 6.36
C ASP C 476 -52.28 2.47 7.72
N ALA C 477 -51.63 3.09 8.71
CA ALA C 477 -52.19 3.28 10.04
C ALA C 477 -52.69 4.71 10.17
N GLY C 478 -53.97 4.86 10.50
CA GLY C 478 -54.58 6.18 10.50
C GLY C 478 -55.23 6.63 11.80
N LEU C 479 -56.43 7.19 11.66
CA LEU C 479 -57.08 7.83 12.78
C LEU C 479 -57.42 6.82 13.87
N ASP C 480 -57.56 5.55 13.50
CA ASP C 480 -57.80 4.53 14.52
C ASP C 480 -56.62 4.41 15.50
N VAL C 481 -55.37 4.54 15.01
CA VAL C 481 -54.24 4.53 15.93
C VAL C 481 -54.29 5.73 16.87
N LEU C 482 -54.54 6.93 16.30
CA LEU C 482 -54.59 8.12 17.13
C LEU C 482 -55.67 8.01 18.20
N LYS C 483 -56.85 7.53 17.81
CA LYS C 483 -57.94 7.44 18.77
C LYS C 483 -57.59 6.44 19.87
N GLN C 484 -56.95 5.32 19.50
CA GLN C 484 -56.61 4.32 20.53
C GLN C 484 -55.60 4.89 21.51
N LEU C 485 -54.58 5.61 21.00
CA LEU C 485 -53.57 6.15 21.91
C LEU C 485 -54.18 7.18 22.84
N VAL C 486 -55.10 8.00 22.33
CA VAL C 486 -55.79 9.00 23.15
C VAL C 486 -56.59 8.31 24.25
N TRP C 487 -57.37 7.28 23.88
CA TRP C 487 -58.17 6.56 24.88
C TRP C 487 -57.26 5.82 25.86
N ASN C 488 -56.15 5.23 25.37
CA ASN C 488 -55.20 4.58 26.28
C ASN C 488 -54.73 5.52 27.37
N SER C 489 -54.53 6.81 27.03
CA SER C 489 -53.98 7.71 28.05
C SER C 489 -54.94 7.94 29.20
N ILE C 490 -56.24 7.73 29.01
CA ILE C 490 -57.17 7.74 30.13
C ILE C 490 -57.30 6.36 30.75
N GLN C 491 -57.45 5.33 29.90
CA GLN C 491 -57.68 3.99 30.40
C GLN C 491 -56.49 3.45 31.21
N TYR C 492 -55.26 3.86 30.89
CA TYR C 492 -54.09 3.48 31.66
C TYR C 492 -53.60 4.58 32.60
N SER C 493 -54.38 5.65 32.77
CA SER C 493 -54.09 6.59 33.86
C SER C 493 -54.34 5.92 35.20
N SER C 494 -53.99 6.64 36.27
CA SER C 494 -54.23 6.16 37.62
C SER C 494 -55.51 6.72 38.22
N MET C 495 -56.43 7.20 37.37
CA MET C 495 -57.78 7.52 37.83
C MET C 495 -58.47 6.27 38.36
N ASN C 496 -59.34 6.45 39.37
CA ASN C 496 -60.18 5.34 39.79
C ASN C 496 -61.32 5.17 38.79
N ALA C 497 -62.14 4.13 38.99
CA ALA C 497 -63.14 3.76 37.99
C ALA C 497 -64.14 4.89 37.74
N THR C 498 -64.56 5.57 38.81
CA THR C 498 -65.52 6.66 38.68
C THR C 498 -64.90 7.84 37.94
N GLU C 499 -63.66 8.17 38.28
CA GLU C 499 -62.97 9.26 37.58
C GLU C 499 -62.81 8.95 36.10
N LYS C 500 -62.44 7.71 35.77
CA LYS C 500 -62.26 7.36 34.35
C LYS C 500 -63.55 7.53 33.59
N LYS C 501 -64.66 7.04 34.16
CA LYS C 501 -65.95 7.18 33.49
C LYS C 501 -66.27 8.66 33.22
N THR C 502 -66.04 9.52 34.21
CA THR C 502 -66.30 10.94 34.03
C THR C 502 -65.39 11.53 32.95
N ALA C 503 -64.12 11.19 32.99
CA ALA C 503 -63.16 11.71 32.02
C ALA C 503 -63.48 11.24 30.61
N LEU C 504 -63.91 9.99 30.46
CA LEU C 504 -64.23 9.49 29.12
C LEU C 504 -65.49 10.12 28.55
N LYS C 505 -66.47 10.44 29.41
CA LYS C 505 -67.64 11.18 28.96
C LYS C 505 -67.23 12.55 28.40
N LEU C 506 -66.35 13.26 29.12
CA LEU C 506 -65.83 14.54 28.64
C LEU C 506 -65.07 14.35 27.34
N LEU C 507 -64.20 13.33 27.30
CA LEU C 507 -63.35 13.10 26.14
C LEU C 507 -64.19 12.78 24.91
N GLN C 508 -65.23 11.96 25.09
CA GLN C 508 -66.08 11.58 23.96
C GLN C 508 -66.73 12.81 23.33
N ALA C 509 -67.23 13.73 24.16
CA ALA C 509 -67.83 14.95 23.65
C ALA C 509 -66.78 15.83 22.93
N LYS C 510 -65.58 15.97 23.51
CA LYS C 510 -64.51 16.70 22.84
C LYS C 510 -64.15 16.06 21.50
N TRP C 511 -64.09 14.74 21.47
CA TRP C 511 -63.73 14.01 20.25
C TRP C 511 -64.78 14.23 19.17
N ASN C 512 -66.06 14.10 19.52
CA ASN C 512 -67.11 14.34 18.53
C ASN C 512 -67.01 15.75 17.95
N ASN C 513 -66.79 16.76 18.81
CA ASN C 513 -66.67 18.13 18.31
C ASN C 513 -65.46 18.27 17.40
N PHE C 514 -64.34 17.64 17.77
CA PHE C 514 -63.13 17.67 16.95
C PHE C 514 -63.37 17.06 15.58
N ILE C 515 -64.05 15.92 15.52
CA ILE C 515 -64.36 15.31 14.23
C ILE C 515 -65.20 16.27 13.37
N ASN C 516 -66.27 16.83 13.95
CA ASN C 516 -67.14 17.72 13.20
C ASN C 516 -66.40 18.96 12.72
N ASP C 517 -65.61 19.57 13.62
CA ASP C 517 -64.84 20.75 13.25
C ASP C 517 -63.84 20.45 12.15
N SER C 518 -63.20 19.28 12.21
CA SER C 518 -62.17 18.93 11.23
C SER C 518 -62.76 18.72 9.84
N LEU C 519 -63.94 18.09 9.76
CA LEU C 519 -64.55 17.91 8.44
C LEU C 519 -64.82 19.26 7.79
N ILE C 520 -65.29 20.23 8.57
CA ILE C 520 -65.52 21.57 8.03
C ILE C 520 -64.19 22.23 7.64
N LYS C 521 -63.22 22.17 8.54
CA LYS C 521 -61.95 22.87 8.35
C LYS C 521 -61.22 22.38 7.11
N TRP C 522 -61.20 21.07 6.91
CA TRP C 522 -60.48 20.50 5.79
C TRP C 522 -61.37 20.24 4.58
N LYS C 523 -62.60 20.79 4.57
CA LYS C 523 -63.50 20.76 3.40
C LYS C 523 -63.79 19.33 2.94
N LEU C 524 -64.13 18.48 3.91
CA LEU C 524 -64.35 17.07 3.65
C LEU C 524 -65.83 16.70 3.63
N THR C 525 -66.72 17.67 3.81
CA THR C 525 -68.15 17.37 3.85
C THR C 525 -68.72 17.20 2.45
N VAL D 30 45.47 -36.35 -0.48
CA VAL D 30 45.20 -34.98 -0.04
C VAL D 30 46.08 -34.00 -0.81
N ARG D 31 45.44 -33.09 -1.55
CA ARG D 31 46.19 -32.17 -2.41
C ARG D 31 47.03 -31.19 -1.61
N PHE D 32 46.51 -30.65 -0.51
CA PHE D 32 47.20 -29.57 0.21
C PHE D 32 47.29 -29.94 1.68
N PRO D 33 48.11 -30.93 2.02
CA PRO D 33 48.18 -31.36 3.43
C PRO D 33 48.79 -30.30 4.35
N THR D 34 49.58 -29.39 3.81
CA THR D 34 50.33 -28.40 4.57
C THR D 34 50.12 -27.02 3.97
N MET D 35 50.47 -25.99 4.75
CA MET D 35 50.42 -24.63 4.22
C MET D 35 51.39 -24.45 3.06
N ASP D 36 52.58 -25.06 3.14
CA ASP D 36 53.57 -24.89 2.09
C ASP D 36 53.06 -25.43 0.76
N GLU D 37 52.37 -26.58 0.77
CA GLU D 37 51.82 -27.09 -0.49
C GLU D 37 50.79 -26.12 -1.05
N TYR D 38 49.95 -25.55 -0.18
CA TYR D 38 48.92 -24.62 -0.64
C TYR D 38 49.54 -23.34 -1.21
N THR D 39 50.44 -22.71 -0.46
CA THR D 39 50.98 -21.44 -0.94
C THR D 39 51.85 -21.64 -2.18
N ASN D 40 52.50 -22.80 -2.32
CA ASN D 40 53.25 -23.05 -3.55
C ASN D 40 52.35 -23.03 -4.76
N ALA D 41 51.20 -23.72 -4.68
CA ALA D 41 50.28 -23.74 -5.80
C ALA D 41 49.70 -22.36 -6.05
N ARG D 42 49.35 -21.68 -4.98
CA ARG D 42 48.73 -20.36 -5.08
C ARG D 42 49.68 -19.34 -5.71
N GLU D 43 50.93 -19.36 -5.26
CA GLU D 43 51.93 -18.43 -5.77
C GLU D 43 52.26 -18.74 -7.22
N GLU D 44 52.28 -20.02 -7.60
CA GLU D 44 52.56 -20.32 -9.01
C GLU D 44 51.45 -19.78 -9.90
N LEU D 45 50.19 -19.93 -9.46
CA LEU D 45 49.07 -19.46 -10.26
C LEU D 45 49.08 -17.94 -10.39
N ILE D 46 49.23 -17.23 -9.27
CA ILE D 46 49.29 -15.78 -9.31
C ILE D 46 50.50 -15.32 -10.11
N GLY D 47 51.65 -15.95 -9.87
CA GLY D 47 52.84 -15.59 -10.63
C GLY D 47 52.68 -15.83 -12.13
N SER D 48 51.95 -16.87 -12.51
CA SER D 48 51.74 -17.12 -13.93
C SER D 48 50.93 -16.00 -14.59
N GLU D 49 49.99 -15.38 -13.86
CA GLU D 49 49.29 -14.23 -14.42
C GLU D 49 50.17 -13.00 -14.45
N GLN D 50 51.06 -12.84 -13.47
CA GLN D 50 51.98 -11.71 -13.52
CA GLN D 50 51.99 -11.71 -13.52
C GLN D 50 52.89 -11.80 -14.74
N TYR D 51 53.30 -13.01 -15.13
CA TYR D 51 54.16 -13.15 -16.31
C TYR D 51 53.42 -12.82 -17.60
N LEU D 52 52.10 -12.94 -17.58
CA LEU D 52 51.28 -12.74 -18.78
C LEU D 52 50.85 -11.29 -18.99
N ARG D 53 50.88 -10.46 -17.96
CA ARG D 53 50.39 -9.09 -18.12
C ARG D 53 51.47 -8.21 -18.75
N VAL D 54 51.05 -7.01 -19.14
CA VAL D 54 51.99 -6.02 -19.68
C VAL D 54 53.18 -5.87 -18.73
N GLY D 55 54.38 -5.97 -19.29
CA GLY D 55 55.58 -5.80 -18.51
C GLY D 55 55.97 -7.02 -17.71
N GLY D 56 55.22 -8.12 -17.83
CA GLY D 56 55.47 -9.30 -17.01
C GLY D 56 56.80 -9.98 -17.27
N SER D 57 57.42 -9.71 -18.42
CA SER D 57 58.69 -10.35 -18.77
C SER D 57 59.90 -9.48 -18.43
N ILE D 58 59.69 -8.30 -17.86
CA ILE D 58 60.80 -7.41 -17.51
C ILE D 58 61.48 -7.90 -16.24
N ASN D 59 62.81 -7.88 -16.24
CA ASN D 59 63.60 -8.13 -15.03
C ASN D 59 64.28 -6.83 -14.61
N LEU D 60 63.84 -6.25 -13.50
CA LEU D 60 64.43 -5.01 -13.02
C LEU D 60 65.84 -5.25 -12.45
N ASN D 61 66.77 -4.31 -12.70
CA ASN D 61 68.09 -4.41 -12.09
C ASN D 61 68.02 -3.90 -10.65
N ASN D 62 69.16 -3.93 -9.95
CA ASN D 62 69.14 -3.67 -8.51
C ASN D 62 68.69 -2.24 -8.21
N LYS D 63 69.13 -1.26 -9.00
CA LYS D 63 68.68 0.11 -8.79
C LYS D 63 67.20 0.25 -9.07
N GLU D 64 66.71 -0.35 -10.16
CA GLU D 64 65.29 -0.32 -10.47
C GLU D 64 64.46 -0.97 -9.36
N LYS D 65 64.98 -2.06 -8.79
CA LYS D 65 64.26 -2.75 -7.71
C LYS D 65 64.09 -1.85 -6.50
N LYS D 66 65.10 -1.04 -6.18
CA LYS D 66 64.98 -0.13 -5.04
C LYS D 66 63.86 0.87 -5.26
N LEU D 67 63.79 1.45 -6.46
CA LEU D 67 62.70 2.37 -6.78
C LEU D 67 61.37 1.64 -6.81
N ASN D 68 61.36 0.43 -7.37
CA ASN D 68 60.14 -0.36 -7.45
C ASN D 68 59.60 -0.68 -6.06
N GLN D 69 60.48 -1.02 -5.13
CA GLN D 69 60.01 -1.33 -3.77
C GLN D 69 59.34 -0.12 -3.13
N PHE D 70 59.88 1.08 -3.35
CA PHE D 70 59.25 2.28 -2.81
C PHE D 70 57.89 2.55 -3.47
N ILE D 71 57.83 2.47 -4.79
CA ILE D 71 56.58 2.63 -5.50
C ILE D 71 55.54 1.65 -4.96
N LEU D 72 55.93 0.39 -4.79
CA LEU D 72 54.96 -0.62 -4.35
C LEU D 72 54.50 -0.38 -2.92
N ARG D 73 55.41 0.08 -2.03
CA ARG D 73 54.99 0.46 -0.67
C ARG D 73 53.99 1.60 -0.71
N GLU D 74 54.24 2.61 -1.54
CA GLU D 74 53.31 3.73 -1.68
C GLU D 74 51.98 3.28 -2.25
N LYS D 75 52.01 2.40 -3.26
CA LYS D 75 50.77 1.95 -3.88
C LYS D 75 49.94 1.14 -2.89
N ARG D 76 50.59 0.25 -2.14
CA ARG D 76 49.84 -0.52 -1.15
C ARG D 76 49.25 0.39 -0.09
N ALA D 77 49.99 1.43 0.31
CA ALA D 77 49.50 2.27 1.39
C ALA D 77 48.19 2.96 1.00
N ILE D 78 48.13 3.50 -0.22
CA ILE D 78 46.93 4.22 -0.63
C ILE D 78 45.76 3.26 -0.83
N ILE D 79 46.02 2.10 -1.43
CA ILE D 79 44.95 1.14 -1.67
C ILE D 79 44.45 0.56 -0.34
N GLU D 80 45.37 0.18 0.56
CA GLU D 80 44.91 -0.42 1.80
C GLU D 80 44.14 0.58 2.65
N ASN D 81 44.51 1.86 2.60
CA ASN D 81 43.73 2.88 3.32
C ASN D 81 42.31 2.99 2.76
N SER D 82 42.18 3.04 1.43
CA SER D 82 40.84 3.10 0.84
C SER D 82 40.02 1.87 1.21
N ARG D 83 40.64 0.69 1.17
CA ARG D 83 39.93 -0.56 1.34
C ARG D 83 39.55 -0.81 2.80
N LEU D 84 40.52 -0.69 3.71
CA LEU D 84 40.27 -1.03 5.11
C LEU D 84 39.65 0.12 5.89
N ASN D 85 39.94 1.36 5.52
CA ASN D 85 39.29 2.50 6.14
C ASN D 85 38.02 2.94 5.40
N LYS D 86 37.61 2.21 4.36
CA LYS D 86 36.29 2.35 3.75
C LYS D 86 36.05 3.77 3.24
N THR D 87 36.95 4.23 2.36
CA THR D 87 36.83 5.56 1.78
C THR D 87 37.18 5.46 0.29
N GLN D 88 36.69 6.42 -0.49
CA GLN D 88 36.81 6.30 -1.95
C GLN D 88 38.27 6.30 -2.37
N TYR D 89 38.55 5.58 -3.45
CA TYR D 89 39.88 5.48 -4.02
C TYR D 89 40.05 6.65 -4.96
N ILE D 90 40.71 7.70 -4.50
CA ILE D 90 40.76 8.96 -5.27
C ILE D 90 41.36 8.79 -6.65
N PRO D 91 42.40 7.95 -6.90
CA PRO D 91 42.92 7.84 -8.28
C PRO D 91 41.86 7.46 -9.31
N ALA D 92 40.75 6.87 -8.86
CA ALA D 92 39.74 6.39 -9.80
C ALA D 92 38.53 7.32 -9.97
N VAL D 93 38.41 8.39 -9.18
CA VAL D 93 37.25 9.29 -9.27
C VAL D 93 37.47 10.29 -10.38
N SER D 94 36.46 11.14 -10.63
CA SER D 94 36.56 12.15 -11.70
C SER D 94 37.89 12.90 -11.63
N PHE D 95 38.49 13.10 -12.80
CA PHE D 95 39.74 13.88 -12.86
C PHE D 95 39.58 15.25 -12.23
N PHE D 96 38.37 15.83 -12.29
CA PHE D 96 38.15 17.11 -11.66
C PHE D 96 38.48 17.05 -10.17
N LEU D 97 38.14 15.94 -9.52
CA LEU D 97 38.43 15.78 -8.09
C LEU D 97 39.82 15.23 -7.82
N SER D 98 40.33 14.36 -8.69
CA SER D 98 41.57 13.66 -8.40
C SER D 98 42.82 14.45 -8.78
N LYS D 99 42.72 15.41 -9.70
CA LYS D 99 43.92 16.08 -10.23
C LYS D 99 44.75 16.70 -9.11
N SER D 100 44.15 17.54 -8.28
CA SER D 100 44.93 18.23 -7.26
C SER D 100 45.46 17.23 -6.22
N GLN D 101 44.70 16.17 -5.96
CA GLN D 101 45.10 15.18 -4.95
C GLN D 101 46.30 14.37 -5.40
N MET D 102 46.30 13.89 -6.65
CA MET D 102 47.42 13.06 -7.08
C MET D 102 48.72 13.85 -7.14
N GLU D 103 48.64 15.16 -7.43
CA GLU D 103 49.86 15.91 -7.72
C GLU D 103 50.76 16.09 -6.51
N SER D 104 50.24 15.92 -5.30
CA SER D 104 51.09 16.04 -4.11
C SER D 104 51.77 14.74 -3.70
N THR D 105 51.53 13.62 -4.43
CA THR D 105 51.97 12.32 -3.96
C THR D 105 53.29 11.88 -4.61
N PRO D 106 54.07 11.06 -3.88
CA PRO D 106 55.32 10.54 -4.47
C PRO D 106 55.14 9.77 -5.75
N ILE D 107 54.10 8.92 -5.86
CA ILE D 107 53.97 8.16 -7.11
C ILE D 107 53.77 9.11 -8.28
N PHE D 108 52.97 10.15 -8.09
CA PHE D 108 52.76 11.10 -9.17
C PHE D 108 54.06 11.81 -9.52
N LYS D 109 54.79 12.25 -8.49
CA LYS D 109 56.02 13.00 -8.73
C LYS D 109 57.07 12.14 -9.43
N ILE D 110 57.08 10.84 -9.14
CA ILE D 110 57.97 9.93 -9.85
C ILE D 110 57.55 9.80 -11.32
N ILE D 111 56.25 9.62 -11.56
CA ILE D 111 55.78 9.51 -12.93
C ILE D 111 56.03 10.81 -13.67
N LYS D 112 55.92 11.94 -12.97
CA LYS D 112 56.18 13.22 -13.62
C LYS D 112 57.61 13.30 -14.13
N ASP D 113 58.58 12.89 -13.30
CA ASP D 113 59.99 12.91 -13.72
C ASP D 113 60.33 11.83 -14.74
N MET D 114 59.54 10.77 -14.80
CA MET D 114 59.86 9.61 -15.65
C MET D 114 59.80 9.97 -17.14
N PRO D 115 60.75 9.50 -17.95
CA PRO D 115 60.59 9.68 -19.40
C PRO D 115 59.38 8.88 -19.87
N LYS D 116 58.55 9.51 -20.70
CA LYS D 116 57.32 8.87 -21.14
C LYS D 116 57.47 8.12 -22.45
N GLY D 117 58.54 8.40 -23.20
CA GLY D 117 58.67 7.87 -24.55
C GLY D 117 57.85 8.74 -25.50
N ALA D 118 56.66 8.28 -25.88
CA ALA D 118 55.89 8.97 -26.89
C ALA D 118 54.44 9.15 -26.48
N ALA D 119 53.81 10.21 -27.01
CA ALA D 119 52.36 10.35 -26.96
C ALA D 119 51.87 10.13 -28.38
N LEU D 120 51.20 9.01 -28.60
CA LEU D 120 50.83 8.60 -29.95
C LEU D 120 49.41 8.95 -30.34
N HIS D 121 48.61 9.48 -29.41
CA HIS D 121 47.22 9.79 -29.73
C HIS D 121 46.90 11.17 -29.17
N LEU D 122 46.90 12.16 -30.06
CA LEU D 122 46.75 13.57 -29.71
C LEU D 122 46.04 14.28 -30.87
N HIS D 123 45.30 15.34 -30.54
CA HIS D 123 44.74 16.20 -31.58
C HIS D 123 45.39 17.57 -31.52
N ASP D 124 45.71 18.10 -32.71
CA ASP D 124 46.54 19.29 -32.80
C ASP D 124 45.85 20.57 -32.35
N THR D 125 44.54 20.58 -32.12
CA THR D 125 43.92 21.80 -31.63
C THR D 125 43.55 21.69 -30.17
N ALA D 126 44.06 20.67 -29.48
CA ALA D 126 43.64 20.32 -28.14
C ALA D 126 44.80 19.89 -27.26
N SER D 127 46.04 20.14 -27.67
CA SER D 127 47.18 19.54 -27.00
C SER D 127 48.14 20.56 -26.41
N ALA D 128 47.76 21.83 -26.34
CA ALA D 128 48.54 22.84 -25.66
C ALA D 128 47.62 23.58 -24.71
N ARG D 129 48.20 24.40 -23.84
CA ARG D 129 47.46 24.99 -22.74
C ARG D 129 46.42 26.01 -23.21
N ILE D 130 45.22 25.94 -22.63
CA ILE D 130 44.29 27.04 -22.83
C ILE D 130 44.89 28.33 -22.33
N ASP D 131 45.69 28.25 -21.25
CA ASP D 131 46.36 29.44 -20.73
C ASP D 131 47.17 30.17 -21.80
N TRP D 132 47.78 29.41 -22.73
CA TRP D 132 48.54 30.04 -23.82
C TRP D 132 47.61 30.71 -24.82
N ILE D 133 46.49 30.07 -25.14
CA ILE D 133 45.50 30.71 -26.00
C ILE D 133 45.09 32.06 -25.42
N VAL D 134 44.88 32.11 -24.10
CA VAL D 134 44.48 33.36 -23.46
C VAL D 134 45.65 34.34 -23.40
N SER D 135 46.77 33.92 -22.80
CA SER D 135 47.84 34.85 -22.49
C SER D 135 48.60 35.28 -23.74
N ASN D 136 48.66 34.42 -24.76
CA ASN D 136 49.37 34.76 -25.98
C ASN D 136 48.40 35.08 -27.13
N ALA D 137 47.55 34.14 -27.52
CA ALA D 137 46.78 34.32 -28.74
C ALA D 137 45.77 35.46 -28.62
N THR D 138 45.08 35.60 -27.49
CA THR D 138 44.08 36.67 -27.42
C THR D 138 44.69 38.03 -27.10
N TYR D 139 46.01 38.13 -26.99
CA TYR D 139 46.68 39.42 -26.93
C TYR D 139 47.20 39.88 -28.28
N ARG D 140 46.88 39.16 -29.36
CA ARG D 140 47.36 39.57 -30.67
C ARG D 140 46.36 40.53 -31.33
N ASP D 141 46.84 41.27 -32.33
CA ASP D 141 45.97 42.20 -33.04
C ASP D 141 44.88 41.46 -33.79
N HIS D 142 43.72 42.12 -33.91
CA HIS D 142 42.60 41.69 -34.76
C HIS D 142 41.90 40.44 -34.25
N VAL D 143 42.01 40.16 -32.95
CA VAL D 143 41.29 39.07 -32.32
C VAL D 143 39.97 39.60 -31.77
N TYR D 144 38.88 38.90 -32.10
CA TYR D 144 37.52 39.29 -31.72
C TYR D 144 36.89 38.18 -30.90
N MET D 145 35.92 38.57 -30.06
CA MET D 145 35.19 37.66 -29.20
C MET D 145 33.71 37.97 -29.30
N CYS D 146 32.89 36.97 -28.97
CA CYS D 146 31.45 37.17 -28.86
C CYS D 146 30.88 36.07 -27.97
N MET D 147 29.67 36.33 -27.45
CA MET D 147 28.94 35.32 -26.71
C MET D 147 27.89 34.73 -27.64
N ASP D 148 27.92 33.41 -27.81
CA ASP D 148 26.98 32.77 -28.73
C ASP D 148 25.64 32.54 -28.03
N GLN D 149 24.68 31.97 -28.77
CA GLN D 149 23.33 31.82 -28.27
C GLN D 149 23.25 30.81 -27.12
N ASP D 150 24.29 30.00 -26.94
CA ASP D 150 24.39 29.06 -25.83
C ASP D 150 25.15 29.64 -24.64
N ASN D 151 25.54 30.92 -24.71
CA ASN D 151 26.21 31.64 -23.62
C ASN D 151 27.65 31.16 -23.41
N PHE D 152 28.34 30.83 -24.51
CA PHE D 152 29.76 30.50 -24.51
C PHE D 152 30.53 31.54 -25.31
N VAL D 153 31.73 31.87 -24.84
CA VAL D 153 32.56 32.81 -25.59
C VAL D 153 33.14 32.12 -26.81
N ARG D 154 33.23 32.85 -27.92
CA ARG D 154 33.92 32.36 -29.12
C ARG D 154 34.98 33.38 -29.51
N LEU D 155 36.06 32.89 -30.09
CA LEU D 155 37.20 33.72 -30.48
C LEU D 155 37.51 33.52 -31.96
N THR D 156 37.89 34.59 -32.64
CA THR D 156 38.30 34.48 -34.04
C THR D 156 39.23 35.65 -34.38
N VAL D 157 39.77 35.61 -35.60
CA VAL D 157 40.61 36.68 -36.14
C VAL D 157 39.96 37.25 -37.38
N SER D 158 40.02 38.57 -37.52
CA SER D 158 39.48 39.23 -38.69
C SER D 158 40.34 40.45 -39.03
N GLY D 159 40.99 40.42 -40.18
CA GLY D 159 41.80 41.55 -40.59
C GLY D 159 41.05 42.71 -41.21
N THR D 160 39.72 42.63 -41.29
CA THR D 160 38.88 43.62 -41.97
C THR D 160 37.75 44.08 -41.06
N GLY D 161 38.09 44.48 -39.83
CA GLY D 161 37.10 44.94 -38.89
C GLY D 161 36.31 43.81 -38.29
N PRO D 162 35.31 44.13 -37.49
CA PRO D 162 34.50 43.07 -36.87
C PRO D 162 33.88 42.17 -37.92
N PRO D 163 33.84 40.86 -37.67
CA PRO D 163 33.15 39.96 -38.59
C PRO D 163 31.66 40.25 -38.61
N ALA D 164 30.99 39.75 -39.66
CA ALA D 164 29.55 39.92 -39.75
C ALA D 164 28.88 39.29 -38.54
N ASN D 165 27.90 40.00 -37.99
CA ASN D 165 27.30 39.61 -36.71
C ASN D 165 26.17 38.59 -36.92
N SER D 166 26.57 37.42 -37.42
CA SER D 166 25.67 36.30 -37.69
C SER D 166 25.43 35.55 -36.38
N GLY D 167 24.36 35.94 -35.68
CA GLY D 167 24.02 35.30 -34.43
C GLY D 167 25.01 35.51 -33.31
N CYS D 168 25.93 36.46 -33.45
CA CYS D 168 26.97 36.75 -32.46
C CYS D 168 27.39 38.20 -32.68
N GLU D 169 27.49 38.97 -31.59
CA GLU D 169 27.96 40.35 -31.69
C GLU D 169 29.45 40.36 -31.40
N TRP D 170 30.27 40.44 -32.46
CA TRP D 170 31.71 40.37 -32.32
C TRP D 170 32.27 41.68 -31.77
N LYS D 171 33.20 41.58 -30.82
CA LYS D 171 33.84 42.72 -30.20
C LYS D 171 35.34 42.48 -30.16
N LEU D 172 36.10 43.57 -30.29
CA LEU D 172 37.56 43.47 -30.28
C LEU D 172 38.03 43.10 -28.88
N VAL D 173 38.84 42.04 -28.77
CA VAL D 173 39.23 41.56 -27.45
C VAL D 173 40.07 42.60 -26.72
N GLU D 174 40.93 43.31 -27.46
CA GLU D 174 41.73 44.37 -26.84
C GLU D 174 40.85 45.39 -26.13
N THR D 175 39.78 45.83 -26.81
CA THR D 175 38.87 46.80 -26.21
C THR D 175 38.14 46.22 -25.01
N GLU D 176 37.66 44.97 -25.13
CA GLU D 176 36.93 44.36 -24.02
C GLU D 176 37.83 44.18 -22.79
N ARG D 177 39.08 43.77 -23.01
CA ARG D 177 40.01 43.58 -21.90
C ARG D 177 40.31 44.92 -21.22
N ALA D 178 40.62 45.94 -22.03
CA ALA D 178 41.01 47.22 -21.46
C ALA D 178 39.87 47.84 -20.65
N ASN D 179 38.62 47.60 -21.04
CA ASN D 179 37.45 48.16 -20.37
C ASN D 179 36.84 47.21 -19.35
N SER D 180 37.44 46.05 -19.12
CA SER D 180 36.85 45.07 -18.21
C SER D 180 36.80 45.58 -16.78
N GLY D 181 37.71 46.48 -16.40
CA GLY D 181 37.85 46.88 -15.03
C GLY D 181 38.69 45.94 -14.18
N ASP D 182 39.05 44.76 -14.69
CA ASP D 182 39.89 43.82 -13.96
C ASP D 182 40.48 42.86 -15.00
N ILE D 183 41.71 43.13 -15.45
CA ILE D 183 42.28 42.36 -16.56
C ILE D 183 42.50 40.91 -16.14
N ALA D 184 43.02 40.67 -14.93
CA ALA D 184 43.30 39.30 -14.54
C ALA D 184 42.01 38.48 -14.43
N ALA D 185 40.94 39.10 -13.89
CA ALA D 185 39.65 38.41 -13.86
C ALA D 185 39.11 38.18 -15.27
N PHE D 186 39.32 39.13 -16.17
CA PHE D 186 38.93 38.95 -17.56
C PHE D 186 39.63 37.74 -18.17
N ASP D 187 40.95 37.66 -18.01
CA ASP D 187 41.69 36.53 -18.58
C ASP D 187 41.28 35.21 -17.94
N HIS D 188 41.10 35.21 -16.62
CA HIS D 188 40.66 34.01 -15.92
C HIS D 188 39.28 33.59 -16.40
N TRP D 189 38.38 34.55 -16.61
CA TRP D 189 37.06 34.22 -17.14
C TRP D 189 37.16 33.59 -18.52
N LEU D 190 38.01 34.13 -19.40
CA LEU D 190 38.23 33.50 -20.70
C LEU D 190 38.61 32.03 -20.53
N LYS D 191 39.63 31.78 -19.71
CA LYS D 191 40.06 30.41 -19.47
C LYS D 191 38.92 29.56 -18.90
N SER D 192 38.18 30.10 -17.92
CA SER D 192 37.11 29.34 -17.28
CA SER D 192 37.12 29.33 -17.29
C SER D 192 35.98 29.01 -18.26
N ASN D 193 35.74 29.89 -19.24
CA ASN D 193 34.63 29.70 -20.17
C ASN D 193 34.97 28.70 -21.26
N ILE D 194 36.25 28.40 -21.42
CA ILE D 194 36.71 27.53 -22.48
C ILE D 194 37.08 26.13 -21.98
N SER D 195 37.54 26.01 -20.72
CA SER D 195 38.03 24.72 -20.20
C SER D 195 36.89 23.80 -19.78
N LEU D 196 37.06 22.50 -20.06
CA LEU D 196 36.07 21.56 -19.56
C LEU D 196 36.34 21.16 -18.11
N LEU D 197 37.40 21.64 -17.48
CA LEU D 197 37.64 21.31 -16.08
C LEU D 197 37.28 22.45 -15.14
N THR D 198 36.57 23.48 -15.61
CA THR D 198 36.14 24.54 -14.70
C THR D 198 35.18 24.01 -13.64
N THR D 199 34.30 23.10 -14.04
CA THR D 199 33.45 22.33 -13.15
C THR D 199 33.68 20.86 -13.44
N ASP D 200 33.12 19.99 -12.61
CA ASP D 200 33.29 18.57 -12.89
C ASP D 200 32.37 18.15 -14.02
N PRO D 201 32.92 17.74 -15.17
CA PRO D 201 32.04 17.37 -16.30
C PRO D 201 31.07 16.27 -15.94
N LEU D 202 31.47 15.36 -15.04
CA LEU D 202 30.58 14.26 -14.67
C LEU D 202 29.34 14.76 -13.93
N VAL D 203 29.39 15.96 -13.36
CA VAL D 203 28.25 16.56 -12.67
C VAL D 203 27.50 17.52 -13.58
N THR D 204 28.23 18.44 -14.22
CA THR D 204 27.62 19.49 -15.03
C THR D 204 27.01 18.97 -16.33
N TYR D 205 27.60 17.93 -16.92
CA TYR D 205 27.14 17.39 -18.21
C TYR D 205 26.93 15.89 -18.02
N PRO D 206 25.90 15.50 -17.25
CA PRO D 206 25.87 14.13 -16.72
C PRO D 206 25.30 13.09 -17.67
N SER D 207 25.70 13.16 -18.94
CA SER D 207 25.37 12.11 -19.89
C SER D 207 26.34 12.22 -21.05
N LEU D 208 26.42 11.12 -21.82
CA LEU D 208 27.32 11.06 -22.97
C LEU D 208 27.04 12.22 -23.92
N ASP D 209 25.78 12.41 -24.26
CA ASP D 209 25.51 13.41 -25.27
C ASP D 209 25.51 14.81 -24.69
N LYS D 210 25.30 14.97 -23.37
CA LYS D 210 25.50 16.28 -22.78
C LYS D 210 26.99 16.64 -22.75
N VAL D 211 27.86 15.71 -22.37
CA VAL D 211 29.27 16.06 -22.32
C VAL D 211 29.84 16.19 -23.73
N TRP D 212 29.35 15.41 -24.71
CA TRP D 212 29.85 15.60 -26.06
C TRP D 212 29.37 16.92 -26.63
N GLY D 213 28.19 17.39 -26.22
CA GLY D 213 27.78 18.73 -26.62
C GLY D 213 28.74 19.79 -26.11
N ARG D 214 29.18 19.68 -24.86
CA ARG D 214 30.17 20.61 -24.32
C ARG D 214 31.51 20.47 -25.02
N PHE D 215 31.92 19.23 -25.32
CA PHE D 215 33.19 18.99 -26.00
C PHE D 215 33.18 19.60 -27.39
N ASP D 216 32.13 19.30 -28.17
CA ASP D 216 31.97 19.94 -29.48
C ASP D 216 31.98 21.45 -29.37
N LYS D 217 31.31 21.98 -28.35
CA LYS D 217 31.28 23.42 -28.17
C LYS D 217 32.68 23.99 -27.96
N HIS D 218 33.53 23.29 -27.19
CA HIS D 218 34.87 23.78 -26.95
C HIS D 218 35.60 24.04 -28.28
N PHE D 219 35.50 23.09 -29.21
CA PHE D 219 36.20 23.28 -30.47
C PHE D 219 35.61 24.42 -31.28
N SER D 220 34.27 24.59 -31.25
CA SER D 220 33.66 25.75 -31.90
C SER D 220 34.14 27.06 -31.27
N GLN D 221 34.34 27.09 -29.95
CA GLN D 221 34.81 28.31 -29.28
C GLN D 221 36.16 28.75 -29.81
N LEU D 222 37.07 27.82 -30.01
CA LEU D 222 38.43 28.15 -30.42
C LEU D 222 38.66 28.07 -31.92
N ARG D 223 37.70 27.57 -32.69
CA ARG D 223 37.96 27.23 -34.09
C ARG D 223 38.48 28.44 -34.87
N GLY D 224 37.82 29.59 -34.73
CA GLY D 224 38.25 30.76 -35.46
C GLY D 224 39.69 31.16 -35.17
N ILE D 225 40.03 31.34 -33.90
CA ILE D 225 41.34 31.88 -33.57
C ILE D 225 42.43 30.86 -33.86
N ILE D 226 42.16 29.58 -33.66
CA ILE D 226 43.23 28.57 -33.72
C ILE D 226 43.50 28.13 -35.14
N TYR D 227 42.67 28.52 -36.11
CA TYR D 227 42.97 28.28 -37.52
C TYR D 227 43.62 29.47 -38.21
N HIS D 228 43.85 30.58 -37.49
CA HIS D 228 44.62 31.69 -38.05
C HIS D 228 46.10 31.30 -38.12
N THR D 229 46.70 31.38 -39.31
CA THR D 229 47.96 30.68 -39.57
C THR D 229 49.06 30.94 -38.56
N PRO D 230 49.43 32.18 -38.21
CA PRO D 230 50.56 32.35 -37.29
C PRO D 230 50.23 31.89 -35.88
N ILE D 231 48.97 31.95 -35.49
CA ILE D 231 48.59 31.42 -34.19
C ILE D 231 48.66 29.90 -34.22
N ARG D 232 48.19 29.29 -35.32
CA ARG D 232 48.25 27.85 -35.44
C ARG D 232 49.68 27.35 -35.43
N ARG D 233 50.56 28.04 -36.16
CA ARG D 233 51.97 27.66 -36.17
C ARG D 233 52.54 27.66 -34.76
N ASP D 234 52.29 28.74 -34.02
CA ASP D 234 52.84 28.90 -32.68
C ASP D 234 52.19 27.97 -31.68
N TYR D 235 50.92 27.61 -31.88
CA TYR D 235 50.26 26.65 -31.02
C TYR D 235 50.86 25.26 -31.18
N TYR D 236 51.15 24.87 -32.42
CA TYR D 236 51.81 23.59 -32.66
C TYR D 236 53.19 23.57 -32.00
N ARG D 237 53.95 24.66 -32.10
CA ARG D 237 55.23 24.72 -31.42
C ARG D 237 55.06 24.58 -29.91
N GLN D 238 53.99 25.17 -29.36
CA GLN D 238 53.72 25.02 -27.93
C GLN D 238 53.42 23.58 -27.56
N ILE D 239 52.74 22.83 -28.44
CA ILE D 239 52.56 21.40 -28.20
C ILE D 239 53.92 20.74 -27.97
N LEU D 240 54.85 20.97 -28.90
CA LEU D 240 56.17 20.34 -28.80
C LEU D 240 56.88 20.77 -27.52
N GLU D 241 56.85 22.06 -27.20
CA GLU D 241 57.51 22.53 -25.98
C GLU D 241 56.91 21.88 -24.74
N GLU D 242 55.58 21.83 -24.67
CA GLU D 242 54.93 21.32 -23.46
C GLU D 242 55.19 19.83 -23.31
N PHE D 243 55.12 19.08 -24.41
CA PHE D 243 55.35 17.65 -24.30
C PHE D 243 56.79 17.36 -23.92
N ARG D 244 57.74 18.07 -24.51
CA ARG D 244 59.13 17.91 -24.07
C ARG D 244 59.28 18.22 -22.57
N SER D 245 58.59 19.26 -22.09
CA SER D 245 58.68 19.64 -20.68
C SER D 245 58.12 18.58 -19.75
N ASP D 246 57.19 17.74 -20.22
CA ASP D 246 56.69 16.63 -19.43
C ASP D 246 57.49 15.35 -19.68
N ASN D 247 58.71 15.49 -20.21
CA ASN D 247 59.63 14.37 -20.49
C ASN D 247 59.03 13.38 -21.48
N VAL D 248 58.34 13.92 -22.49
CA VAL D 248 57.91 13.15 -23.66
C VAL D 248 58.85 13.51 -24.80
N GLN D 249 59.42 12.50 -25.46
CA GLN D 249 60.43 12.77 -26.49
C GLN D 249 59.89 12.68 -27.91
N TYR D 250 58.64 12.31 -28.10
CA TYR D 250 58.15 12.06 -29.45
C TYR D 250 56.63 12.14 -29.44
N VAL D 251 56.04 12.67 -30.52
CA VAL D 251 54.59 12.73 -30.62
C VAL D 251 54.17 12.38 -32.05
N GLU D 252 53.01 11.73 -32.17
CA GLU D 252 52.29 11.62 -33.42
C GLU D 252 50.94 12.29 -33.22
N VAL D 253 50.57 13.18 -34.16
CA VAL D 253 49.48 14.12 -33.93
C VAL D 253 48.45 14.01 -35.05
N ARG D 254 47.17 13.85 -34.69
CA ARG D 254 46.09 14.04 -35.67
C ARG D 254 45.89 15.52 -35.96
N SER D 255 45.71 15.84 -37.25
CA SER D 255 45.47 17.20 -37.70
C SER D 255 44.59 17.19 -38.94
N SER D 256 43.64 18.14 -39.00
CA SER D 256 42.87 18.28 -40.24
C SER D 256 43.72 18.86 -41.37
N LEU D 257 44.80 19.57 -41.03
CA LEU D 257 45.76 20.20 -41.94
C LEU D 257 45.18 21.37 -42.72
N SER D 258 43.86 21.53 -42.70
CA SER D 258 43.16 22.31 -43.72
C SER D 258 42.64 23.62 -43.13
N GLY D 259 42.58 24.63 -44.00
CA GLY D 259 41.88 25.86 -43.67
C GLY D 259 42.63 26.89 -42.86
N TYR D 260 43.95 26.78 -42.75
CA TYR D 260 44.70 27.81 -42.04
C TYR D 260 44.61 29.11 -42.83
N TYR D 261 44.27 30.22 -42.18
CA TYR D 261 43.96 31.44 -42.91
C TYR D 261 44.79 32.62 -42.41
N ASP D 262 45.13 33.50 -43.35
CA ASP D 262 45.96 34.67 -43.08
C ASP D 262 45.10 35.88 -42.74
N LEU D 263 45.74 36.95 -42.28
CA LEU D 263 45.00 38.17 -41.97
C LEU D 263 44.25 38.70 -43.18
N ASP D 264 44.78 38.50 -44.38
CA ASP D 264 44.09 39.06 -45.54
C ASP D 264 42.99 38.15 -46.07
N GLY D 265 42.72 37.03 -45.40
CA GLY D 265 41.65 36.13 -45.77
C GLY D 265 42.07 34.92 -46.58
N THR D 266 43.32 34.88 -47.04
CA THR D 266 43.80 33.75 -47.82
C THR D 266 43.67 32.47 -47.02
N VAL D 267 43.07 31.43 -47.62
CA VAL D 267 42.94 30.12 -47.00
C VAL D 267 43.93 29.16 -47.66
N HIS D 268 44.78 28.53 -46.86
CA HIS D 268 45.77 27.60 -47.36
C HIS D 268 45.21 26.19 -47.48
N ASP D 269 45.82 25.40 -48.36
CA ASP D 269 45.41 24.02 -48.61
C ASP D 269 46.11 23.08 -47.61
N PRO D 270 45.68 21.81 -47.55
CA PRO D 270 46.27 20.90 -46.54
C PRO D 270 47.77 20.70 -46.70
N GLU D 271 48.28 20.64 -47.93
CA GLU D 271 49.71 20.41 -48.09
C GLU D 271 50.50 21.52 -47.41
N TYR D 272 50.04 22.76 -47.52
CA TYR D 272 50.69 23.87 -46.82
C TYR D 272 50.69 23.65 -45.32
N GLY D 273 49.55 23.25 -44.76
CA GLY D 273 49.49 22.99 -43.33
C GLY D 273 50.50 21.92 -42.93
N LEU D 274 50.67 20.89 -43.76
CA LEU D 274 51.65 19.86 -43.46
C LEU D 274 53.07 20.40 -43.52
N GLN D 275 53.36 21.23 -44.53
CA GLN D 275 54.71 21.79 -44.67
C GLN D 275 55.02 22.73 -43.51
N LEU D 276 54.01 23.47 -43.04
CA LEU D 276 54.18 24.33 -41.88
C LEU D 276 54.58 23.53 -40.65
N TYR D 277 53.86 22.43 -40.36
CA TYR D 277 54.19 21.57 -39.24
C TYR D 277 55.56 20.92 -39.45
N LYS D 278 55.89 20.53 -40.68
CA LYS D 278 57.19 19.94 -40.93
C LYS D 278 58.32 20.89 -40.55
N ALA D 279 58.19 22.16 -40.90
CA ALA D 279 59.24 23.14 -40.61
C ALA D 279 59.32 23.43 -39.11
N VAL D 280 58.17 23.56 -38.42
CA VAL D 280 58.22 23.74 -36.97
C VAL D 280 58.89 22.55 -36.31
N THR D 281 58.54 21.33 -36.73
CA THR D 281 59.13 20.13 -36.13
C THR D 281 60.65 20.09 -36.36
N GLU D 282 61.10 20.37 -37.60
CA GLU D 282 62.52 20.33 -37.89
C GLU D 282 63.29 21.33 -37.04
N GLU D 283 62.79 22.57 -36.93
CA GLU D 283 63.51 23.55 -36.12
CA GLU D 283 63.50 23.55 -36.12
C GLU D 283 63.59 23.08 -34.68
N PHE D 284 62.51 22.48 -34.16
CA PHE D 284 62.46 22.03 -32.78
C PHE D 284 63.47 20.91 -32.54
N VAL D 285 63.53 19.91 -33.43
CA VAL D 285 64.47 18.81 -33.28
CA VAL D 285 64.47 18.82 -33.21
C VAL D 285 65.91 19.30 -33.39
N ARG D 286 66.15 20.29 -34.24
CA ARG D 286 67.50 20.81 -34.37
C ARG D 286 67.90 21.59 -33.12
N THR D 287 66.93 22.24 -32.48
CA THR D 287 67.19 22.94 -31.22
C THR D 287 67.41 21.97 -30.07
N TYR D 288 66.68 20.87 -30.05
CA TYR D 288 66.65 19.96 -28.91
C TYR D 288 67.02 18.55 -29.34
N PRO D 289 68.30 18.20 -29.35
CA PRO D 289 68.71 16.83 -29.69
C PRO D 289 68.20 15.80 -28.71
N ASP D 290 67.71 16.21 -27.54
CA ASP D 290 67.12 15.25 -26.61
C ASP D 290 65.66 14.92 -26.95
N PHE D 291 65.15 15.43 -28.07
CA PHE D 291 63.77 15.21 -28.51
C PHE D 291 63.80 14.48 -29.85
N SER D 292 63.00 13.41 -29.97
CA SER D 292 63.05 12.58 -31.17
C SER D 292 62.28 13.15 -32.35
N GLY D 293 61.16 13.86 -32.11
CA GLY D 293 60.43 14.53 -33.17
C GLY D 293 58.95 14.25 -33.15
N ALA D 294 58.33 14.42 -34.32
CA ALA D 294 56.89 14.33 -34.49
C ALA D 294 56.58 13.84 -35.89
N LYS D 295 55.41 13.21 -36.04
CA LYS D 295 54.85 12.90 -37.35
C LYS D 295 53.35 13.14 -37.27
N ILE D 296 52.69 13.21 -38.43
CA ILE D 296 51.32 13.73 -38.50
C ILE D 296 50.41 12.71 -39.16
N ILE D 297 49.20 12.60 -38.62
CA ILE D 297 48.11 11.81 -39.19
C ILE D 297 47.01 12.77 -39.63
N LYS D 298 46.55 12.66 -40.89
CA LYS D 298 45.45 13.49 -41.35
C LYS D 298 44.13 13.00 -40.77
N SER D 299 43.36 13.91 -40.17
CA SER D 299 42.07 13.53 -39.61
C SER D 299 40.97 14.27 -40.34
N THR D 300 39.81 13.62 -40.44
CA THR D 300 38.59 14.18 -40.99
C THR D 300 37.42 13.81 -40.09
N ALA D 301 36.52 14.77 -39.85
CA ALA D 301 35.35 14.47 -39.03
C ALA D 301 34.37 13.57 -39.76
N ARG D 302 33.86 12.57 -39.04
CA ARG D 302 32.98 11.53 -39.58
C ARG D 302 31.52 11.97 -39.64
N VAL D 303 31.28 13.28 -39.69
CA VAL D 303 29.97 13.85 -40.03
C VAL D 303 29.86 14.22 -41.50
N LYS D 304 30.96 14.19 -42.24
CA LYS D 304 30.94 14.68 -43.62
C LYS D 304 30.44 13.61 -44.59
N PRO D 305 29.92 14.02 -45.75
CA PRO D 305 29.48 13.05 -46.76
C PRO D 305 30.65 12.23 -47.27
N ASN D 306 30.32 11.05 -47.81
CA ASN D 306 31.35 10.15 -48.34
C ASN D 306 32.16 10.82 -49.45
N THR D 307 31.56 11.73 -50.21
CA THR D 307 32.32 12.42 -51.25
C THR D 307 33.49 13.22 -50.66
N ASP D 308 33.28 13.85 -49.50
CA ASP D 308 34.36 14.56 -48.81
C ASP D 308 35.44 13.59 -48.33
N ILE D 309 35.04 12.47 -47.72
CA ILE D 309 36.04 11.51 -47.25
C ILE D 309 36.81 10.94 -48.43
N PHE D 310 36.14 10.71 -49.56
CA PHE D 310 36.86 10.22 -50.73
C PHE D 310 37.95 11.20 -51.14
N ASN D 311 37.64 12.50 -51.16
CA ASN D 311 38.65 13.48 -51.52
C ASN D 311 39.79 13.48 -50.51
N ASP D 312 39.47 13.32 -49.22
CA ASP D 312 40.50 13.33 -48.19
C ASP D 312 41.36 12.08 -48.22
N VAL D 313 40.79 10.93 -48.61
CA VAL D 313 41.58 9.73 -48.81
C VAL D 313 42.56 9.90 -49.97
N LYS D 314 42.10 10.50 -51.09
CA LYS D 314 43.00 10.75 -52.22
C LYS D 314 44.07 11.76 -51.85
N LEU D 315 43.70 12.79 -51.09
CA LEU D 315 44.68 13.72 -50.55
C LEU D 315 45.73 12.97 -49.75
N SER D 316 45.29 12.10 -48.85
CA SER D 316 46.22 11.37 -47.97
C SER D 316 47.14 10.46 -48.76
N MET D 317 46.61 9.80 -49.79
CA MET D 317 47.47 9.02 -50.68
C MET D 317 48.60 9.88 -51.25
N ASP D 318 48.28 11.10 -51.68
CA ASP D 318 49.29 11.95 -52.30
C ASP D 318 50.32 12.41 -51.27
N LEU D 319 49.87 12.81 -50.08
CA LEU D 319 50.79 13.27 -49.05
C LEU D 319 51.65 12.12 -48.52
N TYR D 320 51.09 10.91 -48.45
CA TYR D 320 51.87 9.75 -48.02
C TYR D 320 53.00 9.45 -48.99
N LYS D 321 52.72 9.57 -50.30
CA LYS D 321 53.75 9.33 -51.30
C LYS D 321 54.85 10.39 -51.25
N ARG D 322 54.47 11.66 -51.09
CA ARG D 322 55.44 12.73 -51.27
C ARG D 322 56.07 13.21 -49.96
N TYR D 323 55.52 12.84 -48.81
CA TYR D 323 56.10 13.20 -47.51
C TYR D 323 56.27 11.95 -46.66
N PRO D 324 57.00 10.94 -47.14
CA PRO D 324 57.12 9.72 -46.35
C PRO D 324 57.92 9.98 -45.09
N GLY D 325 57.56 9.32 -44.01
CA GLY D 325 58.29 9.61 -42.79
C GLY D 325 57.97 10.94 -42.13
N PHE D 326 57.09 11.76 -42.70
CA PHE D 326 56.44 12.79 -41.90
C PHE D 326 54.94 12.64 -41.91
N PHE D 327 54.34 12.31 -43.06
CA PHE D 327 52.90 12.07 -43.15
C PHE D 327 52.63 10.58 -43.01
N LEU D 328 51.81 10.20 -42.03
CA LEU D 328 51.65 8.80 -41.67
C LEU D 328 50.42 8.14 -42.28
N GLY D 329 49.36 8.87 -42.56
CA GLY D 329 48.15 8.20 -42.99
C GLY D 329 46.92 8.96 -42.51
N PHE D 330 45.80 8.23 -42.37
CA PHE D 330 44.47 8.84 -42.28
C PHE D 330 43.69 8.32 -41.08
N ASP D 331 42.81 9.16 -40.54
CA ASP D 331 41.98 8.80 -39.40
C ASP D 331 40.65 9.55 -39.52
N LEU D 332 39.60 8.97 -38.97
CA LEU D 332 38.29 9.60 -38.91
C LEU D 332 37.97 9.88 -37.45
N VAL D 333 37.58 11.12 -37.16
CA VAL D 333 37.41 11.57 -35.78
C VAL D 333 36.00 12.12 -35.59
N ALA D 334 35.74 12.71 -34.41
CA ALA D 334 34.45 13.26 -33.98
C ALA D 334 33.62 12.13 -33.38
N GLN D 335 32.45 12.45 -32.80
CA GLN D 335 31.77 11.48 -31.96
C GLN D 335 31.40 10.23 -32.76
N GLU D 336 31.72 9.06 -32.21
CA GLU D 336 31.57 7.83 -32.99
C GLU D 336 30.15 7.27 -32.97
N ASP D 337 29.43 7.36 -31.84
CA ASP D 337 28.13 6.70 -31.72
C ASP D 337 27.08 7.19 -32.73
N PRO D 338 26.86 8.50 -32.90
CA PRO D 338 25.73 8.95 -33.72
C PRO D 338 26.06 9.24 -35.17
N ASN D 339 27.31 9.06 -35.58
CA ASN D 339 27.78 9.58 -36.86
C ASN D 339 28.16 8.39 -37.76
N THR D 340 28.90 8.67 -38.83
CA THR D 340 29.10 7.67 -39.88
C THR D 340 30.11 6.60 -39.46
N SER D 341 29.76 5.34 -39.72
CA SER D 341 30.62 4.21 -39.45
C SER D 341 31.72 4.10 -40.50
N LEU D 342 32.77 3.33 -40.19
CA LEU D 342 33.77 3.04 -41.22
C LEU D 342 33.11 2.38 -42.42
N LEU D 343 32.16 1.47 -42.18
CA LEU D 343 31.49 0.79 -43.27
C LEU D 343 30.74 1.78 -44.15
N GLY D 344 30.22 2.86 -43.55
CA GLY D 344 29.58 3.93 -44.30
C GLY D 344 30.50 4.64 -45.27
N TYR D 345 31.82 4.50 -45.09
CA TYR D 345 32.81 5.11 -45.96
C TYR D 345 33.62 4.06 -46.71
N ILE D 346 33.14 2.81 -46.75
CA ILE D 346 34.03 1.69 -47.08
C ILE D 346 34.57 1.80 -48.50
N ASP D 347 33.80 2.35 -49.44
CA ASP D 347 34.30 2.47 -50.81
C ASP D 347 35.49 3.41 -50.88
N SER D 348 35.45 4.51 -50.12
CA SER D 348 36.59 5.42 -50.05
C SER D 348 37.78 4.77 -49.35
N LEU D 349 37.53 4.07 -48.23
CA LEU D 349 38.61 3.48 -47.47
C LEU D 349 39.28 2.32 -48.19
N LEU D 350 38.54 1.58 -49.02
CA LEU D 350 39.14 0.52 -49.82
C LEU D 350 39.81 1.02 -51.09
N TYR D 351 39.55 2.26 -51.50
CA TYR D 351 40.04 2.76 -52.79
C TYR D 351 41.55 2.63 -52.96
N PRO D 352 42.40 2.98 -51.97
CA PRO D 352 43.85 2.82 -52.19
C PRO D 352 44.26 1.39 -52.49
N SER D 353 43.71 0.41 -51.78
CA SER D 353 44.10 -0.98 -52.00
C SER D 353 43.63 -1.51 -53.35
N ARG D 354 42.64 -0.88 -53.95
CA ARG D 354 42.08 -1.31 -55.23
C ARG D 354 42.76 -0.65 -56.43
N GLN D 355 43.73 0.23 -56.21
CA GLN D 355 44.44 0.84 -57.31
C GLN D 355 45.37 -0.18 -57.97
N ASN D 356 45.74 0.12 -59.21
CA ASN D 356 46.69 -0.70 -59.97
C ASN D 356 47.89 0.17 -60.36
N PRO D 357 49.04 0.01 -59.69
CA PRO D 357 49.31 -0.92 -58.58
C PRO D 357 48.69 -0.45 -57.27
N PRO D 358 48.46 -1.36 -56.32
CA PRO D 358 47.84 -0.96 -55.04
C PRO D 358 48.68 0.06 -54.31
N VAL D 359 47.99 0.92 -53.56
CA VAL D 359 48.62 1.86 -52.64
C VAL D 359 48.14 1.52 -51.24
N SER D 360 49.08 1.32 -50.32
CA SER D 360 48.74 0.94 -48.95
C SER D 360 48.74 2.20 -48.08
N LEU D 361 47.60 2.88 -48.08
CA LEU D 361 47.45 4.06 -47.23
C LEU D 361 47.25 3.61 -45.79
N PRO D 362 48.14 3.96 -44.87
CA PRO D 362 47.98 3.52 -43.48
C PRO D 362 46.82 4.23 -42.80
N TYR D 363 46.15 3.51 -41.91
CA TYR D 363 45.00 4.01 -41.17
C TYR D 363 45.26 3.93 -39.69
N TYR D 364 44.79 4.92 -38.96
CA TYR D 364 44.94 4.97 -37.50
C TYR D 364 43.57 5.18 -36.83
N PHE D 365 42.61 4.34 -37.20
CA PHE D 365 41.21 4.65 -36.87
C PHE D 365 40.95 4.75 -35.37
N HIS D 366 40.40 5.87 -34.94
CA HIS D 366 39.54 5.85 -33.75
C HIS D 366 38.48 4.77 -33.94
N ALA D 367 38.34 3.85 -32.98
CA ALA D 367 37.40 2.76 -33.22
C ALA D 367 36.95 2.13 -31.91
N GLY D 368 35.66 1.85 -31.82
CA GLY D 368 35.15 1.20 -30.61
C GLY D 368 35.14 2.08 -29.38
N GLU D 369 35.11 3.40 -29.56
CA GLU D 369 35.02 4.35 -28.44
C GLU D 369 33.56 4.43 -27.98
N THR D 370 33.10 3.34 -27.36
CA THR D 370 31.66 3.17 -27.14
C THR D 370 31.38 2.17 -26.04
N ASN D 371 30.23 2.34 -25.38
CA ASN D 371 29.67 1.31 -24.51
C ASN D 371 28.72 0.36 -25.25
N TRP D 372 28.42 0.62 -26.52
CA TRP D 372 27.53 -0.26 -27.25
C TRP D 372 28.20 -1.59 -27.57
N GLN D 373 27.38 -2.63 -27.70
CA GLN D 373 27.86 -3.95 -28.06
C GLN D 373 26.98 -4.53 -29.15
N GLY D 374 27.61 -5.14 -30.17
CA GLY D 374 26.88 -5.74 -31.27
C GLY D 374 26.21 -4.76 -32.20
N THR D 375 26.64 -3.49 -32.21
CA THR D 375 26.05 -2.46 -33.04
C THR D 375 26.99 -2.04 -34.16
N GLU D 376 26.50 -1.13 -35.02
CA GLU D 376 27.37 -0.55 -36.04
C GLU D 376 28.58 0.16 -35.45
N VAL D 377 28.49 0.63 -34.20
CA VAL D 377 29.60 1.41 -33.64
C VAL D 377 30.75 0.51 -33.22
N ASP D 378 30.50 -0.43 -32.29
CA ASP D 378 31.62 -1.27 -31.88
C ASP D 378 32.08 -2.19 -33.02
N TYR D 379 31.23 -2.49 -34.00
CA TYR D 379 31.71 -3.27 -35.14
C TYR D 379 32.67 -2.49 -36.03
N ASN D 380 32.85 -1.19 -35.80
CA ASN D 380 33.96 -0.47 -36.44
C ASN D 380 35.29 -1.13 -36.15
N LEU D 381 35.40 -1.84 -35.03
CA LEU D 381 36.65 -2.54 -34.72
C LEU D 381 36.94 -3.61 -35.76
N VAL D 382 35.90 -4.32 -36.21
CA VAL D 382 36.08 -5.32 -37.25
C VAL D 382 36.62 -4.67 -38.53
N ASP D 383 35.99 -3.57 -38.95
CA ASP D 383 36.44 -2.93 -40.18
C ASP D 383 37.82 -2.31 -40.03
N ALA D 384 38.15 -1.79 -38.85
CA ALA D 384 39.47 -1.23 -38.68
C ALA D 384 40.55 -2.29 -38.91
N LEU D 385 40.31 -3.51 -38.43
CA LEU D 385 41.28 -4.58 -38.66
C LEU D 385 41.26 -5.08 -40.11
N LEU D 386 40.09 -5.20 -40.75
CA LEU D 386 40.07 -5.61 -42.14
C LEU D 386 40.77 -4.60 -43.05
N LEU D 387 40.78 -3.33 -42.66
CA LEU D 387 41.47 -2.28 -43.39
C LEU D 387 42.92 -2.10 -42.95
N ASN D 388 43.45 -3.02 -42.13
CA ASN D 388 44.88 -3.06 -41.79
C ASN D 388 45.32 -1.85 -40.99
N ALA D 389 44.48 -1.40 -40.05
CA ALA D 389 44.86 -0.25 -39.23
C ALA D 389 46.21 -0.51 -38.55
N THR D 390 47.04 0.52 -38.52
CA THR D 390 48.34 0.42 -37.86
C THR D 390 48.21 0.46 -36.33
N ARG D 391 47.40 1.38 -35.82
CA ARG D 391 46.98 1.41 -34.42
C ARG D 391 45.48 1.71 -34.41
N ILE D 392 44.85 1.45 -33.27
CA ILE D 392 43.44 1.73 -33.07
C ILE D 392 43.32 2.73 -31.94
N GLY D 393 42.50 3.77 -32.15
CA GLY D 393 42.26 4.76 -31.12
C GLY D 393 41.15 4.28 -30.19
N HIS D 394 41.43 4.30 -28.87
CA HIS D 394 40.52 3.96 -27.78
C HIS D 394 40.26 2.46 -27.64
N GLY D 395 39.55 1.87 -28.59
CA GLY D 395 39.26 0.44 -28.51
C GLY D 395 38.52 0.05 -27.25
N PHE D 396 37.69 0.95 -26.71
CA PHE D 396 37.06 0.69 -25.43
C PHE D 396 36.18 -0.55 -25.48
N ALA D 397 35.54 -0.81 -26.62
CA ALA D 397 34.69 -1.99 -26.79
C ALA D 397 35.48 -3.26 -27.09
N LEU D 398 36.81 -3.19 -27.19
CA LEU D 398 37.56 -4.33 -27.71
C LEU D 398 37.43 -5.57 -26.82
N ILE D 399 37.36 -5.38 -25.49
CA ILE D 399 37.29 -6.53 -24.60
C ILE D 399 36.01 -7.34 -24.82
N LYS D 400 35.00 -6.75 -25.46
CA LYS D 400 33.80 -7.50 -25.79
C LYS D 400 33.92 -8.28 -27.09
N HIS D 401 35.09 -8.24 -27.76
CA HIS D 401 35.26 -8.82 -29.09
C HIS D 401 36.47 -9.75 -29.14
N PRO D 402 36.31 -10.99 -28.66
CA PRO D 402 37.47 -11.90 -28.55
C PRO D 402 38.16 -12.20 -29.86
N ARG D 403 37.43 -12.28 -30.98
CA ARG D 403 38.12 -12.58 -32.24
C ARG D 403 38.89 -11.38 -32.75
N VAL D 404 38.41 -10.17 -32.47
CA VAL D 404 39.19 -8.99 -32.81
C VAL D 404 40.45 -8.90 -31.96
N ILE D 405 40.35 -9.25 -30.67
CA ILE D 405 41.53 -9.26 -29.81
C ILE D 405 42.64 -10.14 -30.41
N GLU D 406 42.27 -11.33 -30.88
CA GLU D 406 43.23 -12.23 -31.53
C GLU D 406 43.98 -11.52 -32.65
N LEU D 407 43.25 -10.79 -33.50
CA LEU D 407 43.90 -10.12 -34.62
C LEU D 407 44.79 -8.97 -34.14
N VAL D 408 44.33 -8.24 -33.13
CA VAL D 408 45.13 -7.15 -32.60
C VAL D 408 46.45 -7.67 -32.05
N LYS D 409 46.39 -8.78 -31.31
CA LYS D 409 47.62 -9.36 -30.76
C LYS D 409 48.50 -9.94 -31.86
N SER D 410 47.91 -10.69 -32.78
CA SER D 410 48.71 -11.36 -33.81
CA SER D 410 48.73 -11.37 -33.78
C SER D 410 49.41 -10.36 -34.71
N ARG D 411 48.74 -9.28 -35.06
CA ARG D 411 49.30 -8.29 -35.97
C ARG D 411 50.07 -7.16 -35.28
N GLY D 412 50.06 -7.12 -33.95
CA GLY D 412 50.77 -6.06 -33.26
C GLY D 412 50.17 -4.69 -33.48
N VAL D 413 48.85 -4.60 -33.45
CA VAL D 413 48.13 -3.35 -33.65
C VAL D 413 47.91 -2.74 -32.28
N ALA D 414 48.72 -1.74 -31.92
CA ALA D 414 48.62 -1.16 -30.57
C ALA D 414 47.30 -0.42 -30.39
N VAL D 415 46.69 -0.60 -29.22
CA VAL D 415 45.50 0.15 -28.83
C VAL D 415 45.96 1.39 -28.09
N GLU D 416 45.55 2.56 -28.59
CA GLU D 416 45.86 3.83 -27.94
C GLU D 416 44.84 4.08 -26.84
N VAL D 417 45.27 3.98 -25.59
CA VAL D 417 44.37 4.05 -24.45
C VAL D 417 44.50 5.43 -23.83
N ASN D 418 43.36 6.14 -23.74
CA ASN D 418 43.29 7.53 -23.32
C ASN D 418 42.36 7.57 -22.12
N PRO D 419 42.88 7.31 -20.91
CA PRO D 419 41.96 7.01 -19.78
C PRO D 419 41.19 8.22 -19.28
N VAL D 420 41.83 9.39 -19.17
CA VAL D 420 41.12 10.57 -18.69
C VAL D 420 40.04 10.97 -19.69
N SER D 421 40.38 10.94 -20.99
CA SER D 421 39.41 11.22 -22.04
C SER D 421 38.20 10.29 -21.93
N ASN D 422 38.43 8.99 -21.75
CA ASN D 422 37.32 8.04 -21.73
C ASN D 422 36.42 8.27 -20.53
N GLN D 423 36.98 8.69 -19.40
CA GLN D 423 36.16 9.00 -18.24
C GLN D 423 35.38 10.30 -18.45
N LEU D 424 36.07 11.37 -18.81
CA LEU D 424 35.39 12.66 -18.91
C LEU D 424 34.37 12.66 -20.04
N LEU D 425 34.65 11.96 -21.15
CA LEU D 425 33.72 11.95 -22.28
C LEU D 425 32.71 10.80 -22.20
N GLY D 426 32.49 10.25 -21.01
CA GLY D 426 31.26 9.52 -20.74
C GLY D 426 31.26 8.02 -20.97
N LEU D 427 32.42 7.38 -21.08
CA LEU D 427 32.45 5.93 -21.25
C LEU D 427 32.53 5.18 -19.92
N VAL D 428 32.95 5.81 -18.84
CA VAL D 428 33.15 5.10 -17.58
C VAL D 428 33.26 6.14 -16.48
N LYS D 429 32.90 5.75 -15.26
CA LYS D 429 32.94 6.64 -14.12
C LYS D 429 34.12 6.31 -13.21
N ASP D 430 34.15 5.10 -12.66
CA ASP D 430 35.23 4.61 -11.81
C ASP D 430 36.29 4.03 -12.74
N LEU D 431 37.48 4.63 -12.77
CA LEU D 431 38.44 4.17 -13.78
C LEU D 431 38.94 2.73 -13.56
N ARG D 432 38.72 2.13 -12.39
CA ARG D 432 39.07 0.72 -12.31
C ARG D 432 38.15 -0.16 -13.15
N ASN D 433 37.02 0.38 -13.64
CA ASN D 433 36.17 -0.28 -14.61
C ASN D 433 36.59 0.01 -16.05
N HIS D 434 37.71 0.69 -16.25
CA HIS D 434 38.14 0.97 -17.61
C HIS D 434 38.37 -0.34 -18.37
N ALA D 435 37.80 -0.44 -19.57
CA ALA D 435 37.83 -1.68 -20.34
C ALA D 435 39.22 -2.05 -20.85
N ALA D 436 40.21 -1.17 -20.70
CA ALA D 436 41.57 -1.57 -21.04
C ALA D 436 42.29 -2.35 -19.95
N ALA D 437 41.81 -2.34 -18.69
CA ALA D 437 42.48 -3.17 -17.69
C ALA D 437 42.53 -4.65 -18.09
N PRO D 438 41.43 -5.27 -18.54
CA PRO D 438 41.56 -6.67 -18.96
C PRO D 438 42.41 -6.83 -20.22
N LEU D 439 42.54 -5.79 -21.06
CA LEU D 439 43.48 -5.88 -22.18
C LEU D 439 44.91 -5.95 -21.68
N LEU D 440 45.25 -5.10 -20.72
CA LEU D 440 46.62 -5.10 -20.21
C LEU D 440 46.95 -6.40 -19.50
N ALA D 441 45.97 -6.99 -18.79
CA ALA D 441 46.20 -8.27 -18.13
C ALA D 441 46.50 -9.39 -19.13
N GLN D 442 46.07 -9.25 -20.38
CA GLN D 442 46.33 -10.20 -21.46
C GLN D 442 47.53 -9.85 -22.32
N ASN D 443 48.23 -8.76 -22.01
CA ASN D 443 49.34 -8.27 -22.81
C ASN D 443 48.91 -7.92 -24.24
N VAL D 444 47.68 -7.45 -24.40
CA VAL D 444 47.33 -6.78 -25.66
C VAL D 444 48.25 -5.58 -25.81
N PRO D 445 48.82 -5.31 -27.00
CA PRO D 445 49.71 -4.15 -27.12
C PRO D 445 48.96 -2.84 -26.89
N VAL D 446 49.44 -2.05 -25.94
CA VAL D 446 48.78 -0.83 -25.49
C VAL D 446 49.80 0.29 -25.39
N VAL D 447 49.41 1.48 -25.80
CA VAL D 447 50.16 2.68 -25.47
C VAL D 447 49.21 3.62 -24.76
N ILE D 448 49.70 4.35 -23.75
CA ILE D 448 48.88 5.33 -23.04
C ILE D 448 49.05 6.67 -23.74
N SER D 449 47.97 7.44 -23.86
CA SER D 449 48.10 8.79 -24.39
C SER D 449 47.06 9.67 -23.71
N SER D 450 47.08 10.97 -24.04
CA SER D 450 46.24 11.93 -23.36
C SER D 450 45.10 12.51 -24.20
N ASP D 451 45.16 12.38 -25.53
CA ASP D 451 44.06 12.71 -26.45
C ASP D 451 43.88 14.23 -26.63
N ASP D 452 43.29 14.89 -25.63
CA ASP D 452 42.98 16.32 -25.70
C ASP D 452 43.35 17.01 -24.39
N PRO D 453 44.59 16.86 -23.93
CA PRO D 453 44.91 17.31 -22.56
C PRO D 453 44.69 18.79 -22.33
N GLY D 454 44.84 19.64 -23.36
CA GLY D 454 44.57 21.05 -23.20
C GLY D 454 43.13 21.36 -22.85
N VAL D 455 42.19 20.54 -23.32
CA VAL D 455 40.77 20.84 -23.18
C VAL D 455 40.36 20.78 -21.72
N TRP D 456 40.93 19.83 -20.96
CA TRP D 456 40.55 19.63 -19.57
C TRP D 456 41.74 19.77 -18.61
N GLU D 457 42.73 20.58 -19.02
CA GLU D 457 43.83 21.02 -18.15
C GLU D 457 44.68 19.86 -17.63
N ALA D 458 44.87 18.85 -18.45
CA ALA D 458 45.80 17.79 -18.10
C ALA D 458 47.20 18.10 -18.63
N LEU D 459 48.19 17.46 -18.01
CA LEU D 459 49.56 17.49 -18.49
C LEU D 459 49.67 16.65 -19.76
N PRO D 460 50.77 16.80 -20.52
CA PRO D 460 50.90 16.03 -21.78
C PRO D 460 50.72 14.54 -21.59
N MET D 461 51.33 13.98 -20.54
CA MET D 461 51.24 12.53 -20.30
C MET D 461 51.14 12.12 -18.85
N SER D 462 51.61 12.93 -17.91
CA SER D 462 51.80 12.44 -16.55
C SER D 462 50.47 12.08 -15.87
N HIS D 463 49.41 12.85 -16.13
CA HIS D 463 48.15 12.53 -15.46
C HIS D 463 47.59 11.22 -16.00
N ASP D 464 47.60 11.05 -17.33
CA ASP D 464 47.07 9.82 -17.90
C ASP D 464 47.91 8.62 -17.50
N MET D 465 49.24 8.77 -17.45
CA MET D 465 50.08 7.65 -17.03
C MET D 465 49.82 7.31 -15.57
N TYR D 466 49.59 8.31 -14.73
CA TYR D 466 49.25 8.05 -13.33
C TYR D 466 47.93 7.27 -13.19
N VAL D 467 46.87 7.71 -13.88
CA VAL D 467 45.61 6.97 -13.73
C VAL D 467 45.73 5.56 -14.33
N ALA D 468 46.46 5.41 -15.44
CA ALA D 468 46.65 4.06 -15.96
C ALA D 468 47.37 3.19 -14.93
N PHE D 469 48.40 3.74 -14.29
CA PHE D 469 49.19 2.95 -13.35
C PHE D 469 48.38 2.60 -12.11
N MET D 470 47.53 3.53 -11.65
CA MET D 470 46.83 3.35 -10.38
C MET D 470 45.48 2.66 -10.53
N ASP D 471 44.88 2.69 -11.73
CA ASP D 471 43.53 2.19 -11.94
C ASP D 471 43.45 1.03 -12.91
N LEU D 472 44.37 0.91 -13.85
CA LEU D 472 44.22 -0.05 -14.94
C LEU D 472 45.10 -1.29 -14.77
N VAL D 473 45.95 -1.34 -13.74
CA VAL D 473 46.69 -2.53 -13.33
C VAL D 473 46.60 -2.60 -11.81
N GLY D 474 47.13 -3.68 -11.26
CA GLY D 474 46.83 -4.03 -9.89
C GLY D 474 47.78 -3.43 -8.85
N GLU D 475 47.44 -3.68 -7.58
CA GLU D 475 48.22 -3.19 -6.46
C GLU D 475 49.65 -3.70 -6.48
N ASP D 476 49.86 -4.89 -7.02
CA ASP D 476 51.19 -5.49 -7.02
C ASP D 476 51.91 -5.30 -8.34
N ALA D 477 51.43 -4.41 -9.20
CA ALA D 477 52.08 -4.08 -10.46
C ALA D 477 52.85 -2.78 -10.27
N GLY D 478 54.15 -2.82 -10.51
CA GLY D 478 54.99 -1.69 -10.21
C GLY D 478 55.74 -1.10 -11.38
N LEU D 479 57.03 -0.81 -11.16
CA LEU D 479 57.82 -0.07 -12.12
C LEU D 479 57.94 -0.80 -13.45
N ASP D 480 57.83 -2.14 -13.44
CA ASP D 480 57.88 -2.91 -14.68
C ASP D 480 56.73 -2.54 -15.62
N VAL D 481 55.53 -2.30 -15.07
CA VAL D 481 54.41 -1.88 -15.92
C VAL D 481 54.70 -0.52 -16.56
N LEU D 482 55.17 0.42 -15.74
CA LEU D 482 55.50 1.74 -16.28
C LEU D 482 56.55 1.64 -17.36
N LYS D 483 57.61 0.87 -17.10
CA LYS D 483 58.68 0.74 -18.09
C LYS D 483 58.16 0.15 -19.39
N GLN D 484 57.34 -0.89 -19.32
CA GLN D 484 56.81 -1.49 -20.53
C GLN D 484 55.92 -0.52 -21.31
N LEU D 485 55.04 0.24 -20.61
CA LEU D 485 54.16 1.15 -21.34
C LEU D 485 54.98 2.23 -22.05
N VAL D 486 56.02 2.72 -21.38
CA VAL D 486 56.91 3.72 -21.96
C VAL D 486 57.62 3.17 -23.18
N TRP D 487 58.22 1.98 -23.06
CA TRP D 487 58.88 1.38 -24.22
C TRP D 487 57.88 1.10 -25.33
N ASN D 488 56.66 0.67 -24.98
CA ASN D 488 55.64 0.42 -25.99
C ASN D 488 55.39 1.65 -26.85
N SER D 489 55.37 2.83 -26.23
CA SER D 489 55.03 4.03 -26.99
C SER D 489 56.08 4.35 -28.06
N ILE D 490 57.32 3.89 -27.91
CA ILE D 490 58.30 4.02 -29.00
C ILE D 490 58.23 2.81 -29.92
N GLN D 491 58.10 1.60 -29.35
CA GLN D 491 58.08 0.40 -30.17
C GLN D 491 56.90 0.39 -31.15
N TYR D 492 55.73 0.89 -30.73
CA TYR D 492 54.56 0.91 -31.58
C TYR D 492 54.32 2.26 -32.24
N SER D 493 55.26 3.19 -32.12
CA SER D 493 55.28 4.38 -32.97
C SER D 493 55.49 3.97 -34.41
N SER D 494 55.34 4.95 -35.31
CA SER D 494 55.55 4.70 -36.73
C SER D 494 56.93 5.15 -37.23
N MET D 495 57.90 5.26 -36.32
CA MET D 495 59.26 5.53 -36.75
C MET D 495 59.80 4.39 -37.59
N ASN D 496 60.69 4.71 -38.52
CA ASN D 496 61.35 3.68 -39.30
C ASN D 496 62.43 3.02 -38.45
N ALA D 497 63.12 2.02 -39.04
CA ALA D 497 64.03 1.20 -38.25
C ALA D 497 65.18 2.02 -37.68
N THR D 498 65.78 2.89 -38.50
CA THR D 498 66.87 3.75 -38.05
C THR D 498 66.39 4.73 -36.98
N GLU D 499 65.26 5.39 -37.22
CA GLU D 499 64.71 6.32 -36.23
C GLU D 499 64.44 5.61 -34.92
N LYS D 500 63.84 4.43 -34.98
CA LYS D 500 63.39 3.74 -33.78
C LYS D 500 64.59 3.25 -32.97
N LYS D 501 65.62 2.75 -33.65
CA LYS D 501 66.81 2.34 -32.94
C LYS D 501 67.43 3.51 -32.19
N THR D 502 67.54 4.66 -32.85
CA THR D 502 68.07 5.85 -32.20
C THR D 502 67.19 6.31 -31.03
N ALA D 503 65.87 6.29 -31.23
CA ALA D 503 64.98 6.77 -30.17
C ALA D 503 65.04 5.86 -28.96
N LEU D 504 65.17 4.55 -29.17
CA LEU D 504 65.22 3.62 -28.04
C LEU D 504 66.53 3.76 -27.26
N LYS D 505 67.64 4.05 -27.95
CA LYS D 505 68.89 4.35 -27.24
C LYS D 505 68.73 5.61 -26.41
N LEU D 506 68.08 6.62 -26.98
CA LEU D 506 67.86 7.87 -26.25
C LEU D 506 66.97 7.62 -25.04
N LEU D 507 65.89 6.87 -25.23
CA LEU D 507 64.99 6.55 -24.12
C LEU D 507 65.73 5.80 -23.01
N GLN D 508 66.60 4.85 -23.39
CA GLN D 508 67.35 4.11 -22.37
C GLN D 508 68.21 5.06 -21.56
N ALA D 509 68.89 6.01 -22.22
CA ALA D 509 69.70 6.97 -21.49
C ALA D 509 68.84 7.82 -20.56
N LYS D 510 67.68 8.27 -21.02
CA LYS D 510 66.77 9.04 -20.18
C LYS D 510 66.33 8.21 -18.98
N TRP D 511 66.04 6.93 -19.24
CA TRP D 511 65.57 6.05 -18.18
C TRP D 511 66.63 5.87 -17.11
N ASN D 512 67.88 5.62 -17.51
CA ASN D 512 68.94 5.43 -16.53
C ASN D 512 69.12 6.69 -15.67
N ASN D 513 69.06 7.87 -16.29
CA ASN D 513 69.18 9.10 -15.53
C ASN D 513 68.03 9.25 -14.54
N PHE D 514 66.82 8.90 -14.97
CA PHE D 514 65.64 8.96 -14.11
C PHE D 514 65.76 8.02 -12.92
N ILE D 515 66.27 6.80 -13.14
CA ILE D 515 66.42 5.87 -12.02
C ILE D 515 67.41 6.43 -11.01
N ASN D 516 68.58 6.88 -11.50
CA ASN D 516 69.60 7.38 -10.59
C ASN D 516 69.11 8.63 -9.85
N ASP D 517 68.47 9.56 -10.56
CA ASP D 517 67.96 10.76 -9.93
C ASP D 517 66.90 10.42 -8.88
N SER D 518 66.06 9.44 -9.17
CA SER D 518 64.96 9.07 -8.29
C SER D 518 65.48 8.48 -6.98
N LEU D 519 66.52 7.65 -7.07
CA LEU D 519 67.07 7.06 -5.85
C LEU D 519 67.60 8.14 -4.91
N ILE D 520 68.25 9.17 -5.48
CA ILE D 520 68.73 10.27 -4.66
C ILE D 520 67.56 11.08 -4.10
N LYS D 521 66.61 11.43 -4.97
CA LYS D 521 65.49 12.29 -4.59
C LYS D 521 64.63 11.68 -3.49
N TRP D 522 64.35 10.37 -3.59
CA TRP D 522 63.50 9.72 -2.61
C TRP D 522 64.31 9.03 -1.51
N LYS D 523 65.63 9.27 -1.49
CA LYS D 523 66.50 8.84 -0.39
C LYS D 523 66.48 7.32 -0.26
N LEU D 524 66.62 6.66 -1.41
CA LEU D 524 66.54 5.21 -1.48
C LEU D 524 67.89 4.53 -1.66
N THR D 525 68.97 5.29 -1.86
CA THR D 525 70.29 4.67 -1.91
C THR D 525 70.69 4.24 -0.51
N ASN D 526 71.19 3.02 -0.38
CA ASN D 526 71.57 2.52 0.93
C ASN D 526 73.09 2.52 1.13
#